data_5XIM
#
_entry.id   5XIM
#
_cell.length_a   143.450
_cell.length_b   143.450
_cell.length_c   231.500
_cell.angle_alpha   90.00
_cell.angle_beta   90.00
_cell.angle_gamma   120.00
#
_symmetry.space_group_name_H-M   'P 32 2 1'
#
loop_
_entity.id
_entity.type
_entity.pdbx_description
1 polymer 'D-XYLOSE ISOMERASE'
2 non-polymer sorbitol
3 non-polymer 'MAGNESIUM ION'
4 water water
#
_entity_poly.entity_id   1
_entity_poly.type   'polypeptide(L)'
_entity_poly.pdbx_seq_one_letter_code
;SVQATREDKFSFGLWTVGWQARDAFGDATRTALDPVEAVHKLAEIGAYGITFHDDDLVPFGSDAQTRDGIIAGFKKALDE
TGLIVPMVTTNLFTHPVFKDGGFTSNDRSVRRYAIRKVLRQMDLGAELGAKTLVLWGGREGAEYDSAKDVSAALDRYREA
LNLLAQYSEDRGYGLRFAIEPKPNEPRGDILLPTAGHAIAFVQELERPELFGINPETGHEQMSNLNFTQGIAQALWHKKL
FHIDLNGQHGPKFDQDLVFGHGDLLNAFSLVDLLENGPDGAPAYDGPRHFDYKPSRTEDYDGVWESAKANIRMYLLLKER
AKAFRADPEVQEALAASKVAELKTPTLNPGEGYAELLADRSAFEDYDADAVGAKGFGFVKLNQLAIEHLLGAR
;
_entity_poly.pdbx_strand_id   A,B,C,D
#
loop_
_chem_comp.id
_chem_comp.type
_chem_comp.name
_chem_comp.formula
MG non-polymer 'MAGNESIUM ION' 'Mg 2'
SOR D-saccharide sorbitol 'C6 H14 O6'
#
# COMPACT_ATOMS: atom_id res chain seq x y z
N VAL A 2 -16.71 15.23 28.72
CA VAL A 2 -16.05 14.05 29.32
C VAL A 2 -14.78 14.49 30.07
N GLN A 3 -14.54 13.81 31.18
CA GLN A 3 -13.36 14.07 32.03
C GLN A 3 -12.55 12.79 32.32
N ALA A 4 -11.24 12.98 32.23
CA ALA A 4 -10.21 11.96 32.44
C ALA A 4 -9.87 11.88 33.92
N THR A 5 -9.71 10.66 34.38
CA THR A 5 -9.35 10.33 35.76
C THR A 5 -8.07 9.50 35.70
N ARG A 6 -7.40 9.36 36.81
CA ARG A 6 -6.19 8.54 36.89
C ARG A 6 -6.55 7.10 36.57
N GLU A 7 -7.79 6.72 36.71
CA GLU A 7 -8.28 5.37 36.44
C GLU A 7 -8.44 5.04 34.98
N ASP A 8 -8.26 6.03 34.16
CA ASP A 8 -8.32 6.01 32.70
C ASP A 8 -6.92 5.57 32.25
N LYS A 9 -5.94 5.91 33.08
CA LYS A 9 -4.55 5.58 32.81
C LYS A 9 -4.00 6.05 31.49
N PHE A 10 -4.13 7.31 31.19
CA PHE A 10 -3.61 7.89 29.95
C PHE A 10 -2.14 8.25 30.23
N SER A 11 -1.18 7.83 29.39
CA SER A 11 0.21 8.23 29.62
C SER A 11 0.71 8.84 28.32
N PHE A 12 1.75 9.63 28.38
CA PHE A 12 2.31 10.28 27.20
C PHE A 12 3.81 10.08 27.29
N GLY A 13 4.52 10.00 26.18
CA GLY A 13 5.98 9.83 26.23
C GLY A 13 6.45 11.30 26.22
N LEU A 14 7.56 11.52 26.88
CA LEU A 14 8.14 12.85 26.95
C LEU A 14 8.55 13.27 25.55
N TRP A 15 8.83 12.34 24.68
CA TRP A 15 9.26 12.62 23.28
C TRP A 15 8.08 12.95 22.36
N THR A 16 6.86 12.84 22.89
CA THR A 16 5.68 13.15 22.07
C THR A 16 5.43 14.66 22.07
N VAL A 17 4.87 15.19 23.16
CA VAL A 17 4.62 16.65 23.27
C VAL A 17 5.96 17.37 23.13
N GLY A 18 7.05 16.70 23.34
CA GLY A 18 8.40 17.26 23.28
C GLY A 18 9.04 17.28 21.91
N TRP A 19 8.38 16.67 20.94
CA TRP A 19 8.88 16.60 19.56
C TRP A 19 8.99 18.02 18.99
N GLN A 20 10.21 18.42 18.67
CA GLN A 20 10.50 19.73 18.12
C GLN A 20 10.15 19.90 16.66
N ALA A 21 9.66 18.90 16.02
CA ALA A 21 9.23 18.91 14.63
C ALA A 21 10.28 19.09 13.53
N ARG A 22 11.41 18.43 13.72
CA ARG A 22 12.52 18.41 12.76
C ARG A 22 12.18 17.12 11.99
N ASP A 23 11.70 17.17 10.79
CA ASP A 23 11.34 15.93 10.10
C ASP A 23 12.48 15.67 9.13
N ALA A 24 12.22 14.73 8.24
CA ALA A 24 13.24 14.37 7.25
C ALA A 24 13.55 15.47 6.25
N PHE A 25 12.65 16.41 6.10
CA PHE A 25 12.82 17.47 5.14
C PHE A 25 12.91 18.88 5.70
N GLY A 26 12.99 19.01 7.01
CA GLY A 26 13.11 20.38 7.52
C GLY A 26 13.57 20.39 8.96
N ASP A 27 13.88 21.59 9.36
CA ASP A 27 14.38 21.97 10.67
C ASP A 27 13.23 21.99 11.65
N ALA A 28 13.60 22.01 12.92
CA ALA A 28 12.63 22.06 14.03
C ALA A 28 11.84 23.35 13.96
N THR A 29 10.56 23.29 14.30
CA THR A 29 9.70 24.48 14.27
C THR A 29 9.35 24.89 15.68
N ARG A 30 9.74 24.09 16.65
CA ARG A 30 9.48 24.36 18.06
C ARG A 30 10.77 24.18 18.84
N THR A 31 10.79 24.89 19.95
CA THR A 31 11.92 24.86 20.90
C THR A 31 11.70 23.60 21.76
N ALA A 32 12.77 23.36 22.50
CA ALA A 32 12.85 22.21 23.42
C ALA A 32 11.94 22.38 24.63
N LEU A 33 11.33 21.31 25.05
CA LEU A 33 10.45 21.25 26.21
C LEU A 33 11.25 20.70 27.40
N ASP A 34 11.14 21.42 28.49
CA ASP A 34 11.80 21.09 29.77
C ASP A 34 10.94 19.95 30.36
N PRO A 35 11.61 18.87 30.76
CA PRO A 35 10.96 17.70 31.32
C PRO A 35 10.05 18.02 32.50
N VAL A 36 10.56 18.95 33.30
CA VAL A 36 9.79 19.38 34.49
C VAL A 36 8.51 20.07 34.05
N GLU A 37 8.54 20.93 33.07
CA GLU A 37 7.36 21.61 32.56
C GLU A 37 6.41 20.59 31.93
N ALA A 38 6.98 19.66 31.18
CA ALA A 38 6.20 18.58 30.56
C ALA A 38 5.39 17.88 31.66
N VAL A 39 6.03 17.51 32.76
CA VAL A 39 5.37 16.84 33.88
C VAL A 39 4.18 17.65 34.45
N HIS A 40 4.40 18.95 34.63
CA HIS A 40 3.35 19.82 35.16
C HIS A 40 2.22 19.97 34.16
N LYS A 41 2.50 20.17 32.88
CA LYS A 41 1.48 20.30 31.83
C LYS A 41 0.63 19.08 31.63
N LEU A 42 1.32 17.93 31.65
CA LEU A 42 0.60 16.66 31.46
C LEU A 42 -0.31 16.34 32.63
N ALA A 43 0.18 16.67 33.81
CA ALA A 43 -0.56 16.39 35.05
C ALA A 43 -1.86 17.16 34.93
N GLU A 44 -1.64 18.36 34.45
CA GLU A 44 -2.71 19.34 34.25
C GLU A 44 -3.74 18.89 33.24
N ILE A 45 -3.33 18.34 32.09
CA ILE A 45 -4.37 17.93 31.14
C ILE A 45 -5.01 16.62 31.56
N GLY A 46 -4.67 15.92 32.63
CA GLY A 46 -5.30 14.69 33.05
C GLY A 46 -4.59 13.33 32.96
N ALA A 47 -3.32 13.38 32.52
CA ALA A 47 -2.54 12.14 32.40
C ALA A 47 -2.21 11.57 33.76
N TYR A 48 -2.05 10.27 33.86
CA TYR A 48 -1.68 9.65 35.15
C TYR A 48 -0.21 9.27 35.17
N GLY A 49 0.47 9.20 34.04
CA GLY A 49 1.89 8.81 34.02
C GLY A 49 2.60 9.38 32.81
N ILE A 50 3.90 9.37 32.85
CA ILE A 50 4.81 9.80 31.80
C ILE A 50 5.82 8.69 31.56
N THR A 51 6.32 8.58 30.35
CA THR A 51 7.33 7.59 29.95
C THR A 51 8.44 8.36 29.25
N PHE A 52 9.60 7.77 29.07
CA PHE A 52 10.72 8.48 28.41
C PHE A 52 11.76 7.43 28.01
N HIS A 53 12.58 7.89 27.09
CA HIS A 53 13.73 7.16 26.56
C HIS A 53 14.87 7.71 27.45
N ASP A 54 15.86 6.95 27.81
CA ASP A 54 16.97 7.48 28.60
C ASP A 54 17.44 8.84 28.02
N ASP A 55 17.71 8.94 26.73
CA ASP A 55 18.22 10.16 26.11
C ASP A 55 17.24 11.30 26.00
N ASP A 56 15.98 11.08 26.34
CA ASP A 56 14.97 12.13 26.28
C ASP A 56 15.17 12.96 27.56
N LEU A 57 15.43 12.35 28.69
CA LEU A 57 15.62 13.00 29.99
C LEU A 57 17.07 13.42 30.27
N VAL A 58 18.03 12.54 30.02
CA VAL A 58 19.42 12.92 30.25
C VAL A 58 20.11 12.89 28.91
N PRO A 59 20.57 14.04 28.47
CA PRO A 59 21.28 14.17 27.17
C PRO A 59 22.36 13.14 26.98
N PHE A 60 22.34 12.46 25.84
CA PHE A 60 23.39 11.45 25.57
C PHE A 60 24.72 12.07 26.03
N GLY A 61 25.53 11.37 26.80
CA GLY A 61 26.84 11.87 27.24
C GLY A 61 26.97 12.84 28.40
N SER A 62 25.99 12.98 29.25
CA SER A 62 26.02 13.86 30.40
C SER A 62 26.90 13.13 31.43
N ASP A 63 27.62 13.90 32.22
CA ASP A 63 28.45 13.29 33.29
C ASP A 63 27.42 12.82 34.35
N ALA A 64 27.95 12.11 35.33
CA ALA A 64 27.07 11.62 36.40
C ALA A 64 26.55 12.77 37.25
N GLN A 65 27.34 13.83 37.34
CA GLN A 65 26.91 14.99 38.15
C GLN A 65 25.65 15.56 37.45
N THR A 66 25.75 15.84 36.17
CA THR A 66 24.60 16.38 35.42
C THR A 66 23.39 15.43 35.46
N ARG A 67 23.75 14.21 35.11
CA ARG A 67 22.79 13.11 35.02
C ARG A 67 22.01 13.05 36.31
N ASP A 68 22.73 12.98 37.40
CA ASP A 68 22.14 12.90 38.74
C ASP A 68 21.22 14.04 39.14
N GLY A 69 21.66 15.20 38.70
CA GLY A 69 20.92 16.44 38.98
C GLY A 69 19.56 16.41 38.28
N ILE A 70 19.60 16.06 36.99
CA ILE A 70 18.40 15.93 36.16
C ILE A 70 17.44 14.92 36.78
N ILE A 71 17.94 13.76 37.15
CA ILE A 71 17.04 12.77 37.75
C ILE A 71 16.35 13.29 39.00
N ALA A 72 17.09 13.98 39.85
CA ALA A 72 16.56 14.57 41.10
C ALA A 72 15.37 15.51 40.94
N GLY A 73 15.45 16.44 40.01
CA GLY A 73 14.43 17.43 39.67
C GLY A 73 13.21 16.74 39.05
N PHE A 74 13.53 15.82 38.14
CA PHE A 74 12.44 15.07 37.48
C PHE A 74 11.62 14.39 38.59
N LYS A 75 12.37 13.77 39.46
CA LYS A 75 11.80 13.05 40.60
C LYS A 75 10.95 13.96 41.46
N LYS A 76 11.34 15.19 41.70
CA LYS A 76 10.56 16.13 42.50
C LYS A 76 9.24 16.45 41.81
N ALA A 77 9.38 16.73 40.52
CA ALA A 77 8.24 17.07 39.68
C ALA A 77 7.18 15.99 39.77
N LEU A 78 7.54 14.72 39.71
CA LEU A 78 6.53 13.66 39.77
C LEU A 78 5.84 13.60 41.13
N ASP A 79 6.70 13.92 42.07
CA ASP A 79 6.38 13.97 43.48
C ASP A 79 5.26 14.93 43.78
N GLU A 80 5.50 16.15 43.36
CA GLU A 80 4.59 17.26 43.50
C GLU A 80 3.30 17.07 42.73
N THR A 81 3.38 16.50 41.54
CA THR A 81 2.22 16.26 40.67
C THR A 81 1.44 14.97 40.86
N GLY A 82 2.05 13.93 41.40
CA GLY A 82 1.36 12.65 41.58
C GLY A 82 1.43 11.74 40.35
N LEU A 83 2.20 12.11 39.34
CA LEU A 83 2.35 11.33 38.13
C LEU A 83 3.32 10.19 38.48
N ILE A 84 3.09 9.09 37.80
CA ILE A 84 3.94 7.90 37.91
C ILE A 84 4.61 7.64 36.53
N VAL A 85 5.58 6.76 36.53
CA VAL A 85 6.35 6.38 35.35
C VAL A 85 6.03 4.89 35.20
N PRO A 86 5.03 4.59 34.40
CA PRO A 86 4.65 3.19 34.22
C PRO A 86 5.63 2.48 33.32
N MET A 87 6.35 3.17 32.46
CA MET A 87 7.24 2.41 31.57
C MET A 87 8.43 3.30 31.25
N VAL A 88 9.52 2.67 30.89
CA VAL A 88 10.72 3.40 30.44
C VAL A 88 11.21 2.62 29.21
N THR A 89 12.01 3.27 28.41
CA THR A 89 12.58 2.67 27.18
C THR A 89 13.98 3.21 26.96
N THR A 90 14.71 2.61 26.05
CA THR A 90 16.08 3.09 25.77
C THR A 90 16.21 3.53 24.33
N ASN A 91 16.97 4.58 24.06
CA ASN A 91 17.17 5.02 22.65
C ASN A 91 18.32 4.24 22.02
N LEU A 92 17.99 3.26 21.20
CA LEU A 92 18.90 2.42 20.44
C LEU A 92 18.76 2.69 18.93
N PHE A 93 18.44 3.91 18.51
CA PHE A 93 18.26 4.30 17.13
C PHE A 93 18.85 5.63 16.71
N THR A 94 18.95 6.64 17.56
CA THR A 94 19.45 7.94 17.19
C THR A 94 20.93 8.10 16.90
N HIS A 95 21.75 7.70 17.84
CA HIS A 95 23.20 7.86 17.63
C HIS A 95 23.70 7.04 16.45
N PRO A 96 24.61 7.65 15.67
CA PRO A 96 25.22 7.01 14.50
C PRO A 96 25.74 5.62 14.78
N VAL A 97 26.16 5.35 16.01
CA VAL A 97 26.74 4.02 16.28
C VAL A 97 25.70 2.94 16.02
N PHE A 98 24.45 3.30 16.20
CA PHE A 98 23.36 2.32 15.99
C PHE A 98 22.82 2.30 14.57
N LYS A 99 23.55 2.79 13.60
CA LYS A 99 23.12 2.85 12.20
C LYS A 99 22.75 1.48 11.65
N ASP A 100 23.25 0.38 12.15
CA ASP A 100 22.86 -0.96 11.65
C ASP A 100 22.15 -1.75 12.78
N GLY A 101 21.74 -1.07 13.84
CA GLY A 101 21.03 -1.67 14.94
C GLY A 101 21.78 -1.62 16.27
N GLY A 102 21.07 -2.06 17.32
CA GLY A 102 21.65 -2.12 18.66
C GLY A 102 22.14 -3.57 18.87
N PHE A 103 21.16 -4.33 19.32
CA PHE A 103 21.23 -5.74 19.63
C PHE A 103 21.64 -6.60 18.43
N THR A 104 21.28 -6.16 17.22
CA THR A 104 21.58 -6.94 16.03
C THR A 104 22.53 -6.24 15.08
N SER A 105 23.31 -5.29 15.50
CA SER A 105 24.30 -4.68 14.64
C SER A 105 25.27 -5.79 14.22
N ASN A 106 25.79 -5.75 13.01
CA ASN A 106 26.74 -6.75 12.50
C ASN A 106 28.02 -6.55 13.31
N ASP A 107 28.27 -5.39 13.83
CA ASP A 107 29.47 -5.06 14.64
C ASP A 107 29.23 -5.56 16.07
N ARG A 108 30.07 -6.48 16.46
CA ARG A 108 29.97 -7.09 17.78
C ARG A 108 30.07 -6.10 18.93
N SER A 109 30.91 -5.10 18.82
CA SER A 109 31.18 -4.10 19.85
C SER A 109 29.91 -3.26 20.08
N VAL A 110 29.19 -3.02 18.99
CA VAL A 110 27.95 -2.25 19.09
C VAL A 110 26.94 -3.09 19.89
N ARG A 111 26.95 -4.40 19.62
CA ARG A 111 25.98 -5.23 20.35
C ARG A 111 26.23 -5.20 21.83
N ARG A 112 27.46 -5.25 22.32
CA ARG A 112 27.81 -5.23 23.76
C ARG A 112 27.44 -3.86 24.34
N TYR A 113 27.79 -2.81 23.62
CA TYR A 113 27.42 -1.46 24.03
C TYR A 113 25.90 -1.28 24.19
N ALA A 114 25.10 -1.76 23.22
CA ALA A 114 23.65 -1.62 23.28
C ALA A 114 23.09 -2.29 24.52
N ILE A 115 23.59 -3.43 24.93
CA ILE A 115 23.11 -4.14 26.14
C ILE A 115 23.38 -3.29 27.39
N ARG A 116 24.57 -2.72 27.50
CA ARG A 116 25.00 -1.90 28.61
C ARG A 116 24.07 -0.71 28.72
N LYS A 117 23.84 -0.03 27.60
CA LYS A 117 22.97 1.17 27.57
C LYS A 117 21.61 0.80 28.18
N VAL A 118 21.10 -0.36 27.83
CA VAL A 118 19.80 -0.84 28.31
C VAL A 118 19.86 -1.22 29.78
N LEU A 119 20.86 -1.93 30.23
CA LEU A 119 20.94 -2.34 31.66
C LEU A 119 20.85 -1.09 32.55
N ARG A 120 21.58 -0.07 32.11
CA ARG A 120 21.58 1.19 32.87
C ARG A 120 20.18 1.78 32.96
N GLN A 121 19.44 1.82 31.86
CA GLN A 121 18.10 2.37 31.81
C GLN A 121 17.19 1.53 32.67
N MET A 122 17.40 0.25 32.75
CA MET A 122 16.65 -0.69 33.60
C MET A 122 16.83 -0.28 35.08
N ASP A 123 18.04 0.15 35.43
CA ASP A 123 18.36 0.61 36.79
C ASP A 123 17.49 1.81 37.17
N LEU A 124 17.44 2.81 36.34
CA LEU A 124 16.69 4.04 36.55
C LEU A 124 15.21 3.69 36.57
N GLY A 125 14.79 2.86 35.63
CA GLY A 125 13.38 2.45 35.54
C GLY A 125 12.90 1.91 36.88
N ALA A 126 13.68 1.00 37.43
CA ALA A 126 13.45 0.29 38.70
C ALA A 126 13.40 1.31 39.84
N GLU A 127 14.27 2.27 39.91
CA GLU A 127 14.27 3.32 40.92
C GLU A 127 13.05 4.22 40.84
N LEU A 128 12.53 4.53 39.67
CA LEU A 128 11.33 5.34 39.46
C LEU A 128 10.05 4.50 39.57
N GLY A 129 10.04 3.22 39.74
CA GLY A 129 8.92 2.34 39.89
C GLY A 129 8.24 1.80 38.66
N ALA A 130 8.89 1.94 37.52
CA ALA A 130 8.39 1.49 36.21
C ALA A 130 8.23 -0.01 36.29
N LYS A 131 7.23 -0.53 35.65
CA LYS A 131 6.90 -1.95 35.61
C LYS A 131 7.15 -2.59 34.23
N THR A 132 7.20 -1.79 33.19
CA THR A 132 7.43 -2.36 31.87
C THR A 132 8.62 -1.74 31.18
N LEU A 133 9.44 -2.51 30.52
CA LEU A 133 10.57 -1.98 29.73
C LEU A 133 10.07 -2.23 28.29
N VAL A 134 9.98 -1.18 27.51
CA VAL A 134 9.55 -1.32 26.09
C VAL A 134 10.85 -1.28 25.26
N LEU A 135 10.92 -2.17 24.27
CA LEU A 135 12.11 -2.28 23.41
C LEU A 135 11.65 -2.04 21.98
N TRP A 136 12.00 -0.92 21.40
CA TRP A 136 11.61 -0.67 20.00
C TRP A 136 12.91 -0.85 19.19
N GLY A 137 13.00 -1.94 18.41
CA GLY A 137 14.22 -2.17 17.63
C GLY A 137 14.18 -1.47 16.28
N GLY A 138 14.12 -0.14 16.29
CA GLY A 138 14.00 0.64 15.07
C GLY A 138 15.09 0.49 14.05
N ARG A 139 16.28 0.15 14.48
CA ARG A 139 17.43 0.05 13.54
C ARG A 139 17.73 -1.41 13.30
N GLU A 140 16.94 -2.35 13.84
CA GLU A 140 17.25 -3.77 13.60
C GLU A 140 16.58 -4.17 12.28
N GLY A 141 17.40 -4.48 11.28
CA GLY A 141 16.77 -4.84 9.97
C GLY A 141 17.80 -4.55 8.89
N ALA A 142 17.32 -4.14 7.74
CA ALA A 142 18.18 -3.86 6.60
C ALA A 142 17.52 -3.14 5.45
N GLU A 143 18.37 -2.67 4.55
CA GLU A 143 17.92 -2.01 3.32
C GLU A 143 18.14 -2.99 2.17
N TYR A 144 19.05 -3.94 2.29
CA TYR A 144 19.41 -4.90 1.25
C TYR A 144 19.41 -6.31 1.79
N ASP A 145 18.86 -7.28 1.07
CA ASP A 145 18.77 -8.66 1.55
C ASP A 145 20.08 -9.31 1.92
N SER A 146 21.16 -9.17 1.18
CA SER A 146 22.42 -9.85 1.52
C SER A 146 23.19 -9.26 2.67
N ALA A 147 22.80 -8.12 3.21
CA ALA A 147 23.46 -7.45 4.30
C ALA A 147 23.20 -7.96 5.70
N LYS A 148 22.12 -8.70 5.86
CA LYS A 148 21.71 -9.16 7.18
C LYS A 148 21.28 -10.61 7.19
N ASP A 149 21.93 -11.37 8.05
CA ASP A 149 21.59 -12.79 8.21
C ASP A 149 20.49 -12.77 9.29
N VAL A 150 19.27 -12.92 8.85
CA VAL A 150 18.11 -12.87 9.75
C VAL A 150 18.16 -13.89 10.85
N SER A 151 18.58 -15.09 10.55
CA SER A 151 18.68 -16.17 11.54
C SER A 151 19.67 -15.78 12.63
N ALA A 152 20.86 -15.33 12.24
CA ALA A 152 21.89 -14.94 13.23
C ALA A 152 21.31 -13.77 14.00
N ALA A 153 20.63 -12.89 13.28
CA ALA A 153 20.04 -11.69 13.87
C ALA A 153 19.10 -12.06 15.02
N LEU A 154 18.24 -13.02 14.77
CA LEU A 154 17.24 -13.48 15.74
C LEU A 154 17.93 -14.13 16.92
N ASP A 155 19.02 -14.84 16.71
CA ASP A 155 19.84 -15.46 17.73
C ASP A 155 20.41 -14.37 18.64
N ARG A 156 20.94 -13.31 18.05
CA ARG A 156 21.50 -12.23 18.86
C ARG A 156 20.46 -11.39 19.57
N TYR A 157 19.26 -11.25 19.09
CA TYR A 157 18.16 -10.47 19.67
C TYR A 157 17.77 -11.23 20.92
N ARG A 158 17.68 -12.53 20.78
CA ARG A 158 17.31 -13.49 21.83
C ARG A 158 18.38 -13.52 22.93
N GLU A 159 19.61 -13.61 22.49
CA GLU A 159 20.74 -13.64 23.42
C GLU A 159 20.70 -12.45 24.36
N ALA A 160 20.50 -11.24 23.83
CA ALA A 160 20.46 -9.99 24.55
C ALA A 160 19.25 -9.94 25.47
N LEU A 161 18.11 -10.33 24.93
CA LEU A 161 16.88 -10.31 25.75
C LEU A 161 16.98 -11.27 26.93
N ASN A 162 17.53 -12.44 26.70
CA ASN A 162 17.64 -13.47 27.78
C ASN A 162 18.48 -12.95 28.96
N LEU A 163 19.53 -12.17 28.65
CA LEU A 163 20.40 -11.59 29.64
C LEU A 163 19.63 -10.54 30.46
N LEU A 164 18.85 -9.74 29.76
CA LEU A 164 18.05 -8.68 30.38
C LEU A 164 17.07 -9.24 31.41
N ALA A 165 16.39 -10.32 31.10
CA ALA A 165 15.43 -10.96 32.03
C ALA A 165 16.18 -11.56 33.22
N GLN A 166 17.35 -12.11 32.98
CA GLN A 166 18.22 -12.72 33.98
C GLN A 166 18.54 -11.65 35.01
N TYR A 167 19.06 -10.54 34.54
CA TYR A 167 19.40 -9.42 35.43
C TYR A 167 18.24 -8.89 36.25
N SER A 168 17.12 -8.61 35.60
CA SER A 168 15.91 -8.08 36.22
C SER A 168 15.44 -9.04 37.32
N GLU A 169 15.40 -10.30 36.97
CA GLU A 169 14.96 -11.35 37.88
C GLU A 169 15.90 -11.44 39.05
N ASP A 170 17.18 -11.37 38.80
CA ASP A 170 18.18 -11.46 39.85
C ASP A 170 18.18 -10.19 40.70
N ARG A 171 18.05 -9.01 40.16
CA ARG A 171 18.07 -7.81 40.97
C ARG A 171 16.70 -7.62 41.58
N GLY A 172 15.78 -8.47 41.24
CA GLY A 172 14.40 -8.44 41.71
C GLY A 172 13.63 -7.21 41.24
N TYR A 173 13.82 -6.66 40.04
CA TYR A 173 13.11 -5.51 39.54
C TYR A 173 11.65 -5.81 39.18
N GLY A 174 11.32 -7.07 38.96
CA GLY A 174 9.96 -7.44 38.57
C GLY A 174 9.49 -6.73 37.28
N LEU A 175 10.35 -6.43 36.31
CA LEU A 175 9.90 -5.77 35.08
C LEU A 175 9.27 -6.78 34.13
N ARG A 176 8.48 -6.27 33.20
CA ARG A 176 7.87 -7.08 32.14
C ARG A 176 8.51 -6.43 30.89
N PHE A 177 8.77 -7.25 29.88
CA PHE A 177 9.37 -6.73 28.64
C PHE A 177 8.33 -6.71 27.51
N ALA A 178 8.30 -5.58 26.84
CA ALA A 178 7.37 -5.43 25.71
C ALA A 178 8.12 -5.05 24.44
N ILE A 179 8.15 -5.95 23.47
CA ILE A 179 8.77 -5.80 22.16
C ILE A 179 7.80 -5.00 21.27
N GLU A 180 8.30 -3.96 20.64
CA GLU A 180 7.39 -3.16 19.77
C GLU A 180 7.71 -3.38 18.30
N PRO A 181 6.74 -4.00 17.62
CA PRO A 181 6.83 -4.29 16.20
C PRO A 181 6.60 -3.06 15.32
N LYS A 182 7.31 -2.99 14.22
CA LYS A 182 7.24 -1.91 13.21
C LYS A 182 7.74 -2.52 11.90
N PRO A 183 7.04 -2.31 10.79
CA PRO A 183 7.42 -2.90 9.52
C PRO A 183 8.61 -2.30 8.82
N ASN A 184 8.68 -0.96 8.94
CA ASN A 184 9.78 -0.24 8.27
C ASN A 184 9.87 1.17 8.85
N GLU A 185 10.90 1.90 8.49
CA GLU A 185 11.11 3.29 8.92
C GLU A 185 11.61 3.30 10.36
N PRO A 186 12.90 3.56 10.58
CA PRO A 186 13.88 3.91 9.56
C PRO A 186 14.62 2.93 8.71
N ARG A 187 14.64 1.65 8.92
CA ARG A 187 15.34 0.68 8.07
C ARG A 187 14.39 0.38 6.90
N GLY A 188 14.91 -0.15 5.79
CA GLY A 188 14.07 -0.49 4.65
C GLY A 188 13.00 -1.47 5.14
N ASP A 189 13.44 -2.43 5.94
CA ASP A 189 12.58 -3.47 6.52
C ASP A 189 13.15 -3.73 7.92
N ILE A 190 12.32 -3.73 8.92
CA ILE A 190 12.70 -3.95 10.33
C ILE A 190 12.42 -5.39 10.74
N LEU A 191 13.22 -6.03 11.59
CA LEU A 191 13.03 -7.40 12.05
C LEU A 191 11.79 -7.40 12.94
N LEU A 192 11.02 -8.44 12.86
CA LEU A 192 9.78 -8.57 13.62
C LEU A 192 8.84 -7.44 13.16
N PRO A 193 8.42 -7.50 11.90
CA PRO A 193 7.57 -6.48 11.30
C PRO A 193 6.17 -6.29 11.81
N THR A 194 5.48 -7.21 12.43
CA THR A 194 4.10 -7.09 12.88
C THR A 194 3.87 -7.66 14.27
N ALA A 195 2.68 -7.47 14.86
CA ALA A 195 2.35 -7.99 16.19
C ALA A 195 2.54 -9.50 16.12
N GLY A 196 2.13 -10.15 15.05
CA GLY A 196 2.27 -11.59 14.89
C GLY A 196 3.74 -12.03 14.94
N HIS A 197 4.65 -11.42 14.18
CA HIS A 197 6.07 -11.84 14.20
C HIS A 197 6.66 -11.63 15.57
N ALA A 198 6.35 -10.53 16.26
CA ALA A 198 6.85 -10.21 17.60
C ALA A 198 6.38 -11.29 18.58
N ILE A 199 5.10 -11.68 18.57
CA ILE A 199 4.56 -12.70 19.44
C ILE A 199 5.30 -14.02 19.18
N ALA A 200 5.38 -14.45 17.93
CA ALA A 200 6.05 -15.73 17.66
C ALA A 200 7.47 -15.73 18.22
N PHE A 201 8.22 -14.68 18.04
CA PHE A 201 9.60 -14.57 18.52
C PHE A 201 9.71 -14.71 20.01
N VAL A 202 8.94 -14.01 20.78
CA VAL A 202 8.90 -14.01 22.27
C VAL A 202 8.70 -15.39 22.87
N GLN A 203 7.94 -16.22 22.17
CA GLN A 203 7.58 -17.60 22.54
C GLN A 203 8.85 -18.42 22.55
N GLU A 204 9.92 -17.98 21.97
CA GLU A 204 11.20 -18.70 21.89
C GLU A 204 12.23 -18.27 22.94
N LEU A 205 11.95 -17.29 23.76
CA LEU A 205 12.91 -16.78 24.73
C LEU A 205 13.03 -17.76 25.90
N GLU A 206 13.94 -17.53 26.83
CA GLU A 206 14.12 -18.44 27.98
C GLU A 206 12.97 -18.35 28.97
N ARG A 207 12.55 -17.17 29.36
CA ARG A 207 11.44 -16.97 30.28
C ARG A 207 10.37 -16.17 29.55
N PRO A 208 9.67 -16.84 28.67
CA PRO A 208 8.65 -16.24 27.81
C PRO A 208 7.54 -15.52 28.53
N GLU A 209 7.30 -15.94 29.74
CA GLU A 209 6.24 -15.36 30.58
C GLU A 209 6.59 -13.94 30.97
N LEU A 210 7.86 -13.57 30.88
CA LEU A 210 8.19 -12.18 31.23
C LEU A 210 8.07 -11.30 30.00
N PHE A 211 7.80 -11.81 28.82
CA PHE A 211 7.73 -11.06 27.56
C PHE A 211 6.40 -10.99 26.85
N GLY A 212 6.13 -9.81 26.32
CA GLY A 212 4.88 -9.58 25.54
C GLY A 212 5.23 -8.56 24.45
N ILE A 213 4.22 -7.94 23.87
CA ILE A 213 4.41 -6.91 22.83
C ILE A 213 3.73 -5.60 23.23
N ASN A 214 4.13 -4.52 22.58
CA ASN A 214 3.64 -3.15 22.74
C ASN A 214 3.33 -2.73 21.29
N PRO A 215 2.18 -3.11 20.76
CA PRO A 215 1.85 -2.81 19.37
C PRO A 215 1.45 -1.35 19.25
N GLU A 216 1.67 -0.70 18.13
CA GLU A 216 1.30 0.70 17.95
C GLU A 216 0.31 0.76 16.79
N THR A 217 -0.76 1.51 16.94
CA THR A 217 -1.80 1.68 15.89
C THR A 217 -1.22 1.93 14.50
N GLY A 218 -0.50 2.99 14.28
CA GLY A 218 0.10 3.29 13.01
C GLY A 218 1.05 2.23 12.49
N HIS A 219 1.74 1.53 13.36
CA HIS A 219 2.70 0.51 12.92
C HIS A 219 1.97 -0.57 12.15
N GLU A 220 0.89 -1.15 12.65
CA GLU A 220 0.16 -2.17 11.91
C GLU A 220 -0.52 -1.57 10.70
N GLN A 221 -0.94 -0.34 10.73
CA GLN A 221 -1.63 0.30 9.61
C GLN A 221 -0.67 0.60 8.49
N MET A 222 0.61 0.68 8.75
CA MET A 222 1.62 0.95 7.72
C MET A 222 1.69 -0.19 6.72
N SER A 223 1.20 -1.35 7.11
CA SER A 223 1.15 -2.57 6.28
C SER A 223 -0.31 -2.83 5.87
N ASN A 224 -1.15 -1.86 6.14
CA ASN A 224 -2.58 -1.96 5.89
C ASN A 224 -3.21 -3.14 6.62
N LEU A 225 -2.77 -3.50 7.82
CA LEU A 225 -3.38 -4.58 8.60
C LEU A 225 -4.50 -4.02 9.47
N ASN A 226 -5.34 -4.89 10.00
CA ASN A 226 -6.46 -4.43 10.84
C ASN A 226 -5.89 -4.41 12.27
N PHE A 227 -5.73 -3.20 12.80
CA PHE A 227 -5.17 -3.07 14.15
C PHE A 227 -6.07 -3.77 15.15
N THR A 228 -7.35 -3.48 15.29
CA THR A 228 -8.26 -4.15 16.21
C THR A 228 -8.15 -5.66 16.14
N GLN A 229 -8.22 -6.24 14.95
CA GLN A 229 -8.09 -7.72 14.85
C GLN A 229 -6.76 -8.20 15.41
N GLY A 230 -5.68 -7.51 15.13
CA GLY A 230 -4.34 -7.80 15.63
C GLY A 230 -4.24 -7.79 17.15
N ILE A 231 -4.86 -6.85 17.83
CA ILE A 231 -4.93 -6.65 19.28
C ILE A 231 -5.76 -7.81 19.85
N ALA A 232 -6.81 -8.16 19.15
CA ALA A 232 -7.67 -9.26 19.59
C ALA A 232 -6.84 -10.52 19.70
N GLN A 233 -5.96 -10.75 18.75
CA GLN A 233 -5.09 -11.94 18.75
C GLN A 233 -4.06 -11.76 19.88
N ALA A 234 -3.52 -10.56 20.08
CA ALA A 234 -2.54 -10.35 21.16
C ALA A 234 -3.23 -10.67 22.48
N LEU A 235 -4.48 -10.25 22.64
CA LEU A 235 -5.26 -10.53 23.84
C LEU A 235 -5.47 -12.03 23.99
N TRP A 236 -5.82 -12.74 22.94
CA TRP A 236 -6.04 -14.20 22.98
C TRP A 236 -4.82 -14.93 23.50
N HIS A 237 -3.63 -14.45 23.16
CA HIS A 237 -2.34 -14.99 23.56
C HIS A 237 -1.91 -14.48 24.94
N LYS A 238 -2.57 -13.41 25.36
CA LYS A 238 -2.24 -12.80 26.67
C LYS A 238 -0.90 -12.14 26.60
N LYS A 239 -0.58 -11.56 25.48
CA LYS A 239 0.74 -10.89 25.34
C LYS A 239 0.52 -9.41 25.16
N LEU A 240 -0.63 -8.84 25.46
CA LEU A 240 -0.78 -7.40 25.29
C LEU A 240 -0.21 -6.77 26.56
N PHE A 241 1.09 -6.48 26.62
CA PHE A 241 1.67 -5.90 27.85
C PHE A 241 1.58 -4.40 27.96
N HIS A 242 1.40 -3.69 26.89
CA HIS A 242 1.31 -2.21 26.79
C HIS A 242 0.73 -1.83 25.42
N ILE A 243 0.38 -0.57 25.23
CA ILE A 243 -0.13 -0.29 23.87
C ILE A 243 0.18 1.12 23.48
N ASP A 244 0.52 1.37 22.25
CA ASP A 244 0.81 2.75 21.81
C ASP A 244 -0.34 3.14 20.89
N LEU A 245 -1.11 4.14 21.22
CA LEU A 245 -2.25 4.62 20.43
C LEU A 245 -1.91 5.89 19.67
N ASN A 246 -2.28 5.95 18.41
CA ASN A 246 -2.01 7.11 17.54
C ASN A 246 -2.83 6.86 16.26
N GLY A 247 -2.65 7.74 15.29
CA GLY A 247 -3.38 7.69 14.03
C GLY A 247 -2.46 7.64 12.84
N GLN A 248 -2.96 6.98 11.79
CA GLN A 248 -2.13 6.84 10.54
C GLN A 248 -3.07 6.73 9.35
N HIS A 249 -2.68 7.10 8.17
CA HIS A 249 -3.53 6.93 6.97
C HIS A 249 -2.90 5.90 6.03
N GLY A 250 -2.94 4.62 6.35
CA GLY A 250 -2.41 3.49 5.60
C GLY A 250 -0.94 3.47 5.37
N PRO A 251 -0.51 2.78 4.31
CA PRO A 251 0.89 2.61 4.00
C PRO A 251 1.61 3.83 3.48
N LYS A 252 2.28 4.60 4.31
CA LYS A 252 3.04 5.80 3.95
C LYS A 252 3.97 5.96 5.16
N PHE A 253 4.71 7.05 5.25
CA PHE A 253 5.63 7.26 6.37
C PHE A 253 4.75 7.22 7.62
N ASP A 254 5.38 7.04 8.75
CA ASP A 254 4.84 6.97 10.11
C ASP A 254 4.33 8.38 10.40
N GLN A 255 3.03 8.58 10.46
CA GLN A 255 2.40 9.89 10.67
C GLN A 255 2.31 10.37 12.11
N ASP A 256 2.03 9.46 12.99
CA ASP A 256 1.89 9.65 14.43
C ASP A 256 0.85 10.73 14.77
N LEU A 257 -0.29 10.67 14.12
CA LEU A 257 -1.37 11.62 14.37
C LEU A 257 -2.01 11.27 15.73
N VAL A 258 -2.85 12.20 16.17
CA VAL A 258 -3.60 12.04 17.42
C VAL A 258 -4.41 10.76 17.19
N PHE A 259 -4.65 10.04 18.26
CA PHE A 259 -5.43 8.80 18.27
C PHE A 259 -6.82 9.08 17.71
N GLY A 260 -7.24 8.36 16.69
CA GLY A 260 -8.57 8.53 16.11
C GLY A 260 -8.58 9.51 14.95
N HIS A 261 -7.46 10.17 14.66
CA HIS A 261 -7.44 11.11 13.55
C HIS A 261 -7.04 10.42 12.23
N GLY A 262 -6.79 9.13 12.27
CA GLY A 262 -6.40 8.31 11.13
C GLY A 262 -7.59 7.48 10.62
N ASP A 263 -7.58 6.21 10.97
CA ASP A 263 -8.67 5.30 10.58
C ASP A 263 -9.63 5.43 11.77
N LEU A 264 -10.65 6.27 11.63
CA LEU A 264 -11.60 6.48 12.75
C LEU A 264 -12.46 5.27 13.08
N LEU A 265 -12.91 4.50 12.09
CA LEU A 265 -13.75 3.32 12.28
C LEU A 265 -13.02 2.26 13.10
N ASN A 266 -11.75 2.04 12.88
CA ASN A 266 -10.88 1.09 13.57
C ASN A 266 -10.57 1.56 14.99
N ALA A 267 -10.51 2.89 15.16
CA ALA A 267 -10.24 3.49 16.47
C ALA A 267 -11.46 3.16 17.32
N PHE A 268 -12.63 3.19 16.75
CA PHE A 268 -13.91 2.88 17.41
C PHE A 268 -13.97 1.42 17.83
N SER A 269 -13.72 0.48 16.94
CA SER A 269 -13.74 -0.95 17.21
C SER A 269 -12.64 -1.28 18.21
N LEU A 270 -11.54 -0.55 18.24
CA LEU A 270 -10.47 -0.82 19.20
C LEU A 270 -10.94 -0.43 20.60
N VAL A 271 -11.47 0.78 20.80
CA VAL A 271 -11.92 1.17 22.14
C VAL A 271 -12.93 0.15 22.67
N ASP A 272 -13.85 -0.21 21.81
CA ASP A 272 -14.87 -1.21 22.13
C ASP A 272 -14.19 -2.50 22.62
N LEU A 273 -13.19 -3.03 21.95
CA LEU A 273 -12.44 -4.24 22.30
C LEU A 273 -11.77 -4.04 23.65
N LEU A 274 -11.00 -2.98 23.86
CA LEU A 274 -10.32 -2.82 25.14
C LEU A 274 -11.28 -2.59 26.29
N GLU A 275 -12.34 -1.85 26.06
CA GLU A 275 -13.25 -1.50 27.15
C GLU A 275 -14.41 -2.39 27.46
N ASN A 276 -15.07 -2.91 26.48
CA ASN A 276 -16.23 -3.79 26.67
C ASN A 276 -15.71 -5.22 26.66
N GLY A 277 -14.95 -5.46 27.70
CA GLY A 277 -14.37 -6.81 27.90
C GLY A 277 -15.48 -7.64 28.59
N PRO A 278 -15.11 -8.89 28.83
CA PRO A 278 -15.97 -9.88 29.49
C PRO A 278 -16.33 -9.44 30.92
N ASP A 279 -17.65 -9.48 31.05
CA ASP A 279 -18.29 -9.10 32.32
C ASP A 279 -18.26 -7.60 32.60
N GLY A 280 -18.45 -6.74 31.63
CA GLY A 280 -18.45 -5.27 31.85
C GLY A 280 -17.07 -4.60 31.83
N ALA A 281 -16.17 -5.29 32.51
CA ALA A 281 -14.77 -4.94 32.72
C ALA A 281 -13.94 -4.89 31.45
N PRO A 282 -12.97 -3.99 31.44
CA PRO A 282 -12.08 -3.85 30.27
C PRO A 282 -11.43 -5.20 30.05
N ALA A 283 -11.04 -5.43 28.82
CA ALA A 283 -10.33 -6.65 28.42
C ALA A 283 -8.84 -6.34 28.63
N TYR A 284 -8.45 -5.10 28.69
CA TYR A 284 -7.08 -4.65 28.91
C TYR A 284 -7.03 -3.67 30.09
N ASP A 285 -6.04 -3.87 30.91
CA ASP A 285 -5.72 -3.17 32.11
C ASP A 285 -4.51 -2.25 32.18
N GLY A 286 -3.67 -2.18 31.18
CA GLY A 286 -2.48 -1.36 31.29
C GLY A 286 -2.76 0.06 30.83
N PRO A 287 -1.63 0.77 30.76
CA PRO A 287 -1.67 2.16 30.32
C PRO A 287 -2.22 2.28 28.90
N ARG A 288 -2.90 3.35 28.66
CA ARG A 288 -3.45 3.76 27.37
C ARG A 288 -2.45 4.87 27.07
N HIS A 289 -1.37 4.52 26.43
CA HIS A 289 -0.22 5.36 26.08
C HIS A 289 -0.32 5.98 24.70
N PHE A 290 -0.11 7.28 24.55
CA PHE A 290 -0.22 7.98 23.27
C PHE A 290 1.20 8.24 22.77
N ASP A 291 1.52 7.57 21.67
CA ASP A 291 2.87 7.74 21.05
C ASP A 291 2.54 8.43 19.72
N TYR A 292 2.47 9.75 19.83
CA TYR A 292 2.04 10.56 18.66
C TYR A 292 2.94 11.77 18.65
N LYS A 293 2.75 12.63 17.69
CA LYS A 293 3.52 13.85 17.53
C LYS A 293 2.59 15.00 17.12
N PRO A 294 2.76 16.13 17.75
CA PRO A 294 1.96 17.32 17.45
C PRO A 294 2.47 17.73 16.08
N SER A 295 1.59 17.94 15.12
CA SER A 295 1.96 18.29 13.75
C SER A 295 3.00 19.41 13.72
N ARG A 296 3.87 19.36 12.72
CA ARG A 296 4.95 20.31 12.51
C ARG A 296 4.49 21.76 12.39
N THR A 297 3.25 21.96 11.97
CA THR A 297 2.67 23.27 11.76
C THR A 297 2.18 23.87 13.07
N GLU A 298 2.30 23.18 14.19
CA GLU A 298 1.78 23.80 15.43
C GLU A 298 2.83 24.39 16.35
N ASP A 299 2.32 25.24 17.21
CA ASP A 299 3.19 25.89 18.22
C ASP A 299 2.84 25.20 19.55
N TYR A 300 3.38 25.65 20.66
CA TYR A 300 3.12 25.02 21.96
C TYR A 300 1.64 25.04 22.27
N ASP A 301 0.93 26.03 21.79
CA ASP A 301 -0.53 26.04 22.00
C ASP A 301 -1.11 24.78 21.32
N GLY A 302 -0.67 24.59 20.08
CA GLY A 302 -1.07 23.46 19.24
C GLY A 302 -0.65 22.19 19.95
N VAL A 303 0.51 22.25 20.57
CA VAL A 303 1.02 21.08 21.32
C VAL A 303 0.09 20.64 22.42
N TRP A 304 -0.28 21.52 23.33
CA TRP A 304 -1.18 21.11 24.44
C TRP A 304 -2.56 20.72 23.96
N GLU A 305 -3.02 21.35 22.90
CA GLU A 305 -4.29 21.13 22.27
C GLU A 305 -4.40 19.69 21.85
N SER A 306 -3.38 19.29 21.12
CA SER A 306 -3.21 17.94 20.58
C SER A 306 -3.08 16.90 21.70
N ALA A 307 -2.50 17.29 22.84
CA ALA A 307 -2.34 16.32 23.95
C ALA A 307 -3.76 16.03 24.44
N LYS A 308 -4.53 17.06 24.68
CA LYS A 308 -5.91 16.85 25.13
C LYS A 308 -6.73 16.19 24.03
N ALA A 309 -6.52 16.44 22.75
CA ALA A 309 -7.35 15.78 21.73
C ALA A 309 -7.32 14.25 21.86
N ASN A 310 -6.15 13.70 22.19
CA ASN A 310 -5.98 12.25 22.36
C ASN A 310 -6.92 11.72 23.43
N ILE A 311 -6.92 12.36 24.60
CA ILE A 311 -7.79 11.93 25.70
C ILE A 311 -9.26 12.02 25.35
N ARG A 312 -9.56 13.12 24.71
CA ARG A 312 -10.90 13.48 24.24
C ARG A 312 -11.44 12.45 23.28
N MET A 313 -10.64 12.15 22.27
CA MET A 313 -11.01 11.13 21.25
C MET A 313 -11.30 9.79 21.93
N TYR A 314 -10.46 9.34 22.84
CA TYR A 314 -10.59 8.06 23.55
C TYR A 314 -11.83 8.06 24.37
N LEU A 315 -12.12 9.12 25.15
CA LEU A 315 -13.36 9.18 25.98
C LEU A 315 -14.64 9.29 25.16
N LEU A 316 -14.66 10.00 24.05
CA LEU A 316 -15.84 10.12 23.15
C LEU A 316 -16.14 8.74 22.57
N LEU A 317 -15.12 8.04 22.06
CA LEU A 317 -15.23 6.72 21.48
C LEU A 317 -15.74 5.73 22.52
N LYS A 318 -15.21 5.76 23.72
CA LYS A 318 -15.63 4.81 24.79
C LYS A 318 -17.11 4.88 25.08
N GLU A 319 -17.54 6.12 25.17
CA GLU A 319 -18.90 6.56 25.42
C GLU A 319 -19.80 5.98 24.33
N ARG A 320 -19.39 6.05 23.08
CA ARG A 320 -20.21 5.49 21.99
C ARG A 320 -20.17 3.97 21.88
N ALA A 321 -19.06 3.39 22.30
CA ALA A 321 -18.85 1.93 22.26
C ALA A 321 -19.81 1.37 23.31
N LYS A 322 -19.86 2.05 24.42
CA LYS A 322 -20.75 1.63 25.53
C LYS A 322 -22.21 1.66 25.16
N ALA A 323 -22.62 2.75 24.52
CA ALA A 323 -23.99 2.98 24.06
C ALA A 323 -24.32 1.93 23.01
N PHE A 324 -23.38 1.64 22.12
CA PHE A 324 -23.56 0.65 21.06
C PHE A 324 -24.04 -0.70 21.59
N ARG A 325 -23.26 -1.20 22.52
CA ARG A 325 -23.47 -2.50 23.16
C ARG A 325 -24.72 -2.49 24.02
N ALA A 326 -25.04 -1.36 24.61
CA ALA A 326 -26.23 -1.29 25.47
C ALA A 326 -27.54 -1.25 24.72
N ASP A 327 -27.50 -0.93 23.45
CA ASP A 327 -28.64 -0.82 22.53
C ASP A 327 -29.25 -2.17 22.17
N PRO A 328 -30.49 -2.36 22.61
CA PRO A 328 -31.29 -3.56 22.37
C PRO A 328 -31.43 -3.85 20.89
N GLU A 329 -31.43 -2.84 20.05
CA GLU A 329 -31.51 -3.06 18.59
C GLU A 329 -30.18 -3.65 18.15
N VAL A 330 -29.07 -3.23 18.72
CA VAL A 330 -27.75 -3.75 18.41
C VAL A 330 -27.77 -5.19 18.93
N GLN A 331 -28.26 -5.33 20.15
CA GLN A 331 -28.34 -6.64 20.80
C GLN A 331 -29.09 -7.62 19.91
N GLU A 332 -30.13 -7.18 19.25
CA GLU A 332 -30.95 -7.99 18.36
C GLU A 332 -30.23 -8.32 17.08
N ALA A 333 -29.53 -7.34 16.53
CA ALA A 333 -28.77 -7.53 15.29
C ALA A 333 -27.63 -8.48 15.64
N LEU A 334 -26.98 -8.39 16.79
CA LEU A 334 -25.90 -9.29 17.16
C LEU A 334 -26.34 -10.75 17.13
N ALA A 335 -27.53 -10.94 17.62
CA ALA A 335 -28.22 -12.23 17.72
C ALA A 335 -28.46 -12.79 16.32
N ALA A 336 -29.04 -11.99 15.45
CA ALA A 336 -29.35 -12.34 14.06
C ALA A 336 -28.06 -12.69 13.31
N SER A 337 -26.97 -11.96 13.53
CA SER A 337 -25.71 -12.27 12.86
C SER A 337 -24.94 -13.41 13.49
N LYS A 338 -25.47 -13.93 14.57
CA LYS A 338 -24.84 -15.04 15.29
C LYS A 338 -23.43 -14.84 15.83
N VAL A 339 -23.08 -13.64 16.17
CA VAL A 339 -21.73 -13.32 16.66
C VAL A 339 -21.42 -14.15 17.89
N ALA A 340 -22.36 -14.27 18.83
CA ALA A 340 -22.08 -15.05 20.04
C ALA A 340 -22.11 -16.54 19.77
N GLU A 341 -22.69 -17.05 18.73
CA GLU A 341 -22.72 -18.47 18.43
C GLU A 341 -21.31 -18.99 18.15
N LEU A 342 -20.34 -18.14 17.88
CA LEU A 342 -18.97 -18.56 17.62
C LEU A 342 -18.34 -19.01 18.94
N LYS A 343 -18.91 -18.62 20.07
CA LYS A 343 -18.39 -18.98 21.38
C LYS A 343 -18.74 -20.37 21.82
N THR A 344 -19.71 -20.95 21.21
CA THR A 344 -20.17 -22.31 21.48
C THR A 344 -19.24 -23.25 20.72
N PRO A 345 -18.68 -24.21 21.42
CA PRO A 345 -17.75 -25.18 20.80
C PRO A 345 -18.46 -25.82 19.63
N THR A 346 -17.62 -26.13 18.63
CA THR A 346 -18.13 -26.77 17.42
C THR A 346 -18.59 -28.17 17.77
N LEU A 347 -17.84 -28.81 18.65
CA LEU A 347 -18.09 -30.19 19.07
C LEU A 347 -18.91 -30.24 20.35
N ASN A 348 -19.70 -31.27 20.49
CA ASN A 348 -20.52 -31.49 21.70
C ASN A 348 -19.55 -31.95 22.79
N PRO A 349 -20.05 -31.89 24.02
CA PRO A 349 -19.22 -32.29 25.18
C PRO A 349 -18.87 -33.74 25.03
N GLY A 350 -17.59 -33.99 25.07
CA GLY A 350 -16.96 -35.29 24.96
C GLY A 350 -16.98 -35.86 23.56
N GLU A 351 -17.41 -35.05 22.59
CA GLU A 351 -17.48 -35.54 21.21
C GLU A 351 -16.12 -35.51 20.56
N GLY A 352 -15.79 -36.56 19.85
CA GLY A 352 -14.49 -36.68 19.18
C GLY A 352 -14.68 -36.94 17.70
N TYR A 353 -13.60 -37.33 17.07
CA TYR A 353 -13.64 -37.62 15.63
C TYR A 353 -14.65 -38.71 15.30
N ALA A 354 -14.72 -39.79 16.04
CA ALA A 354 -15.63 -40.93 15.79
C ALA A 354 -17.10 -40.60 15.91
N GLU A 355 -17.45 -39.81 16.89
CA GLU A 355 -18.85 -39.41 17.09
C GLU A 355 -19.20 -38.48 15.94
N LEU A 356 -18.29 -37.57 15.58
CA LEU A 356 -18.52 -36.63 14.48
C LEU A 356 -18.68 -37.38 13.15
N LEU A 357 -17.79 -38.33 12.91
CA LEU A 357 -17.87 -39.15 11.69
C LEU A 357 -19.19 -39.91 11.62
N ALA A 358 -19.76 -40.25 12.75
CA ALA A 358 -21.04 -40.98 12.84
C ALA A 358 -22.24 -40.05 12.71
N ASP A 359 -22.04 -38.75 12.85
CA ASP A 359 -23.13 -37.78 12.73
C ASP A 359 -23.42 -37.40 11.27
N ARG A 360 -24.47 -37.97 10.75
CA ARG A 360 -24.93 -37.81 9.37
C ARG A 360 -25.42 -36.39 9.09
N SER A 361 -25.84 -35.70 10.11
CA SER A 361 -26.31 -34.32 9.97
C SER A 361 -25.12 -33.38 9.75
N ALA A 362 -23.90 -33.74 10.04
CA ALA A 362 -22.72 -32.92 9.89
C ALA A 362 -22.18 -33.09 8.47
N PHE A 363 -22.82 -33.95 7.68
CA PHE A 363 -22.26 -34.11 6.31
C PHE A 363 -23.17 -34.79 5.32
N GLU A 364 -23.40 -36.06 5.45
CA GLU A 364 -24.20 -36.88 4.55
C GLU A 364 -25.58 -36.31 4.37
N ASP A 365 -26.24 -35.96 5.44
CA ASP A 365 -27.58 -35.39 5.39
C ASP A 365 -27.58 -33.86 5.55
N TYR A 366 -26.47 -33.17 5.34
CA TYR A 366 -26.41 -31.73 5.51
C TYR A 366 -26.83 -31.00 4.24
N ASP A 367 -27.63 -29.96 4.39
CA ASP A 367 -28.10 -29.19 3.22
C ASP A 367 -27.33 -27.87 3.09
N ALA A 368 -26.19 -28.06 2.44
CA ALA A 368 -25.30 -26.89 2.30
C ALA A 368 -25.96 -25.79 1.51
N ASP A 369 -26.70 -26.14 0.48
CA ASP A 369 -27.37 -25.14 -0.37
C ASP A 369 -28.40 -24.36 0.43
N ALA A 370 -29.12 -25.04 1.28
CA ALA A 370 -30.12 -24.33 2.08
C ALA A 370 -29.40 -23.43 3.06
N VAL A 371 -28.40 -23.87 3.78
CA VAL A 371 -27.69 -23.00 4.73
C VAL A 371 -26.94 -21.93 3.96
N GLY A 372 -26.42 -22.21 2.78
CA GLY A 372 -25.67 -21.24 2.04
C GLY A 372 -26.42 -19.99 1.57
N ALA A 373 -27.73 -20.08 1.64
CA ALA A 373 -28.58 -18.98 1.18
C ALA A 373 -29.08 -18.02 2.24
N LYS A 374 -28.96 -18.28 3.51
CA LYS A 374 -29.43 -17.39 4.57
C LYS A 374 -28.39 -16.27 4.73
N GLY A 375 -28.79 -15.04 4.95
CA GLY A 375 -27.85 -13.94 5.10
C GLY A 375 -27.47 -13.83 6.59
N PHE A 376 -26.35 -13.16 6.81
CA PHE A 376 -25.86 -12.96 8.16
C PHE A 376 -26.26 -11.58 8.69
N GLY A 377 -26.84 -10.71 7.89
CA GLY A 377 -27.25 -9.42 8.41
C GLY A 377 -26.11 -8.56 8.92
N PHE A 378 -24.91 -8.71 8.39
CA PHE A 378 -23.72 -7.95 8.81
C PHE A 378 -23.69 -6.48 8.42
N VAL A 379 -24.26 -6.07 7.28
CA VAL A 379 -24.25 -4.66 6.85
C VAL A 379 -25.08 -3.83 7.84
N LYS A 380 -26.20 -4.40 8.17
CA LYS A 380 -27.12 -3.79 9.11
C LYS A 380 -26.48 -3.60 10.46
N LEU A 381 -25.80 -4.56 11.05
CA LEU A 381 -25.12 -4.47 12.32
C LEU A 381 -24.04 -3.39 12.18
N ASN A 382 -23.27 -3.39 11.09
CA ASN A 382 -22.24 -2.38 10.88
C ASN A 382 -22.77 -0.94 10.79
N GLN A 383 -23.93 -0.82 10.17
CA GLN A 383 -24.62 0.46 9.99
C GLN A 383 -25.04 0.96 11.36
N LEU A 384 -25.48 0.07 12.25
CA LEU A 384 -25.90 0.42 13.62
C LEU A 384 -24.70 0.94 14.39
N ALA A 385 -23.55 0.28 14.23
CA ALA A 385 -22.31 0.71 14.88
C ALA A 385 -21.92 2.13 14.49
N ILE A 386 -21.93 2.44 13.19
CA ILE A 386 -21.56 3.79 12.71
C ILE A 386 -22.58 4.84 13.16
N GLU A 387 -23.84 4.49 13.18
CA GLU A 387 -24.84 5.44 13.66
C GLU A 387 -24.56 5.78 15.10
N HIS A 388 -24.09 4.82 15.87
CA HIS A 388 -23.77 5.08 17.28
C HIS A 388 -22.53 5.97 17.31
N LEU A 389 -21.53 5.64 16.52
CA LEU A 389 -20.32 6.46 16.47
C LEU A 389 -20.65 7.91 16.13
N LEU A 390 -21.55 8.10 15.20
CA LEU A 390 -22.01 9.37 14.67
C LEU A 390 -22.93 10.10 15.65
N GLY A 391 -23.31 9.39 16.69
CA GLY A 391 -24.18 10.04 17.68
C GLY A 391 -25.54 10.25 17.03
N ALA A 392 -25.91 9.36 16.13
CA ALA A 392 -27.23 9.51 15.49
C ALA A 392 -28.28 8.60 16.10
N ARG A 393 -27.85 7.77 17.03
CA ARG A 393 -28.67 6.78 17.74
C ARG A 393 -28.37 7.07 19.25
N VAL B 2 30.76 -1.59 -18.99
CA VAL B 2 30.65 -0.38 -19.83
C VAL B 2 31.27 0.86 -19.20
N GLN B 3 31.21 1.99 -19.92
CA GLN B 3 31.76 3.28 -19.46
C GLN B 3 30.79 4.41 -19.84
N ALA B 4 30.67 5.35 -18.91
CA ALA B 4 29.79 6.51 -19.13
C ALA B 4 30.46 7.53 -20.03
N THR B 5 29.72 8.10 -20.94
CA THR B 5 30.22 9.14 -21.86
C THR B 5 29.40 10.39 -21.54
N ARG B 6 29.77 11.56 -22.02
CA ARG B 6 28.98 12.76 -21.71
C ARG B 6 27.68 12.75 -22.49
N GLU B 7 27.59 11.93 -23.50
CA GLU B 7 26.36 11.79 -24.30
C GLU B 7 25.28 10.99 -23.61
N ASP B 8 25.65 10.32 -22.52
CA ASP B 8 24.74 9.53 -21.71
C ASP B 8 23.91 10.52 -20.84
N LYS B 9 24.53 11.65 -20.60
CA LYS B 9 23.95 12.73 -19.84
C LYS B 9 23.48 12.36 -18.44
N PHE B 10 24.39 11.82 -17.70
CA PHE B 10 24.13 11.41 -16.31
C PHE B 10 24.41 12.67 -15.48
N SER B 11 23.44 13.09 -14.68
CA SER B 11 23.62 14.27 -13.84
C SER B 11 23.22 13.82 -12.43
N PHE B 12 23.62 14.58 -11.43
CA PHE B 12 23.34 14.31 -10.03
C PHE B 12 23.11 15.60 -9.24
N GLY B 13 22.24 15.53 -8.25
CA GLY B 13 22.03 16.75 -7.42
C GLY B 13 23.16 16.71 -6.36
N LEU B 14 23.56 17.87 -5.93
CA LEU B 14 24.55 18.12 -4.91
C LEU B 14 24.11 17.54 -3.57
N TRP B 15 22.82 17.50 -3.34
CA TRP B 15 22.14 16.99 -2.14
C TRP B 15 22.08 15.47 -2.11
N THR B 16 22.38 14.82 -3.22
CA THR B 16 22.34 13.35 -3.30
C THR B 16 23.60 12.87 -2.62
N VAL B 17 24.76 12.95 -3.25
CA VAL B 17 26.05 12.53 -2.70
C VAL B 17 26.40 13.39 -1.48
N GLY B 18 25.77 14.54 -1.31
CA GLY B 18 26.05 15.38 -0.16
C GLY B 18 25.11 15.10 1.00
N TRP B 19 24.20 14.16 0.92
CA TRP B 19 23.26 13.82 2.01
C TRP B 19 24.09 13.26 3.18
N GLN B 20 24.00 13.97 4.28
CA GLN B 20 24.70 13.67 5.51
C GLN B 20 24.09 12.57 6.34
N ALA B 21 22.97 12.07 5.93
CA ALA B 21 22.19 10.97 6.48
C ALA B 21 21.54 11.19 7.82
N ARG B 22 21.00 12.36 8.03
CA ARG B 22 20.24 12.71 9.24
C ARG B 22 18.83 12.30 8.80
N ASP B 23 18.29 11.25 9.37
CA ASP B 23 16.91 10.83 8.96
C ASP B 23 15.96 11.31 10.04
N ALA B 24 14.71 10.90 9.91
CA ALA B 24 13.66 11.31 10.84
C ALA B 24 13.91 10.78 12.24
N PHE B 25 14.73 9.75 12.33
CA PHE B 25 15.05 9.09 13.60
C PHE B 25 16.48 9.11 14.07
N GLY B 26 17.38 9.84 13.42
CA GLY B 26 18.78 9.81 13.89
C GLY B 26 19.60 10.91 13.23
N ASP B 27 20.76 11.09 13.86
CA ASP B 27 21.71 12.10 13.47
C ASP B 27 22.50 11.69 12.22
N ALA B 28 23.12 12.75 11.70
CA ALA B 28 23.94 12.60 10.49
C ALA B 28 25.06 11.64 10.83
N THR B 29 25.37 10.81 9.85
CA THR B 29 26.45 9.83 10.02
C THR B 29 27.62 10.24 9.14
N ARG B 30 27.47 11.30 8.39
CA ARG B 30 28.54 11.75 7.49
C ARG B 30 28.71 13.26 7.66
N THR B 31 29.95 13.68 7.44
CA THR B 31 30.25 15.12 7.51
C THR B 31 29.78 15.76 6.22
N ALA B 32 29.81 17.08 6.23
CA ALA B 32 29.36 17.84 5.04
C ALA B 32 30.27 17.70 3.83
N LEU B 33 29.67 17.62 2.65
CA LEU B 33 30.45 17.50 1.41
C LEU B 33 30.75 18.89 0.82
N ASP B 34 31.99 19.12 0.47
CA ASP B 34 32.36 20.41 -0.14
C ASP B 34 31.96 20.31 -1.62
N PRO B 35 31.24 21.35 -2.04
CA PRO B 35 30.72 21.50 -3.40
C PRO B 35 31.77 21.42 -4.47
N VAL B 36 32.93 22.02 -4.27
CA VAL B 36 34.00 21.95 -5.27
C VAL B 36 34.47 20.49 -5.36
N GLU B 37 34.60 19.87 -4.19
CA GLU B 37 35.00 18.46 -4.21
C GLU B 37 33.97 17.62 -4.97
N ALA B 38 32.69 17.88 -4.66
CA ALA B 38 31.56 17.18 -5.31
C ALA B 38 31.73 17.32 -6.81
N VAL B 39 31.98 18.51 -7.32
CA VAL B 39 32.15 18.76 -8.74
C VAL B 39 33.26 17.87 -9.28
N HIS B 40 34.33 17.88 -8.51
CA HIS B 40 35.50 17.06 -8.92
C HIS B 40 35.20 15.57 -8.92
N LYS B 41 34.65 15.08 -7.82
CA LYS B 41 34.30 13.69 -7.64
C LYS B 41 33.36 13.16 -8.69
N LEU B 42 32.31 13.95 -8.94
CA LEU B 42 31.31 13.56 -9.94
C LEU B 42 31.95 13.61 -11.32
N ALA B 43 32.77 14.63 -11.59
CA ALA B 43 33.39 14.74 -12.93
C ALA B 43 34.11 13.42 -13.21
N GLU B 44 34.76 12.95 -12.16
CA GLU B 44 35.54 11.71 -12.17
C GLU B 44 34.79 10.42 -12.41
N ILE B 45 33.57 10.27 -11.91
CA ILE B 45 32.80 9.03 -12.10
C ILE B 45 32.04 9.00 -13.41
N GLY B 46 32.00 10.09 -14.15
CA GLY B 46 31.31 10.15 -15.44
C GLY B 46 30.11 11.03 -15.67
N ALA B 47 29.71 11.77 -14.66
CA ALA B 47 28.60 12.70 -14.74
C ALA B 47 28.94 13.79 -15.75
N TYR B 48 27.93 14.26 -16.43
CA TYR B 48 28.11 15.33 -17.41
C TYR B 48 27.60 16.64 -16.80
N GLY B 49 26.84 16.56 -15.72
CA GLY B 49 26.29 17.79 -15.12
C GLY B 49 25.95 17.62 -13.66
N ILE B 50 25.75 18.75 -12.98
CA ILE B 50 25.43 18.76 -11.54
C ILE B 50 24.25 19.69 -11.36
N THR B 51 23.45 19.46 -10.35
CA THR B 51 22.27 20.34 -10.11
C THR B 51 22.27 20.66 -8.62
N PHE B 52 21.41 21.60 -8.23
CA PHE B 52 21.38 21.97 -6.81
C PHE B 52 20.22 22.89 -6.45
N HIS B 53 19.97 22.94 -5.16
CA HIS B 53 18.94 23.84 -4.64
C HIS B 53 19.83 25.03 -4.22
N ASP B 54 19.22 26.18 -4.29
CA ASP B 54 19.90 27.42 -3.90
C ASP B 54 20.68 27.18 -2.61
N ASP B 55 19.98 26.73 -1.60
CA ASP B 55 20.47 26.46 -0.25
C ASP B 55 21.45 25.29 -0.10
N ASP B 56 21.69 24.52 -1.16
CA ASP B 56 22.64 23.42 -1.09
C ASP B 56 24.01 24.12 -1.24
N LEU B 57 24.07 25.03 -2.18
CA LEU B 57 25.30 25.76 -2.49
C LEU B 57 25.62 26.86 -1.50
N VAL B 58 24.71 27.81 -1.37
CA VAL B 58 24.86 28.96 -0.51
C VAL B 58 23.93 28.80 0.71
N PRO B 59 24.58 28.69 1.86
CA PRO B 59 23.90 28.56 3.14
C PRO B 59 22.83 29.63 3.28
N PHE B 60 21.69 29.22 3.75
CA PHE B 60 20.55 30.11 3.99
C PHE B 60 21.10 31.26 4.85
N GLY B 61 20.80 32.46 4.39
CA GLY B 61 21.22 33.68 5.10
C GLY B 61 22.70 33.99 5.02
N SER B 62 23.25 33.92 3.83
CA SER B 62 24.65 34.22 3.58
C SER B 62 24.56 35.66 3.06
N ASP B 63 25.53 36.43 3.46
CA ASP B 63 25.56 37.83 3.00
C ASP B 63 26.00 37.77 1.51
N ALA B 64 25.77 38.89 0.86
CA ALA B 64 26.10 39.07 -0.54
C ALA B 64 27.53 38.64 -0.82
N GLN B 65 28.42 39.14 0.00
CA GLN B 65 29.87 38.87 -0.13
C GLN B 65 30.09 37.37 -0.22
N THR B 66 29.67 36.69 0.83
CA THR B 66 29.79 35.23 0.94
C THR B 66 29.21 34.48 -0.28
N ARG B 67 27.95 34.80 -0.52
CA ARG B 67 27.21 34.20 -1.63
C ARG B 67 28.05 34.31 -2.90
N ASP B 68 28.47 35.52 -3.18
CA ASP B 68 29.26 35.84 -4.38
C ASP B 68 30.53 34.99 -4.42
N GLY B 69 31.08 34.89 -3.23
CA GLY B 69 32.33 34.16 -3.02
C GLY B 69 32.22 32.72 -3.43
N ILE B 70 31.14 32.07 -2.97
CA ILE B 70 30.82 30.67 -3.21
C ILE B 70 30.55 30.30 -4.66
N ILE B 71 29.74 31.18 -5.24
CA ILE B 71 29.38 31.01 -6.67
C ILE B 71 30.59 31.01 -7.57
N ALA B 72 31.45 31.99 -7.29
CA ALA B 72 32.70 32.19 -8.04
C ALA B 72 33.59 30.95 -7.96
N GLY B 73 33.71 30.28 -6.83
CA GLY B 73 34.53 29.09 -6.69
C GLY B 73 33.93 27.89 -7.40
N PHE B 74 32.61 27.90 -7.27
CA PHE B 74 31.75 26.89 -7.89
C PHE B 74 31.90 26.94 -9.41
N LYS B 75 31.84 28.15 -9.96
CA LYS B 75 32.01 28.33 -11.42
C LYS B 75 33.40 27.88 -11.87
N LYS B 76 34.41 28.06 -11.06
CA LYS B 76 35.78 27.64 -11.37
C LYS B 76 35.86 26.14 -11.49
N ALA B 77 35.25 25.47 -10.52
CA ALA B 77 35.26 24.00 -10.51
C ALA B 77 34.57 23.44 -11.75
N LEU B 78 33.48 24.06 -12.14
CA LEU B 78 32.71 23.66 -13.32
C LEU B 78 33.61 23.82 -14.56
N ASP B 79 34.28 24.97 -14.56
CA ASP B 79 35.21 25.39 -15.61
C ASP B 79 36.30 24.35 -15.88
N GLU B 80 36.97 24.15 -14.79
CA GLU B 80 38.09 23.22 -14.69
C GLU B 80 37.64 21.84 -15.12
N THR B 81 36.49 21.36 -14.65
CA THR B 81 36.00 20.04 -14.95
C THR B 81 35.17 19.82 -16.20
N GLY B 82 34.51 20.81 -16.73
CA GLY B 82 33.69 20.55 -17.92
C GLY B 82 32.25 20.15 -17.62
N LEU B 83 31.86 20.17 -16.36
CA LEU B 83 30.49 19.83 -15.96
C LEU B 83 29.64 21.06 -16.25
N ILE B 84 28.37 20.84 -16.55
CA ILE B 84 27.40 21.91 -16.80
C ILE B 84 26.34 21.80 -15.69
N VAL B 85 25.44 22.77 -15.62
CA VAL B 85 24.36 22.77 -14.64
C VAL B 85 23.11 22.75 -15.52
N PRO B 86 22.59 21.59 -15.80
CA PRO B 86 21.44 21.42 -16.67
C PRO B 86 20.14 21.93 -16.08
N MET B 87 20.05 21.87 -14.77
CA MET B 87 18.81 22.26 -14.07
C MET B 87 19.16 22.85 -12.72
N VAL B 88 18.33 23.69 -12.18
CA VAL B 88 18.50 24.29 -10.86
C VAL B 88 17.09 24.18 -10.20
N THR B 89 17.13 24.21 -8.89
CA THR B 89 15.88 24.14 -8.12
C THR B 89 16.00 25.00 -6.89
N THR B 90 14.91 25.26 -6.22
CA THR B 90 14.90 26.13 -5.04
C THR B 90 14.38 25.37 -3.83
N ASN B 91 14.93 25.59 -2.67
CA ASN B 91 14.44 24.93 -1.47
C ASN B 91 13.30 25.74 -0.85
N LEU B 92 12.11 25.18 -0.94
CA LEU B 92 10.89 25.75 -0.37
C LEU B 92 10.30 24.76 0.63
N PHE B 93 11.15 23.97 1.29
CA PHE B 93 10.64 22.96 2.24
C PHE B 93 11.32 22.88 3.59
N THR B 94 12.59 23.23 3.67
CA THR B 94 13.35 23.18 4.92
C THR B 94 13.09 24.23 6.01
N HIS B 95 13.22 25.49 5.68
CA HIS B 95 13.04 26.52 6.73
C HIS B 95 11.67 26.47 7.35
N PRO B 96 11.50 26.60 8.65
CA PRO B 96 10.22 26.60 9.34
C PRO B 96 9.15 27.48 8.75
N VAL B 97 9.48 28.60 8.13
CA VAL B 97 8.52 29.52 7.52
C VAL B 97 7.68 28.80 6.48
N PHE B 98 8.19 27.79 5.80
CA PHE B 98 7.50 27.00 4.76
C PHE B 98 6.76 25.76 5.29
N LYS B 99 6.52 25.65 6.58
CA LYS B 99 5.84 24.51 7.19
C LYS B 99 4.47 24.20 6.62
N ASP B 100 3.77 25.18 6.06
CA ASP B 100 2.45 25.02 5.46
C ASP B 100 2.53 25.17 3.93
N GLY B 101 3.73 25.31 3.41
CA GLY B 101 3.97 25.44 2.00
C GLY B 101 4.72 26.71 1.67
N GLY B 102 5.08 26.83 0.40
CA GLY B 102 5.75 28.05 -0.07
C GLY B 102 4.66 28.82 -0.86
N PHE B 103 4.48 28.42 -2.12
CA PHE B 103 3.51 29.03 -3.02
C PHE B 103 2.05 28.94 -2.54
N THR B 104 1.70 27.92 -1.75
CA THR B 104 0.31 27.77 -1.33
C THR B 104 0.17 27.78 0.18
N SER B 105 1.09 28.45 0.86
CA SER B 105 0.99 28.61 2.31
C SER B 105 -0.30 29.37 2.63
N ASN B 106 -1.05 29.07 3.70
CA ASN B 106 -2.29 29.78 4.05
C ASN B 106 -1.84 31.24 4.24
N ASP B 107 -0.67 31.46 4.76
CA ASP B 107 -0.11 32.77 5.05
C ASP B 107 0.38 33.45 3.78
N ARG B 108 -0.29 34.55 3.47
CA ARG B 108 0.03 35.33 2.27
C ARG B 108 1.44 35.90 2.18
N SER B 109 1.95 36.22 3.35
CA SER B 109 3.32 36.78 3.41
C SER B 109 4.36 35.75 3.02
N VAL B 110 4.09 34.48 3.32
CA VAL B 110 4.97 33.38 2.96
C VAL B 110 4.92 33.16 1.45
N ARG B 111 3.72 33.27 0.90
CA ARG B 111 3.59 33.07 -0.56
C ARG B 111 4.46 34.06 -1.30
N ARG B 112 4.41 35.30 -0.81
CA ARG B 112 5.21 36.41 -1.43
C ARG B 112 6.71 36.18 -1.32
N TYR B 113 7.10 35.77 -0.14
CA TYR B 113 8.51 35.44 0.14
C TYR B 113 8.96 34.29 -0.75
N ALA B 114 8.16 33.24 -0.87
CA ALA B 114 8.51 32.07 -1.68
C ALA B 114 8.81 32.46 -3.12
N ILE B 115 7.95 33.36 -3.63
CA ILE B 115 8.10 33.84 -5.02
C ILE B 115 9.47 34.52 -5.16
N ARG B 116 9.72 35.44 -4.23
CA ARG B 116 10.99 36.17 -4.22
C ARG B 116 12.21 35.24 -4.24
N LYS B 117 12.18 34.24 -3.36
CA LYS B 117 13.27 33.25 -3.24
C LYS B 117 13.46 32.52 -4.56
N VAL B 118 12.38 32.18 -5.28
CA VAL B 118 12.55 31.51 -6.56
C VAL B 118 13.13 32.43 -7.60
N LEU B 119 12.67 33.67 -7.68
CA LEU B 119 13.11 34.63 -8.70
C LEU B 119 14.63 34.70 -8.66
N ARG B 120 15.11 34.82 -7.46
CA ARG B 120 16.55 34.92 -7.19
C ARG B 120 17.35 33.75 -7.67
N GLN B 121 16.79 32.57 -7.53
CA GLN B 121 17.45 31.34 -8.01
C GLN B 121 17.36 31.30 -9.53
N MET B 122 16.27 31.80 -10.11
CA MET B 122 16.14 31.80 -11.57
C MET B 122 17.33 32.60 -12.14
N ASP B 123 17.66 33.69 -11.46
CA ASP B 123 18.78 34.55 -11.94
C ASP B 123 20.09 33.77 -11.93
N LEU B 124 20.34 33.13 -10.79
CA LEU B 124 21.58 32.35 -10.67
C LEU B 124 21.62 31.23 -11.69
N GLY B 125 20.48 30.64 -11.93
CA GLY B 125 20.30 29.53 -12.85
C GLY B 125 20.63 30.04 -14.24
N ALA B 126 19.99 31.13 -14.62
CA ALA B 126 20.19 31.78 -15.94
C ALA B 126 21.68 32.06 -16.15
N GLU B 127 22.33 32.59 -15.14
CA GLU B 127 23.75 32.91 -15.16
C GLU B 127 24.68 31.71 -15.28
N LEU B 128 24.27 30.56 -14.78
CA LEU B 128 25.06 29.32 -14.83
C LEU B 128 24.72 28.51 -16.09
N GLY B 129 23.78 28.92 -16.92
CA GLY B 129 23.42 28.24 -18.14
C GLY B 129 22.35 27.17 -18.06
N ALA B 130 21.66 27.06 -16.93
CA ALA B 130 20.62 26.05 -16.71
C ALA B 130 19.49 26.28 -17.71
N LYS B 131 18.92 25.20 -18.16
CA LYS B 131 17.79 25.23 -19.11
C LYS B 131 16.44 24.96 -18.47
N THR B 132 16.42 24.28 -17.33
CA THR B 132 15.23 23.89 -16.62
C THR B 132 15.20 24.32 -15.17
N LEU B 133 14.01 24.72 -14.74
CA LEU B 133 13.75 25.08 -13.34
C LEU B 133 12.85 23.94 -12.82
N VAL B 134 13.28 23.18 -11.87
CA VAL B 134 12.43 22.10 -11.35
C VAL B 134 11.76 22.70 -10.11
N LEU B 135 10.47 22.37 -10.00
CA LEU B 135 9.71 22.90 -8.85
C LEU B 135 9.06 21.71 -8.17
N TRP B 136 9.53 21.48 -6.96
CA TRP B 136 9.03 20.41 -6.08
C TRP B 136 8.34 21.07 -4.86
N GLY B 137 7.02 20.99 -4.89
CA GLY B 137 6.20 21.59 -3.82
C GLY B 137 5.99 20.57 -2.71
N GLY B 138 7.06 20.22 -2.03
CA GLY B 138 7.09 19.27 -0.96
C GLY B 138 6.25 19.63 0.23
N ARG B 139 6.00 20.88 0.49
CA ARG B 139 5.23 21.36 1.66
C ARG B 139 3.82 21.82 1.27
N GLU B 140 3.47 21.70 0.02
CA GLU B 140 2.18 22.07 -0.52
C GLU B 140 1.22 20.92 -0.26
N GLY B 141 0.28 21.06 0.65
CA GLY B 141 -0.68 19.96 0.90
C GLY B 141 -1.27 20.16 2.30
N ALA B 142 -1.49 19.08 2.98
CA ALA B 142 -2.08 19.19 4.31
C ALA B 142 -2.02 17.85 5.01
N GLU B 143 -2.31 17.92 6.30
CA GLU B 143 -2.39 16.74 7.16
C GLU B 143 -3.88 16.49 7.47
N TYR B 144 -4.71 17.52 7.41
CA TYR B 144 -6.14 17.57 7.72
C TYR B 144 -6.89 18.27 6.59
N ASP B 145 -7.96 17.68 6.10
CA ASP B 145 -8.74 18.16 4.99
C ASP B 145 -9.32 19.54 5.21
N SER B 146 -9.74 19.87 6.40
CA SER B 146 -10.39 21.18 6.54
C SER B 146 -9.38 22.29 6.59
N ALA B 147 -8.11 22.00 6.58
CA ALA B 147 -7.10 23.08 6.67
C ALA B 147 -6.59 23.69 5.39
N LYS B 148 -7.00 23.15 4.26
CA LYS B 148 -6.47 23.65 2.98
C LYS B 148 -7.54 23.67 1.93
N ASP B 149 -7.77 24.84 1.36
CA ASP B 149 -8.82 24.93 0.31
C ASP B 149 -8.03 24.53 -0.93
N VAL B 150 -8.27 23.34 -1.46
CA VAL B 150 -7.47 22.86 -2.61
C VAL B 150 -7.57 23.74 -3.84
N SER B 151 -8.77 24.17 -4.15
CA SER B 151 -9.09 25.05 -5.30
C SER B 151 -8.33 26.36 -5.19
N ALA B 152 -8.36 27.02 -4.04
CA ALA B 152 -7.63 28.28 -3.84
C ALA B 152 -6.13 27.98 -3.96
N ALA B 153 -5.74 26.83 -3.44
CA ALA B 153 -4.31 26.46 -3.47
C ALA B 153 -3.91 26.31 -4.93
N LEU B 154 -4.77 25.72 -5.76
CA LEU B 154 -4.37 25.55 -7.18
C LEU B 154 -4.34 26.93 -7.86
N ASP B 155 -5.21 27.82 -7.42
CA ASP B 155 -5.25 29.17 -7.99
C ASP B 155 -3.94 29.88 -7.66
N ARG B 156 -3.51 29.75 -6.42
CA ARG B 156 -2.27 30.39 -5.96
C ARG B 156 -1.01 29.80 -6.56
N TYR B 157 -1.02 28.53 -6.89
CA TYR B 157 0.09 27.76 -7.49
C TYR B 157 0.21 28.26 -8.92
N ARG B 158 -0.92 28.37 -9.58
CA ARG B 158 -1.02 28.86 -10.97
C ARG B 158 -0.50 30.28 -11.05
N GLU B 159 -1.01 31.11 -10.15
CA GLU B 159 -0.65 32.52 -10.04
C GLU B 159 0.85 32.68 -9.91
N ALA B 160 1.47 31.89 -9.07
CA ALA B 160 2.93 31.98 -8.90
C ALA B 160 3.63 31.48 -10.15
N LEU B 161 3.19 30.42 -10.78
CA LEU B 161 3.90 29.95 -11.97
C LEU B 161 3.79 30.90 -13.14
N ASN B 162 2.63 31.46 -13.35
CA ASN B 162 2.35 32.40 -14.45
C ASN B 162 3.38 33.53 -14.42
N LEU B 163 3.63 34.04 -13.21
CA LEU B 163 4.59 35.12 -12.96
C LEU B 163 6.03 34.76 -13.30
N LEU B 164 6.45 33.58 -12.87
CA LEU B 164 7.77 33.07 -13.14
C LEU B 164 7.98 32.97 -14.66
N ALA B 165 6.96 32.53 -15.41
CA ALA B 165 7.07 32.36 -16.87
C ALA B 165 7.28 33.74 -17.49
N GLN B 166 6.46 34.65 -17.04
CA GLN B 166 6.43 36.06 -17.42
C GLN B 166 7.83 36.65 -17.30
N TYR B 167 8.37 36.52 -16.10
CA TYR B 167 9.71 37.02 -15.78
C TYR B 167 10.79 36.42 -16.66
N SER B 168 10.77 35.10 -16.76
CA SER B 168 11.78 34.40 -17.55
C SER B 168 11.75 34.85 -19.00
N GLU B 169 10.55 34.98 -19.53
CA GLU B 169 10.37 35.38 -20.94
C GLU B 169 10.85 36.78 -21.19
N ASP B 170 10.54 37.69 -20.27
CA ASP B 170 10.92 39.09 -20.34
C ASP B 170 12.43 39.24 -20.15
N ARG B 171 13.06 38.48 -19.27
CA ARG B 171 14.50 38.61 -19.05
C ARG B 171 15.29 37.88 -20.12
N GLY B 172 14.57 37.15 -20.92
CA GLY B 172 15.12 36.33 -22.00
C GLY B 172 15.93 35.15 -21.47
N TYR B 173 15.55 34.50 -20.37
CA TYR B 173 16.25 33.38 -19.81
C TYR B 173 16.12 32.06 -20.57
N GLY B 174 14.98 31.92 -21.24
CA GLY B 174 14.71 30.71 -22.01
C GLY B 174 14.56 29.46 -21.14
N LEU B 175 14.06 29.55 -19.92
CA LEU B 175 13.87 28.38 -19.07
C LEU B 175 12.54 27.70 -19.43
N ARG B 176 12.51 26.40 -19.15
CA ARG B 176 11.36 25.53 -19.28
C ARG B 176 11.09 25.19 -17.80
N PHE B 177 9.87 24.91 -17.40
CA PHE B 177 9.61 24.62 -15.97
C PHE B 177 9.03 23.20 -15.86
N ALA B 178 9.57 22.51 -14.87
CA ALA B 178 9.16 21.12 -14.65
C ALA B 178 8.67 21.00 -13.22
N ILE B 179 7.41 20.66 -13.08
CA ILE B 179 6.75 20.50 -11.78
C ILE B 179 6.99 19.03 -11.38
N GLU B 180 7.40 18.81 -10.17
CA GLU B 180 7.67 17.48 -9.65
C GLU B 180 6.59 17.02 -8.70
N PRO B 181 5.81 16.01 -9.10
CA PRO B 181 4.72 15.48 -8.26
C PRO B 181 5.22 14.48 -7.22
N LYS B 182 4.54 14.36 -6.09
CA LYS B 182 4.90 13.39 -5.01
C LYS B 182 3.61 13.22 -4.21
N PRO B 183 3.23 12.01 -3.85
CA PRO B 183 1.98 11.79 -3.13
C PRO B 183 1.93 12.24 -1.69
N ASN B 184 3.03 12.08 -0.93
CA ASN B 184 3.11 12.43 0.50
C ASN B 184 4.56 12.52 0.92
N GLU B 185 4.75 12.92 2.15
CA GLU B 185 6.08 13.07 2.78
C GLU B 185 6.87 14.22 2.16
N PRO B 186 7.04 15.29 2.93
CA PRO B 186 6.61 15.48 4.30
C PRO B 186 5.19 15.80 4.63
N ARG B 187 4.33 16.28 3.77
CA ARG B 187 2.94 16.55 4.18
C ARG B 187 2.18 15.22 4.15
N GLY B 188 1.15 15.11 4.94
CA GLY B 188 0.31 13.90 4.96
C GLY B 188 -0.15 13.67 3.51
N ASP B 189 -0.56 14.68 2.75
CA ASP B 189 -1.01 14.62 1.37
C ASP B 189 -0.45 15.87 0.66
N ILE B 190 0.25 15.65 -0.44
CA ILE B 190 0.85 16.72 -1.23
C ILE B 190 0.00 17.08 -2.46
N LEU B 191 -0.08 18.36 -2.87
CA LEU B 191 -0.89 18.72 -4.02
C LEU B 191 -0.18 18.26 -5.29
N LEU B 192 -0.92 17.74 -6.27
CA LEU B 192 -0.34 17.24 -7.54
C LEU B 192 0.40 15.96 -7.16
N PRO B 193 -0.34 14.98 -6.64
CA PRO B 193 0.24 13.74 -6.20
C PRO B 193 0.80 12.80 -7.24
N THR B 194 0.48 12.88 -8.50
CA THR B 194 1.02 11.91 -9.46
C THR B 194 1.35 12.67 -10.72
N ALA B 195 2.09 12.02 -11.62
CA ALA B 195 2.45 12.60 -12.91
C ALA B 195 1.17 13.05 -13.60
N GLY B 196 0.10 12.30 -13.45
CA GLY B 196 -1.21 12.57 -14.06
C GLY B 196 -1.71 13.95 -13.65
N HIS B 197 -1.87 14.11 -12.35
CA HIS B 197 -2.33 15.35 -11.72
C HIS B 197 -1.46 16.52 -12.12
N ALA B 198 -0.15 16.34 -12.15
CA ALA B 198 0.79 17.40 -12.53
C ALA B 198 0.58 17.81 -13.96
N ILE B 199 0.36 16.89 -14.91
CA ILE B 199 0.15 17.26 -16.32
C ILE B 199 -1.16 18.00 -16.49
N ALA B 200 -2.21 17.51 -15.84
CA ALA B 200 -3.54 18.14 -15.95
C ALA B 200 -3.41 19.59 -15.51
N PHE B 201 -2.73 19.86 -14.43
CA PHE B 201 -2.53 21.21 -13.89
C PHE B 201 -1.80 22.15 -14.85
N VAL B 202 -0.71 21.76 -15.40
CA VAL B 202 0.18 22.46 -16.31
C VAL B 202 -0.57 22.98 -17.51
N GLN B 203 -1.51 22.17 -17.93
CA GLN B 203 -2.38 22.44 -19.09
C GLN B 203 -3.25 23.65 -18.75
N GLU B 204 -3.44 24.06 -17.53
CA GLU B 204 -4.25 25.19 -17.15
C GLU B 204 -3.47 26.49 -16.99
N LEU B 205 -2.17 26.46 -17.16
CA LEU B 205 -1.36 27.66 -17.02
C LEU B 205 -1.51 28.58 -18.25
N GLU B 206 -1.01 29.80 -18.12
CA GLU B 206 -1.07 30.76 -19.23
C GLU B 206 -0.17 30.47 -20.41
N ARG B 207 1.01 29.94 -20.25
CA ARG B 207 1.96 29.58 -21.30
C ARG B 207 2.40 28.13 -21.06
N PRO B 208 1.44 27.23 -21.27
CA PRO B 208 1.63 25.80 -21.04
C PRO B 208 2.77 25.18 -21.80
N GLU B 209 3.11 25.73 -22.94
CA GLU B 209 4.21 25.20 -23.73
C GLU B 209 5.49 25.34 -22.93
N LEU B 210 5.56 26.19 -21.93
CA LEU B 210 6.75 26.40 -21.11
C LEU B 210 6.87 25.42 -19.91
N PHE B 211 5.78 24.73 -19.60
CA PHE B 211 5.70 23.78 -18.49
C PHE B 211 5.53 22.31 -18.88
N GLY B 212 6.17 21.51 -18.05
CA GLY B 212 6.15 20.03 -18.21
C GLY B 212 6.35 19.49 -16.77
N ILE B 213 6.71 18.21 -16.75
CA ILE B 213 6.91 17.59 -15.43
C ILE B 213 8.26 16.93 -15.30
N ASN B 214 8.59 16.64 -14.06
CA ASN B 214 9.83 15.98 -13.63
C ASN B 214 9.42 14.85 -12.66
N PRO B 215 8.92 13.75 -13.21
CA PRO B 215 8.48 12.61 -12.41
C PRO B 215 9.65 11.87 -11.78
N GLU B 216 9.46 11.35 -10.59
CA GLU B 216 10.56 10.62 -9.94
C GLU B 216 10.18 9.14 -9.80
N THR B 217 11.04 8.18 -10.10
CA THR B 217 10.68 6.76 -9.98
C THR B 217 9.99 6.37 -8.68
N GLY B 218 10.56 6.73 -7.56
CA GLY B 218 10.06 6.40 -6.23
C GLY B 218 8.74 7.09 -5.89
N HIS B 219 8.53 8.30 -6.40
CA HIS B 219 7.28 9.02 -6.11
C HIS B 219 6.05 8.25 -6.59
N GLU B 220 6.01 7.77 -7.80
CA GLU B 220 4.91 7.04 -8.37
C GLU B 220 4.80 5.69 -7.71
N GLN B 221 5.91 5.08 -7.32
CA GLN B 221 5.97 3.77 -6.66
C GLN B 221 5.45 3.91 -5.27
N MET B 222 5.49 5.05 -4.62
CA MET B 222 4.97 5.27 -3.27
C MET B 222 3.47 5.05 -3.25
N SER B 223 2.81 5.15 -4.38
CA SER B 223 1.36 4.97 -4.52
C SER B 223 1.10 3.67 -5.27
N ASN B 224 2.14 2.90 -5.52
CA ASN B 224 2.14 1.63 -6.20
C ASN B 224 1.74 1.74 -7.67
N LEU B 225 2.03 2.85 -8.31
CA LEU B 225 1.73 3.00 -9.74
C LEU B 225 2.89 2.45 -10.57
N ASN B 226 2.64 2.20 -11.85
CA ASN B 226 3.63 1.65 -12.79
C ASN B 226 4.36 2.86 -13.34
N PHE B 227 5.60 3.09 -12.92
CA PHE B 227 6.38 4.23 -13.37
C PHE B 227 6.51 4.19 -14.88
N THR B 228 7.02 3.12 -15.47
CA THR B 228 7.16 3.10 -16.94
C THR B 228 5.91 3.57 -17.70
N GLN B 229 4.72 3.07 -17.32
CA GLN B 229 3.46 3.42 -17.97
C GLN B 229 3.18 4.90 -17.82
N GLY B 230 3.50 5.50 -16.70
CA GLY B 230 3.29 6.90 -16.40
C GLY B 230 4.18 7.76 -17.27
N ILE B 231 5.42 7.37 -17.42
CA ILE B 231 6.38 8.09 -18.29
C ILE B 231 5.92 7.87 -19.72
N ALA B 232 5.39 6.71 -20.08
CA ALA B 232 4.91 6.52 -21.46
C ALA B 232 3.82 7.55 -21.69
N GLN B 233 2.93 7.81 -20.74
CA GLN B 233 1.85 8.78 -20.91
C GLN B 233 2.41 10.19 -21.02
N ALA B 234 3.36 10.51 -20.16
CA ALA B 234 4.03 11.80 -20.11
C ALA B 234 4.65 12.04 -21.46
N LEU B 235 5.31 11.09 -22.07
CA LEU B 235 5.92 11.25 -23.41
C LEU B 235 4.82 11.44 -24.45
N TRP B 236 3.68 10.80 -24.29
CA TRP B 236 2.55 10.90 -25.22
C TRP B 236 2.06 12.35 -25.30
N HIS B 237 2.01 12.97 -24.14
CA HIS B 237 1.63 14.34 -23.94
C HIS B 237 2.79 15.28 -24.27
N LYS B 238 4.02 14.85 -24.40
CA LYS B 238 5.18 15.71 -24.65
C LYS B 238 5.49 16.64 -23.48
N LYS B 239 5.29 16.10 -22.28
CA LYS B 239 5.56 16.85 -21.05
C LYS B 239 6.71 16.34 -20.21
N LEU B 240 7.56 15.46 -20.78
CA LEU B 240 8.70 14.91 -20.03
C LEU B 240 9.86 15.91 -20.20
N PHE B 241 9.85 16.91 -19.36
CA PHE B 241 10.91 17.93 -19.43
C PHE B 241 12.19 17.48 -18.74
N HIS B 242 12.04 16.56 -17.80
CA HIS B 242 13.19 16.07 -17.01
C HIS B 242 12.76 14.81 -16.27
N ILE B 243 13.67 14.02 -15.74
CA ILE B 243 13.30 12.84 -15.00
C ILE B 243 14.21 12.60 -13.80
N ASP B 244 13.70 12.12 -12.69
CA ASP B 244 14.49 11.82 -11.49
C ASP B 244 14.46 10.28 -11.37
N LEU B 245 15.61 9.65 -11.42
CA LEU B 245 15.76 8.22 -11.34
C LEU B 245 16.27 7.77 -9.97
N ASN B 246 15.62 6.76 -9.39
CA ASN B 246 16.00 6.17 -8.10
C ASN B 246 15.22 4.87 -7.90
N GLY B 247 15.29 4.33 -6.71
CA GLY B 247 14.62 3.03 -6.45
C GLY B 247 13.75 3.13 -5.19
N GLN B 248 12.74 2.28 -5.16
CA GLN B 248 11.79 2.29 -4.03
C GLN B 248 11.15 0.91 -4.00
N HIS B 249 10.77 0.48 -2.83
CA HIS B 249 10.09 -0.76 -2.53
C HIS B 249 8.64 -0.45 -2.08
N GLY B 250 7.81 -0.07 -3.03
CA GLY B 250 6.41 0.22 -2.92
C GLY B 250 6.01 1.30 -1.94
N PRO B 251 4.74 1.22 -1.50
CA PRO B 251 4.19 2.18 -0.56
C PRO B 251 4.78 2.19 0.84
N LYS B 252 5.76 3.03 1.06
CA LYS B 252 6.38 3.14 2.43
C LYS B 252 7.09 4.48 2.35
N PHE B 253 7.88 4.91 3.29
CA PHE B 253 8.64 6.16 3.23
C PHE B 253 9.51 6.13 1.97
N ASP B 254 9.78 7.32 1.48
CA ASP B 254 10.63 7.69 0.34
C ASP B 254 12.00 7.09 0.59
N GLN B 255 12.38 6.02 -0.08
CA GLN B 255 13.68 5.37 0.16
C GLN B 255 14.87 6.00 -0.53
N ASP B 256 14.72 6.45 -1.75
CA ASP B 256 15.83 7.06 -2.50
C ASP B 256 17.00 6.11 -2.72
N LEU B 257 16.77 4.87 -3.11
CA LEU B 257 17.87 3.92 -3.35
C LEU B 257 18.45 4.22 -4.73
N VAL B 258 19.54 3.55 -5.05
CA VAL B 258 20.18 3.67 -6.36
C VAL B 258 19.13 3.25 -7.40
N PHE B 259 19.20 3.83 -8.59
CA PHE B 259 18.26 3.44 -9.64
C PHE B 259 18.46 1.94 -9.89
N GLY B 260 17.37 1.19 -9.89
CA GLY B 260 17.35 -0.23 -10.18
C GLY B 260 17.49 -1.14 -9.00
N HIS B 261 17.67 -0.56 -7.83
CA HIS B 261 17.81 -1.28 -6.56
C HIS B 261 16.45 -1.49 -5.91
N GLY B 262 15.40 -0.95 -6.46
CA GLY B 262 14.02 -1.13 -5.95
C GLY B 262 13.24 -2.11 -6.82
N ASP B 263 12.46 -1.61 -7.75
CA ASP B 263 11.69 -2.49 -8.68
C ASP B 263 12.58 -2.66 -9.94
N LEU B 264 13.34 -3.76 -9.97
CA LEU B 264 14.27 -4.06 -11.06
C LEU B 264 13.57 -4.27 -12.38
N LEU B 265 12.47 -5.02 -12.40
CA LEU B 265 11.77 -5.24 -13.67
C LEU B 265 11.28 -3.90 -14.22
N ASN B 266 10.78 -2.99 -13.40
CA ASN B 266 10.27 -1.72 -13.94
C ASN B 266 11.42 -0.80 -14.35
N ALA B 267 12.60 -0.97 -13.79
CA ALA B 267 13.75 -0.14 -14.18
C ALA B 267 14.16 -0.60 -15.58
N PHE B 268 14.02 -1.87 -15.87
CA PHE B 268 14.38 -2.47 -17.17
C PHE B 268 13.49 -1.91 -18.29
N SER B 269 12.18 -2.01 -18.12
CA SER B 269 11.17 -1.53 -19.05
C SER B 269 11.24 -0.01 -19.25
N LEU B 270 11.65 0.74 -18.24
CA LEU B 270 11.80 2.19 -18.36
C LEU B 270 12.99 2.50 -19.27
N VAL B 271 14.14 1.87 -19.06
CA VAL B 271 15.36 2.08 -19.83
C VAL B 271 15.04 1.73 -21.29
N ASP B 272 14.31 0.66 -21.45
CA ASP B 272 13.88 0.23 -22.80
C ASP B 272 13.04 1.33 -23.43
N LEU B 273 12.08 1.91 -22.73
CA LEU B 273 11.20 2.96 -23.25
C LEU B 273 11.96 4.25 -23.61
N LEU B 274 12.85 4.71 -22.74
CA LEU B 274 13.63 5.91 -23.02
C LEU B 274 14.65 5.74 -24.15
N GLU B 275 15.26 4.62 -24.32
CA GLU B 275 16.28 4.42 -25.32
C GLU B 275 15.93 3.80 -26.65
N ASN B 276 15.02 2.87 -26.64
CA ASN B 276 14.57 2.13 -27.81
C ASN B 276 13.29 2.86 -28.26
N GLY B 277 13.58 4.08 -28.62
CA GLY B 277 12.55 4.99 -29.09
C GLY B 277 12.42 4.71 -30.60
N PRO B 278 11.47 5.42 -31.18
CA PRO B 278 11.20 5.33 -32.63
C PRO B 278 12.37 5.99 -33.40
N ASP B 279 12.58 5.29 -34.51
CA ASP B 279 13.63 5.63 -35.48
C ASP B 279 14.92 5.22 -34.77
N GLY B 280 14.91 4.05 -34.17
CA GLY B 280 16.06 3.54 -33.41
C GLY B 280 16.47 4.30 -32.13
N ALA B 281 16.42 5.62 -32.27
CA ALA B 281 16.76 6.63 -31.28
C ALA B 281 15.88 6.71 -30.03
N PRO B 282 16.48 7.26 -29.00
CA PRO B 282 15.85 7.44 -27.71
C PRO B 282 14.60 8.31 -27.86
N ALA B 283 13.63 7.92 -27.08
CA ALA B 283 12.36 8.66 -27.08
C ALA B 283 12.54 9.89 -26.20
N TYR B 284 13.58 9.92 -25.41
CA TYR B 284 13.84 11.02 -24.47
C TYR B 284 15.29 11.40 -24.58
N ASP B 285 15.45 12.70 -24.70
CA ASP B 285 16.77 13.30 -24.90
C ASP B 285 17.23 14.19 -23.79
N GLY B 286 16.60 14.31 -22.66
CA GLY B 286 17.09 15.18 -21.58
C GLY B 286 18.05 14.40 -20.68
N PRO B 287 18.37 15.06 -19.56
CA PRO B 287 19.26 14.52 -18.53
C PRO B 287 18.65 13.29 -17.84
N ARG B 288 19.57 12.36 -17.55
CA ARG B 288 19.17 11.11 -16.84
C ARG B 288 19.65 11.54 -15.46
N HIS B 289 18.83 12.15 -14.66
CA HIS B 289 19.22 12.65 -13.33
C HIS B 289 18.92 11.75 -12.18
N PHE B 290 19.91 11.43 -11.35
CA PHE B 290 19.77 10.53 -10.19
C PHE B 290 19.45 11.32 -8.93
N ASP B 291 18.22 11.20 -8.47
CA ASP B 291 17.84 11.92 -7.22
C ASP B 291 17.75 10.77 -6.23
N TYR B 292 18.86 10.41 -5.60
CA TYR B 292 18.92 9.27 -4.68
C TYR B 292 19.75 9.65 -3.48
N LYS B 293 19.89 8.73 -2.54
CA LYS B 293 20.64 8.97 -1.30
C LYS B 293 21.44 7.71 -0.91
N PRO B 294 22.72 7.92 -0.67
CA PRO B 294 23.63 6.84 -0.25
C PRO B 294 23.10 6.43 1.11
N SER B 295 22.81 5.21 1.38
CA SER B 295 22.26 4.70 2.62
C SER B 295 23.07 5.23 3.78
N ARG B 296 22.42 5.45 4.90
CA ARG B 296 22.94 5.96 6.16
C ARG B 296 24.03 5.07 6.75
N THR B 297 24.10 3.80 6.42
CA THR B 297 25.07 2.86 6.93
C THR B 297 26.45 2.99 6.27
N GLU B 298 26.52 3.89 5.30
CA GLU B 298 27.72 4.11 4.50
C GLU B 298 28.59 5.32 4.80
N ASP B 299 29.85 5.22 4.48
CA ASP B 299 30.83 6.32 4.63
C ASP B 299 31.07 6.87 3.20
N TYR B 300 31.98 7.84 3.11
CA TYR B 300 32.28 8.48 1.82
C TYR B 300 32.67 7.48 0.75
N ASP B 301 33.21 6.34 1.12
CA ASP B 301 33.56 5.34 0.11
C ASP B 301 32.26 4.76 -0.45
N GLY B 302 31.34 4.48 0.45
CA GLY B 302 30.06 3.90 0.02
C GLY B 302 29.39 5.01 -0.80
N VAL B 303 29.60 6.26 -0.42
CA VAL B 303 29.00 7.37 -1.18
C VAL B 303 29.46 7.33 -2.63
N TRP B 304 30.73 7.33 -2.97
CA TRP B 304 31.16 7.26 -4.38
C TRP B 304 30.78 5.93 -4.99
N GLU B 305 30.74 4.89 -4.17
CA GLU B 305 30.36 3.55 -4.69
C GLU B 305 28.95 3.59 -5.26
N SER B 306 28.07 4.15 -4.44
CA SER B 306 26.65 4.34 -4.73
C SER B 306 26.47 5.25 -5.94
N ALA B 307 27.27 6.29 -6.13
CA ALA B 307 27.16 7.19 -7.29
C ALA B 307 27.43 6.39 -8.56
N LYS B 308 28.48 5.63 -8.60
CA LYS B 308 28.87 4.80 -9.72
C LYS B 308 27.84 3.73 -9.98
N ALA B 309 27.21 3.24 -8.91
CA ALA B 309 26.18 2.18 -9.08
C ALA B 309 25.01 2.65 -9.92
N ASN B 310 24.60 3.90 -9.75
CA ASN B 310 23.48 4.47 -10.53
C ASN B 310 23.86 4.36 -12.00
N ILE B 311 25.04 4.79 -12.42
CA ILE B 311 25.51 4.75 -13.80
C ILE B 311 25.62 3.32 -14.27
N ARG B 312 26.25 2.46 -13.50
CA ARG B 312 26.41 1.05 -13.90
C ARG B 312 25.09 0.38 -14.17
N MET B 313 24.08 0.54 -13.36
CA MET B 313 22.72 0.00 -13.45
C MET B 313 22.05 0.48 -14.74
N TYR B 314 22.04 1.79 -14.98
CA TYR B 314 21.45 2.31 -16.23
C TYR B 314 22.13 1.70 -17.45
N LEU B 315 23.46 1.70 -17.54
CA LEU B 315 24.17 1.15 -18.68
C LEU B 315 24.00 -0.36 -18.78
N LEU B 316 23.96 -1.11 -17.69
CA LEU B 316 23.74 -2.56 -17.81
C LEU B 316 22.35 -2.89 -18.38
N LEU B 317 21.37 -2.10 -17.94
CA LEU B 317 19.96 -2.21 -18.34
C LEU B 317 19.79 -1.84 -19.80
N LYS B 318 20.46 -0.77 -20.20
CA LYS B 318 20.42 -0.30 -21.60
C LYS B 318 20.87 -1.40 -22.57
N GLU B 319 21.96 -1.99 -22.20
CA GLU B 319 22.63 -3.08 -22.90
C GLU B 319 21.68 -4.24 -23.04
N ARG B 320 20.92 -4.61 -22.03
CA ARG B 320 19.97 -5.73 -22.14
C ARG B 320 18.70 -5.39 -22.90
N ALA B 321 18.28 -4.14 -22.84
CA ALA B 321 17.09 -3.63 -23.52
C ALA B 321 17.34 -3.71 -25.02
N LYS B 322 18.53 -3.37 -25.45
CA LYS B 322 18.89 -3.45 -26.87
C LYS B 322 18.98 -4.90 -27.30
N ALA B 323 19.64 -5.75 -26.52
CA ALA B 323 19.73 -7.15 -26.91
C ALA B 323 18.34 -7.75 -27.09
N PHE B 324 17.44 -7.39 -26.21
CA PHE B 324 16.06 -7.86 -26.15
C PHE B 324 15.33 -7.56 -27.45
N ARG B 325 15.36 -6.30 -27.82
CA ARG B 325 14.69 -5.84 -29.05
C ARG B 325 15.35 -6.45 -30.30
N ALA B 326 16.63 -6.70 -30.26
CA ALA B 326 17.34 -7.27 -31.41
C ALA B 326 17.15 -8.77 -31.56
N ASP B 327 16.65 -9.46 -30.61
CA ASP B 327 16.44 -10.91 -30.63
C ASP B 327 15.28 -11.33 -31.50
N PRO B 328 15.58 -12.10 -32.52
CA PRO B 328 14.58 -12.64 -33.46
C PRO B 328 13.41 -13.37 -32.81
N GLU B 329 13.70 -14.10 -31.71
CA GLU B 329 12.60 -14.83 -31.05
C GLU B 329 11.69 -13.87 -30.30
N VAL B 330 12.24 -12.73 -29.93
CA VAL B 330 11.47 -11.68 -29.28
C VAL B 330 10.58 -11.13 -30.41
N GLN B 331 11.21 -10.88 -31.54
CA GLN B 331 10.50 -10.34 -32.72
C GLN B 331 9.33 -11.26 -33.04
N GLU B 332 9.57 -12.55 -32.91
CA GLU B 332 8.53 -13.54 -33.19
C GLU B 332 7.46 -13.45 -32.11
N ALA B 333 7.87 -13.23 -30.87
CA ALA B 333 6.89 -13.13 -29.78
C ALA B 333 6.06 -11.87 -29.94
N LEU B 334 6.72 -10.73 -30.24
CA LEU B 334 6.02 -9.44 -30.42
C LEU B 334 4.97 -9.59 -31.50
N ALA B 335 5.29 -10.29 -32.56
CA ALA B 335 4.32 -10.50 -33.65
C ALA B 335 3.15 -11.31 -33.15
N ALA B 336 3.37 -12.40 -32.46
CA ALA B 336 2.30 -13.25 -31.92
C ALA B 336 1.49 -12.44 -30.91
N SER B 337 2.05 -11.45 -30.25
CA SER B 337 1.26 -10.72 -29.23
C SER B 337 0.48 -9.55 -29.82
N LYS B 338 0.77 -9.28 -31.08
CA LYS B 338 0.18 -8.23 -31.87
C LYS B 338 0.45 -6.82 -31.30
N VAL B 339 1.62 -6.77 -30.72
CA VAL B 339 2.01 -5.50 -30.11
C VAL B 339 1.95 -4.39 -31.14
N ALA B 340 2.46 -4.55 -32.34
CA ALA B 340 2.46 -3.47 -33.34
C ALA B 340 1.11 -3.26 -34.01
N GLU B 341 0.20 -4.19 -33.85
CA GLU B 341 -1.10 -4.01 -34.53
C GLU B 341 -1.91 -2.90 -33.88
N LEU B 342 -1.46 -2.48 -32.71
CA LEU B 342 -2.09 -1.42 -31.89
C LEU B 342 -1.74 -0.08 -32.54
N LYS B 343 -0.68 -0.08 -33.32
CA LYS B 343 -0.27 1.15 -34.00
C LYS B 343 -1.06 1.45 -35.26
N THR B 344 -1.73 0.50 -35.85
CA THR B 344 -2.56 0.64 -37.02
C THR B 344 -3.91 1.14 -36.52
N PRO B 345 -4.39 2.22 -37.07
CA PRO B 345 -5.67 2.81 -36.67
C PRO B 345 -6.77 1.75 -36.73
N THR B 346 -7.70 1.99 -35.80
CA THR B 346 -8.86 1.13 -35.70
C THR B 346 -9.74 1.26 -36.95
N LEU B 347 -9.87 2.48 -37.47
CA LEU B 347 -10.67 2.76 -38.67
C LEU B 347 -9.82 2.83 -39.93
N ASN B 348 -10.39 2.38 -41.04
CA ASN B 348 -9.66 2.46 -42.33
C ASN B 348 -9.62 3.94 -42.70
N PRO B 349 -8.65 4.38 -43.48
CA PRO B 349 -8.54 5.79 -43.88
C PRO B 349 -9.87 6.24 -44.44
N GLY B 350 -10.36 7.40 -44.02
CA GLY B 350 -11.65 7.86 -44.53
C GLY B 350 -12.84 7.20 -43.90
N GLU B 351 -12.77 6.24 -43.01
CA GLU B 351 -13.97 5.66 -42.40
C GLU B 351 -14.39 6.51 -41.21
N GLY B 352 -15.65 6.76 -40.96
CA GLY B 352 -16.23 7.52 -39.85
C GLY B 352 -17.32 6.61 -39.23
N TYR B 353 -18.14 7.13 -38.34
CA TYR B 353 -19.15 6.25 -37.73
C TYR B 353 -20.13 5.69 -38.73
N ALA B 354 -20.38 6.42 -39.79
CA ALA B 354 -21.33 5.95 -40.83
C ALA B 354 -20.87 4.67 -41.50
N GLU B 355 -19.62 4.62 -41.89
CA GLU B 355 -19.08 3.44 -42.56
C GLU B 355 -18.86 2.37 -41.52
N LEU B 356 -18.50 2.72 -40.29
CA LEU B 356 -18.28 1.69 -39.26
C LEU B 356 -19.64 1.03 -39.00
N LEU B 357 -20.70 1.82 -38.96
CA LEU B 357 -22.05 1.30 -38.74
C LEU B 357 -22.52 0.36 -39.83
N ALA B 358 -22.08 0.58 -41.03
CA ALA B 358 -22.43 -0.18 -42.22
C ALA B 358 -21.69 -1.49 -42.33
N ASP B 359 -20.64 -1.67 -41.54
CA ASP B 359 -19.83 -2.91 -41.53
C ASP B 359 -20.45 -4.01 -40.68
N ARG B 360 -21.18 -4.94 -41.25
CA ARG B 360 -21.75 -6.01 -40.44
C ARG B 360 -20.69 -6.84 -39.75
N SER B 361 -19.52 -6.87 -40.33
CA SER B 361 -18.43 -7.68 -39.76
C SER B 361 -17.87 -7.14 -38.46
N ALA B 362 -18.08 -5.89 -38.13
CA ALA B 362 -17.61 -5.33 -36.87
C ALA B 362 -18.68 -5.59 -35.82
N PHE B 363 -19.80 -6.22 -36.08
CA PHE B 363 -20.79 -6.36 -35.00
C PHE B 363 -21.76 -7.47 -35.34
N GLU B 364 -22.73 -7.19 -36.18
CA GLU B 364 -23.72 -8.19 -36.53
C GLU B 364 -23.15 -9.54 -36.88
N ASP B 365 -22.08 -9.62 -37.65
CA ASP B 365 -21.55 -10.93 -38.05
C ASP B 365 -20.25 -11.17 -37.34
N TYR B 366 -19.96 -10.48 -36.26
CA TYR B 366 -18.67 -10.73 -35.60
C TYR B 366 -18.77 -11.89 -34.62
N ASP B 367 -17.82 -12.79 -34.69
CA ASP B 367 -17.74 -13.97 -33.81
C ASP B 367 -16.84 -13.67 -32.60
N ALA B 368 -17.42 -13.04 -31.60
CA ALA B 368 -16.67 -12.67 -30.41
C ALA B 368 -16.12 -13.92 -29.73
N ASP B 369 -16.87 -14.98 -29.79
CA ASP B 369 -16.48 -16.25 -29.16
C ASP B 369 -15.22 -16.85 -29.75
N ALA B 370 -15.07 -16.88 -31.05
CA ALA B 370 -13.88 -17.42 -31.68
C ALA B 370 -12.72 -16.47 -31.37
N VAL B 371 -12.92 -15.16 -31.42
CA VAL B 371 -11.84 -14.21 -31.15
C VAL B 371 -11.35 -14.32 -29.70
N GLY B 372 -12.28 -14.48 -28.79
CA GLY B 372 -12.06 -14.61 -27.37
C GLY B 372 -11.33 -15.87 -26.97
N ALA B 373 -11.31 -16.88 -27.83
CA ALA B 373 -10.60 -18.14 -27.52
C ALA B 373 -9.09 -18.13 -27.80
N LYS B 374 -8.61 -17.24 -28.62
CA LYS B 374 -7.20 -17.13 -28.98
C LYS B 374 -6.39 -16.35 -27.95
N GLY B 375 -5.28 -16.91 -27.57
CA GLY B 375 -4.39 -16.31 -26.58
C GLY B 375 -3.45 -15.29 -27.15
N PHE B 376 -2.90 -14.41 -26.35
CA PHE B 376 -2.00 -13.39 -26.84
C PHE B 376 -0.53 -13.72 -26.68
N GLY B 377 -0.17 -14.76 -25.96
CA GLY B 377 1.24 -15.12 -25.79
C GLY B 377 2.05 -14.10 -25.02
N PHE B 378 1.39 -13.43 -24.10
CA PHE B 378 2.05 -12.39 -23.27
C PHE B 378 3.01 -13.01 -22.28
N VAL B 379 2.64 -14.16 -21.69
CA VAL B 379 3.55 -14.77 -20.71
C VAL B 379 4.89 -15.13 -21.36
N LYS B 380 4.84 -15.75 -22.53
CA LYS B 380 6.08 -16.09 -23.25
C LYS B 380 6.92 -14.85 -23.55
N LEU B 381 6.24 -13.81 -24.02
CA LEU B 381 6.94 -12.52 -24.32
C LEU B 381 7.59 -12.00 -23.01
N ASN B 382 6.89 -12.08 -21.88
CA ASN B 382 7.45 -11.59 -20.64
C ASN B 382 8.71 -12.35 -20.24
N GLN B 383 8.65 -13.67 -20.31
CA GLN B 383 9.71 -14.59 -19.96
C GLN B 383 10.93 -14.28 -20.81
N LEU B 384 10.77 -13.98 -22.08
CA LEU B 384 11.91 -13.63 -22.96
C LEU B 384 12.52 -12.33 -22.49
N ALA B 385 11.69 -11.39 -22.07
CA ALA B 385 12.21 -10.10 -21.60
C ALA B 385 13.11 -10.34 -20.41
N ILE B 386 12.61 -11.08 -19.44
CA ILE B 386 13.38 -11.40 -18.22
C ILE B 386 14.64 -12.17 -18.50
N GLU B 387 14.63 -13.19 -19.33
CA GLU B 387 15.85 -13.96 -19.64
C GLU B 387 16.86 -13.00 -20.23
N HIS B 388 16.43 -11.99 -20.99
CA HIS B 388 17.36 -11.01 -21.54
C HIS B 388 17.97 -10.23 -20.39
N LEU B 389 17.14 -9.80 -19.43
CA LEU B 389 17.60 -9.08 -18.24
C LEU B 389 18.57 -9.91 -17.39
N LEU B 390 18.37 -11.22 -17.23
CA LEU B 390 19.27 -12.07 -16.46
C LEU B 390 20.55 -12.42 -17.24
N GLY B 391 20.64 -12.04 -18.48
CA GLY B 391 21.78 -12.35 -19.33
C GLY B 391 21.74 -13.86 -19.60
N ALA B 392 20.60 -14.49 -19.63
CA ALA B 392 20.41 -15.92 -19.83
C ALA B 392 20.21 -16.28 -21.30
N ARG B 393 20.15 -15.25 -22.09
CA ARG B 393 19.99 -15.39 -23.53
C ARG B 393 20.94 -14.25 -24.05
N VAL C 2 19.70 -24.97 -18.26
CA VAL C 2 19.41 -25.86 -17.11
C VAL C 2 18.06 -26.59 -17.21
N GLN C 3 18.06 -27.87 -16.84
CA GLN C 3 16.87 -28.74 -16.83
C GLN C 3 16.50 -29.20 -15.41
N ALA C 4 15.20 -29.42 -15.23
CA ALA C 4 14.56 -29.89 -14.00
C ALA C 4 14.74 -31.39 -13.74
N THR C 5 15.03 -31.77 -12.50
CA THR C 5 15.20 -33.13 -12.01
C THR C 5 14.14 -33.40 -10.91
N ARG C 6 13.88 -34.67 -10.62
CA ARG C 6 12.89 -35.01 -9.60
C ARG C 6 13.44 -34.48 -8.28
N GLU C 7 14.73 -34.32 -8.22
CA GLU C 7 15.47 -33.84 -7.05
C GLU C 7 15.26 -32.40 -6.68
N ASP C 8 14.84 -31.61 -7.65
CA ASP C 8 14.53 -30.19 -7.56
C ASP C 8 13.18 -30.03 -6.83
N LYS C 9 12.39 -31.06 -6.99
CA LYS C 9 11.08 -31.13 -6.36
C LYS C 9 10.09 -30.02 -6.71
N PHE C 10 9.85 -29.86 -7.99
CA PHE C 10 8.90 -28.84 -8.43
C PHE C 10 7.52 -29.48 -8.38
N SER C 11 6.55 -28.83 -7.76
CA SER C 11 5.21 -29.40 -7.73
C SER C 11 4.25 -28.29 -8.14
N PHE C 12 3.08 -28.64 -8.62
CA PHE C 12 2.10 -27.64 -9.06
C PHE C 12 0.71 -28.02 -8.57
N GLY C 13 -0.16 -27.07 -8.33
CA GLY C 13 -1.51 -27.47 -7.94
C GLY C 13 -2.30 -27.69 -9.26
N LEU C 14 -3.22 -28.61 -9.19
CA LEU C 14 -4.11 -28.98 -10.29
C LEU C 14 -4.87 -27.75 -10.77
N TRP C 15 -5.19 -26.88 -9.85
CA TRP C 15 -5.92 -25.61 -9.92
C TRP C 15 -5.09 -24.47 -10.49
N THR C 16 -3.78 -24.61 -10.69
CA THR C 16 -2.95 -23.53 -11.23
C THR C 16 -3.13 -23.57 -12.73
N VAL C 17 -2.58 -24.59 -13.37
CA VAL C 17 -2.66 -24.83 -14.81
C VAL C 17 -4.12 -25.04 -15.24
N GLY C 18 -4.94 -25.51 -14.33
CA GLY C 18 -6.33 -25.77 -14.58
C GLY C 18 -7.19 -24.56 -14.34
N TRP C 19 -6.69 -23.38 -14.00
CA TRP C 19 -7.52 -22.18 -13.75
C TRP C 19 -8.17 -21.70 -15.04
N GLN C 20 -9.47 -21.68 -15.16
CA GLN C 20 -10.19 -21.25 -16.38
C GLN C 20 -10.21 -19.77 -16.65
N ALA C 21 -9.66 -18.99 -15.79
CA ALA C 21 -9.52 -17.55 -15.93
C ALA C 21 -10.84 -16.79 -15.89
N ARG C 22 -11.69 -17.27 -15.03
CA ARG C 22 -12.99 -16.64 -14.77
C ARG C 22 -12.57 -15.66 -13.67
N ASP C 23 -12.55 -14.37 -13.78
CA ASP C 23 -12.10 -13.53 -12.66
C ASP C 23 -13.31 -12.82 -12.07
N ALA C 24 -13.06 -11.85 -11.22
CA ALA C 24 -14.11 -11.10 -10.55
C ALA C 24 -14.94 -10.22 -11.49
N PHE C 25 -14.37 -9.95 -12.65
CA PHE C 25 -15.04 -9.13 -13.66
C PHE C 25 -15.24 -9.76 -15.04
N GLY C 26 -15.07 -11.07 -15.18
CA GLY C 26 -15.24 -11.68 -16.49
C GLY C 26 -15.34 -13.18 -16.48
N ASP C 27 -15.84 -13.64 -17.61
CA ASP C 27 -16.08 -15.06 -17.86
C ASP C 27 -14.72 -15.73 -18.08
N ALA C 28 -14.79 -17.05 -18.00
CA ALA C 28 -13.66 -17.95 -18.18
C ALA C 28 -13.21 -17.85 -19.64
N THR C 29 -11.90 -17.80 -19.87
CA THR C 29 -11.43 -17.72 -21.26
C THR C 29 -10.83 -19.06 -21.65
N ARG C 30 -10.82 -20.04 -20.76
CA ARG C 30 -10.23 -21.35 -21.11
C ARG C 30 -11.22 -22.42 -20.70
N THR C 31 -11.14 -23.53 -21.39
CA THR C 31 -12.05 -24.69 -21.09
C THR C 31 -11.42 -25.46 -19.97
N ALA C 32 -12.15 -26.35 -19.35
CA ALA C 32 -11.64 -27.15 -18.24
C ALA C 32 -10.49 -28.06 -18.66
N LEU C 33 -9.57 -28.25 -17.74
CA LEU C 33 -8.41 -29.13 -17.99
C LEU C 33 -8.72 -30.45 -17.28
N ASP C 34 -8.50 -31.53 -17.98
CA ASP C 34 -8.71 -32.89 -17.45
C ASP C 34 -7.48 -33.25 -16.59
N PRO C 35 -7.74 -33.77 -15.41
CA PRO C 35 -6.74 -34.16 -14.43
C PRO C 35 -5.68 -35.17 -14.86
N VAL C 36 -6.13 -36.11 -15.67
CA VAL C 36 -5.22 -37.17 -16.16
C VAL C 36 -4.29 -36.47 -17.14
N GLU C 37 -4.86 -35.56 -17.87
CA GLU C 37 -4.14 -34.75 -18.85
C GLU C 37 -3.11 -33.90 -18.16
N ALA C 38 -3.53 -33.22 -17.10
CA ALA C 38 -2.65 -32.35 -16.31
C ALA C 38 -1.48 -33.15 -15.74
N VAL C 39 -1.71 -34.35 -15.23
CA VAL C 39 -0.68 -35.20 -14.68
C VAL C 39 0.37 -35.52 -15.75
N HIS C 40 -0.17 -35.85 -16.91
CA HIS C 40 0.66 -36.18 -18.08
C HIS C 40 1.42 -34.95 -18.54
N LYS C 41 0.80 -33.79 -18.72
CA LYS C 41 1.56 -32.60 -19.13
C LYS C 41 2.57 -32.12 -18.10
N LEU C 42 2.23 -32.18 -16.82
CA LEU C 42 3.11 -31.77 -15.73
C LEU C 42 4.28 -32.74 -15.69
N ALA C 43 4.04 -34.01 -15.88
CA ALA C 43 5.13 -35.00 -15.83
C ALA C 43 6.19 -34.67 -16.87
N GLU C 44 5.71 -34.24 -18.01
CA GLU C 44 6.50 -33.85 -19.19
C GLU C 44 7.33 -32.60 -19.03
N ILE C 45 6.90 -31.56 -18.32
CA ILE C 45 7.67 -30.34 -18.14
C ILE C 45 8.68 -30.41 -16.98
N GLY C 46 8.67 -31.50 -16.25
CA GLY C 46 9.63 -31.72 -15.17
C GLY C 46 9.17 -31.69 -13.73
N ALA C 47 7.87 -31.61 -13.49
CA ALA C 47 7.29 -31.58 -12.16
C ALA C 47 7.51 -32.95 -11.55
N TYR C 48 7.73 -32.99 -10.25
CA TYR C 48 7.92 -34.30 -9.57
C TYR C 48 6.60 -34.68 -8.87
N GLY C 49 5.73 -33.70 -8.62
CA GLY C 49 4.48 -34.00 -7.90
C GLY C 49 3.38 -33.02 -8.25
N ILE C 50 2.16 -33.35 -7.93
CA ILE C 50 0.95 -32.59 -8.13
C ILE C 50 0.13 -32.50 -6.85
N THR C 51 -0.62 -31.44 -6.65
CA THR C 51 -1.45 -31.28 -5.44
C THR C 51 -2.84 -30.88 -5.87
N PHE C 52 -3.83 -30.95 -4.99
CA PHE C 52 -5.18 -30.56 -5.41
C PHE C 52 -6.10 -30.37 -4.22
N HIS C 53 -7.14 -29.61 -4.43
CA HIS C 53 -8.13 -29.41 -3.36
C HIS C 53 -9.07 -30.62 -3.72
N ASP C 54 -9.84 -31.14 -2.80
CA ASP C 54 -10.78 -32.21 -3.06
C ASP C 54 -11.65 -31.92 -4.30
N ASP C 55 -12.32 -30.77 -4.30
CA ASP C 55 -13.22 -30.31 -5.34
C ASP C 55 -12.52 -30.00 -6.65
N ASP C 56 -11.22 -30.04 -6.75
CA ASP C 56 -10.53 -29.79 -8.01
C ASP C 56 -10.59 -31.10 -8.82
N LEU C 57 -10.48 -32.24 -8.18
CA LEU C 57 -10.47 -33.58 -8.73
C LEU C 57 -11.86 -34.20 -8.89
N VAL C 58 -12.62 -34.23 -7.82
CA VAL C 58 -13.97 -34.76 -7.68
C VAL C 58 -14.90 -33.57 -7.50
N PRO C 59 -15.72 -33.32 -8.49
CA PRO C 59 -16.66 -32.21 -8.49
C PRO C 59 -17.53 -32.24 -7.25
N PHE C 60 -17.77 -31.09 -6.69
CA PHE C 60 -18.61 -30.99 -5.48
C PHE C 60 -19.90 -31.77 -5.80
N GLY C 61 -20.21 -32.61 -4.83
CA GLY C 61 -21.40 -33.45 -4.85
C GLY C 61 -21.43 -34.71 -5.67
N SER C 62 -20.32 -35.24 -6.14
CA SER C 62 -20.25 -36.48 -6.93
C SER C 62 -20.65 -37.62 -6.00
N ASP C 63 -21.40 -38.55 -6.57
CA ASP C 63 -21.85 -39.74 -5.82
C ASP C 63 -20.56 -40.57 -5.75
N ALA C 64 -20.54 -41.52 -4.85
CA ALA C 64 -19.39 -42.39 -4.63
C ALA C 64 -18.86 -43.17 -5.82
N GLN C 65 -19.80 -43.62 -6.65
CA GLN C 65 -19.42 -44.41 -7.83
C GLN C 65 -18.56 -43.46 -8.67
N THR C 66 -19.08 -42.27 -8.83
CA THR C 66 -18.39 -41.27 -9.63
C THR C 66 -17.05 -40.92 -9.01
N ARG C 67 -17.10 -40.54 -7.76
CA ARG C 67 -15.89 -40.16 -7.02
C ARG C 67 -14.85 -41.29 -7.08
N ASP C 68 -15.36 -42.48 -6.86
CA ASP C 68 -14.51 -43.66 -6.85
C ASP C 68 -13.86 -43.83 -8.21
N GLY C 69 -14.62 -43.59 -9.25
CA GLY C 69 -14.10 -43.74 -10.60
C GLY C 69 -12.97 -42.79 -10.89
N ILE C 70 -13.13 -41.52 -10.52
CA ILE C 70 -12.11 -40.49 -10.79
C ILE C 70 -10.77 -40.77 -10.11
N ILE C 71 -10.89 -41.19 -8.85
CA ILE C 71 -9.68 -41.48 -8.07
C ILE C 71 -8.86 -42.58 -8.71
N ALA C 72 -9.59 -43.58 -9.15
CA ALA C 72 -8.93 -44.75 -9.78
C ALA C 72 -8.16 -44.34 -11.04
N GLY C 73 -8.79 -43.49 -11.84
CA GLY C 73 -8.14 -42.99 -13.08
C GLY C 73 -6.90 -42.13 -12.81
N PHE C 74 -7.09 -41.31 -11.78
CA PHE C 74 -6.11 -40.38 -11.26
C PHE C 74 -4.91 -41.19 -10.79
N LYS C 75 -5.13 -42.17 -9.95
CA LYS C 75 -4.04 -42.98 -9.42
C LYS C 75 -3.26 -43.65 -10.54
N LYS C 76 -3.96 -44.07 -11.57
CA LYS C 76 -3.31 -44.70 -12.71
C LYS C 76 -2.39 -43.76 -13.45
N ALA C 77 -2.81 -42.50 -13.61
CA ALA C 77 -2.01 -41.50 -14.28
C ALA C 77 -0.74 -41.28 -13.45
N LEU C 78 -0.92 -41.22 -12.14
CA LEU C 78 0.22 -41.01 -11.23
C LEU C 78 1.27 -42.10 -11.48
N ASP C 79 0.74 -43.30 -11.44
CA ASP C 79 1.45 -44.57 -11.61
C ASP C 79 2.36 -44.64 -12.83
N GLU C 80 1.70 -44.33 -13.92
CA GLU C 80 2.30 -44.29 -15.24
C GLU C 80 3.35 -43.20 -15.38
N THR C 81 3.13 -42.01 -14.86
CA THR C 81 4.09 -40.92 -15.03
C THR C 81 5.16 -40.89 -13.96
N GLY C 82 4.91 -41.47 -12.82
CA GLY C 82 5.90 -41.47 -11.75
C GLY C 82 5.80 -40.23 -10.86
N LEU C 83 4.67 -39.56 -10.95
CA LEU C 83 4.39 -38.36 -10.16
C LEU C 83 3.82 -38.78 -8.80
N ILE C 84 4.19 -38.02 -7.79
CA ILE C 84 3.67 -38.20 -6.42
C ILE C 84 2.75 -37.01 -6.04
N VAL C 85 2.09 -37.18 -4.89
CA VAL C 85 1.19 -36.25 -4.27
C VAL C 85 1.79 -35.89 -2.90
N PRO C 86 2.60 -34.86 -2.93
CA PRO C 86 3.25 -34.45 -1.68
C PRO C 86 2.33 -33.79 -0.69
N MET C 87 1.28 -33.17 -1.18
CA MET C 87 0.37 -32.38 -0.30
C MET C 87 -1.01 -32.41 -0.90
N VAL C 88 -2.03 -32.26 -0.10
CA VAL C 88 -3.42 -32.25 -0.51
C VAL C 88 -4.02 -31.11 0.33
N THR C 89 -5.15 -30.59 -0.11
CA THR C 89 -5.84 -29.51 0.62
C THR C 89 -7.33 -29.67 0.36
N THR C 90 -8.13 -28.90 1.04
CA THR C 90 -9.57 -28.90 1.01
C THR C 90 -10.14 -27.53 0.61
N ASN C 91 -11.14 -27.59 -0.27
CA ASN C 91 -11.80 -26.37 -0.69
C ASN C 91 -12.87 -26.04 0.34
N LEU C 92 -12.54 -25.05 1.17
CA LEU C 92 -13.40 -24.50 2.22
C LEU C 92 -13.71 -23.02 1.91
N PHE C 93 -13.77 -22.66 0.64
CA PHE C 93 -14.02 -21.26 0.26
C PHE C 93 -14.99 -21.02 -0.89
N THR C 94 -15.14 -21.96 -1.82
CA THR C 94 -16.03 -21.77 -2.93
C THR C 94 -17.52 -21.80 -2.72
N HIS C 95 -17.97 -22.89 -2.11
CA HIS C 95 -19.42 -23.06 -1.90
C HIS C 95 -20.02 -22.01 -1.01
N PRO C 96 -21.18 -21.49 -1.35
CA PRO C 96 -21.87 -20.46 -0.56
C PRO C 96 -21.98 -20.78 0.92
N VAL C 97 -22.07 -22.01 1.33
CA VAL C 97 -22.17 -22.36 2.75
C VAL C 97 -20.98 -21.79 3.52
N PHE C 98 -19.85 -21.62 2.87
CA PHE C 98 -18.62 -21.12 3.50
C PHE C 98 -18.45 -19.61 3.42
N LYS C 99 -19.50 -18.90 3.06
CA LYS C 99 -19.40 -17.42 2.93
C LYS C 99 -18.90 -16.70 4.17
N ASP C 100 -19.03 -17.24 5.37
CA ASP C 100 -18.52 -16.55 6.58
C ASP C 100 -17.37 -17.36 7.21
N GLY C 101 -16.88 -18.38 6.54
CA GLY C 101 -15.79 -19.23 6.96
C GLY C 101 -16.20 -20.68 6.98
N GLY C 102 -15.24 -21.56 7.17
CA GLY C 102 -15.47 -23.03 7.31
C GLY C 102 -15.30 -23.26 8.81
N PHE C 103 -14.11 -23.43 9.34
CA PHE C 103 -13.88 -23.64 10.79
C PHE C 103 -14.36 -22.49 11.68
N THR C 104 -14.42 -21.25 11.21
CA THR C 104 -14.80 -20.14 12.08
C THR C 104 -16.06 -19.37 11.64
N SER C 105 -16.94 -20.01 10.92
CA SER C 105 -18.22 -19.43 10.51
C SER C 105 -19.01 -19.19 11.77
N ASN C 106 -19.79 -18.12 11.83
CA ASN C 106 -20.64 -17.79 12.99
C ASN C 106 -21.63 -18.95 13.14
N ASP C 107 -22.02 -19.59 12.06
CA ASP C 107 -22.96 -20.73 12.08
C ASP C 107 -22.30 -22.04 12.55
N ARG C 108 -22.73 -22.62 13.66
CA ARG C 108 -22.14 -23.84 14.21
C ARG C 108 -22.28 -25.03 13.29
N SER C 109 -23.33 -25.14 12.53
CA SER C 109 -23.49 -26.31 11.63
C SER C 109 -22.47 -26.29 10.49
N VAL C 110 -22.08 -25.15 9.96
CA VAL C 110 -21.10 -25.07 8.87
C VAL C 110 -19.71 -25.48 9.38
N ARG C 111 -19.44 -25.15 10.64
CA ARG C 111 -18.17 -25.47 11.33
C ARG C 111 -18.04 -26.99 11.38
N ARG C 112 -19.10 -27.65 11.82
CA ARG C 112 -19.19 -29.13 11.92
C ARG C 112 -19.01 -29.73 10.55
N TYR C 113 -19.68 -29.22 9.54
CA TYR C 113 -19.56 -29.72 8.15
C TYR C 113 -18.17 -29.47 7.60
N ALA C 114 -17.55 -28.34 7.92
CA ALA C 114 -16.20 -27.98 7.48
C ALA C 114 -15.22 -29.07 7.96
N ILE C 115 -15.30 -29.48 9.23
CA ILE C 115 -14.43 -30.54 9.77
C ILE C 115 -14.62 -31.85 9.03
N ARG C 116 -15.87 -32.28 8.81
CA ARG C 116 -16.18 -33.51 8.07
C ARG C 116 -15.57 -33.45 6.67
N LYS C 117 -15.71 -32.34 5.95
CA LYS C 117 -15.17 -32.23 4.59
C LYS C 117 -13.65 -32.40 4.64
N VAL C 118 -12.98 -31.89 5.65
CA VAL C 118 -11.53 -32.05 5.75
C VAL C 118 -11.14 -33.48 6.15
N LEU C 119 -11.80 -34.09 7.13
CA LEU C 119 -11.45 -35.47 7.51
C LEU C 119 -11.47 -36.39 6.28
N ARG C 120 -12.50 -36.22 5.49
CA ARG C 120 -12.64 -36.99 4.24
C ARG C 120 -11.47 -36.76 3.29
N GLN C 121 -10.97 -35.54 3.21
CA GLN C 121 -9.84 -35.23 2.36
C GLN C 121 -8.58 -35.86 2.96
N MET C 122 -8.45 -35.91 4.26
CA MET C 122 -7.28 -36.49 4.94
C MET C 122 -7.14 -37.97 4.61
N ASP C 123 -8.26 -38.66 4.56
CA ASP C 123 -8.29 -40.09 4.23
C ASP C 123 -7.75 -40.26 2.81
N LEU C 124 -8.19 -39.46 1.84
CA LEU C 124 -7.71 -39.60 0.45
C LEU C 124 -6.24 -39.27 0.31
N GLY C 125 -5.83 -38.24 1.01
CA GLY C 125 -4.42 -37.81 0.99
C GLY C 125 -3.54 -38.92 1.53
N ALA C 126 -4.04 -39.49 2.62
CA ALA C 126 -3.34 -40.61 3.29
C ALA C 126 -3.23 -41.73 2.25
N GLU C 127 -4.32 -42.01 1.58
CA GLU C 127 -4.43 -43.03 0.55
C GLU C 127 -3.47 -42.77 -0.59
N LEU C 128 -3.23 -41.54 -0.99
CA LEU C 128 -2.32 -41.24 -2.10
C LEU C 128 -0.87 -41.10 -1.65
N GLY C 129 -0.59 -41.13 -0.39
CA GLY C 129 0.76 -40.98 0.14
C GLY C 129 1.14 -39.56 0.50
N ALA C 130 0.21 -38.63 0.59
CA ALA C 130 0.52 -37.24 0.88
C ALA C 130 1.09 -37.16 2.27
N LYS C 131 2.04 -36.29 2.45
CA LYS C 131 2.70 -36.01 3.72
C LYS C 131 2.25 -34.71 4.41
N THR C 132 1.67 -33.76 3.74
CA THR C 132 1.26 -32.50 4.30
C THR C 132 -0.18 -32.19 3.94
N LEU C 133 -0.88 -31.58 4.88
CA LEU C 133 -2.26 -31.14 4.65
C LEU C 133 -2.13 -29.61 4.74
N VAL C 134 -2.43 -28.88 3.69
CA VAL C 134 -2.33 -27.44 3.77
C VAL C 134 -3.76 -26.95 4.07
N LEU C 135 -3.84 -25.96 4.96
CA LEU C 135 -5.15 -25.39 5.30
C LEU C 135 -5.08 -23.90 4.99
N TRP C 136 -5.80 -23.46 3.98
CA TRP C 136 -5.87 -22.03 3.59
C TRP C 136 -7.25 -21.54 4.06
N GLY C 137 -7.30 -20.81 5.17
CA GLY C 137 -8.57 -20.30 5.70
C GLY C 137 -9.00 -19.01 5.03
N GLY C 138 -9.24 -19.01 3.73
CA GLY C 138 -9.61 -17.89 2.90
C GLY C 138 -10.91 -17.21 3.25
N ARG C 139 -11.84 -17.93 3.85
CA ARG C 139 -13.12 -17.32 4.23
C ARG C 139 -13.19 -16.96 5.71
N GLU C 140 -12.14 -17.14 6.49
CA GLU C 140 -12.07 -16.83 7.92
C GLU C 140 -11.64 -15.39 8.09
N GLY C 141 -12.51 -14.54 8.60
CA GLY C 141 -12.13 -13.09 8.76
C GLY C 141 -13.47 -12.35 8.77
N ALA C 142 -13.47 -11.14 8.29
CA ALA C 142 -14.71 -10.34 8.28
C ALA C 142 -14.55 -9.12 7.38
N GLU C 143 -15.69 -8.48 7.19
CA GLU C 143 -15.67 -7.25 6.38
C GLU C 143 -15.84 -6.06 7.32
N TYR C 144 -16.48 -6.31 8.45
CA TYR C 144 -16.81 -5.34 9.51
C TYR C 144 -16.34 -5.90 10.85
N ASP C 145 -15.76 -5.07 11.69
CA ASP C 145 -15.23 -5.47 12.99
C ASP C 145 -16.27 -6.01 13.96
N SER C 146 -17.50 -5.52 14.00
CA SER C 146 -18.46 -6.04 14.99
C SER C 146 -19.05 -7.41 14.61
N ALA C 147 -18.73 -7.87 13.41
CA ALA C 147 -19.27 -9.13 12.91
C ALA C 147 -18.56 -10.39 13.38
N LYS C 148 -17.31 -10.29 13.76
CA LYS C 148 -16.52 -11.43 14.18
C LYS C 148 -15.78 -11.23 15.48
N ASP C 149 -16.03 -12.16 16.40
CA ASP C 149 -15.36 -12.21 17.71
C ASP C 149 -14.06 -12.99 17.42
N VAL C 150 -12.99 -12.24 17.25
CA VAL C 150 -11.65 -12.77 16.93
C VAL C 150 -11.22 -13.81 17.94
N SER C 151 -11.41 -13.55 19.20
CA SER C 151 -11.04 -14.49 20.26
C SER C 151 -11.76 -15.82 20.08
N ALA C 152 -13.08 -15.73 20.00
CA ALA C 152 -13.85 -16.97 19.83
C ALA C 152 -13.41 -17.64 18.53
N ALA C 153 -13.19 -16.85 17.49
CA ALA C 153 -12.77 -17.45 16.20
C ALA C 153 -11.48 -18.24 16.40
N LEU C 154 -10.48 -17.75 17.13
CA LEU C 154 -9.22 -18.49 17.31
C LEU C 154 -9.43 -19.77 18.12
N ASP C 155 -10.31 -19.75 19.11
CA ASP C 155 -10.65 -20.92 19.92
C ASP C 155 -11.22 -22.03 19.04
N ARG C 156 -12.11 -21.64 18.12
CA ARG C 156 -12.76 -22.56 17.19
C ARG C 156 -11.78 -22.99 16.12
N TYR C 157 -10.85 -22.13 15.72
CA TYR C 157 -9.84 -22.55 14.70
C TYR C 157 -8.97 -23.61 15.40
N ARG C 158 -8.60 -23.38 16.64
CA ARG C 158 -7.78 -24.30 17.43
C ARG C 158 -8.53 -25.60 17.73
N GLU C 159 -9.80 -25.45 18.13
CA GLU C 159 -10.61 -26.63 18.44
C GLU C 159 -10.59 -27.58 17.25
N ALA C 160 -10.81 -27.10 16.03
CA ALA C 160 -10.83 -27.91 14.80
C ALA C 160 -9.48 -28.53 14.47
N LEU C 161 -8.39 -27.80 14.59
CA LEU C 161 -7.08 -28.36 14.27
C LEU C 161 -6.67 -29.42 15.28
N ASN C 162 -6.97 -29.23 16.56
CA ASN C 162 -6.59 -30.23 17.57
C ASN C 162 -7.23 -31.58 17.26
N LEU C 163 -8.46 -31.56 16.73
CA LEU C 163 -9.22 -32.75 16.37
C LEU C 163 -8.61 -33.46 15.17
N LEU C 164 -8.20 -32.70 14.16
CA LEU C 164 -7.58 -33.22 12.92
C LEU C 164 -6.28 -33.91 13.33
N ALA C 165 -5.49 -33.28 14.19
CA ALA C 165 -4.23 -33.90 14.60
C ALA C 165 -4.55 -35.18 15.37
N GLN C 166 -5.56 -35.19 16.20
CA GLN C 166 -5.91 -36.37 16.97
C GLN C 166 -6.19 -37.56 16.05
N TYR C 167 -7.05 -37.30 15.10
CA TYR C 167 -7.44 -38.34 14.15
C TYR C 167 -6.27 -38.85 13.33
N SER C 168 -5.41 -37.98 12.86
CA SER C 168 -4.24 -38.34 12.01
C SER C 168 -3.31 -39.24 12.79
N GLU C 169 -3.09 -38.85 14.02
CA GLU C 169 -2.23 -39.56 14.97
C GLU C 169 -2.87 -40.89 15.33
N ASP C 170 -4.13 -40.97 15.72
CA ASP C 170 -4.74 -42.27 16.05
C ASP C 170 -4.63 -43.26 14.89
N ARG C 171 -5.01 -42.84 13.72
CA ARG C 171 -5.00 -43.56 12.47
C ARG C 171 -3.62 -43.86 11.94
N GLY C 172 -2.57 -43.21 12.40
CA GLY C 172 -1.21 -43.41 11.96
C GLY C 172 -0.85 -42.85 10.58
N TYR C 173 -1.56 -41.80 10.17
CA TYR C 173 -1.38 -41.17 8.87
C TYR C 173 -0.05 -40.43 8.78
N GLY C 174 0.54 -39.99 9.86
CA GLY C 174 1.82 -39.28 9.78
C GLY C 174 1.79 -37.94 9.08
N LEU C 175 0.64 -37.29 8.95
CA LEU C 175 0.56 -36.00 8.28
C LEU C 175 1.17 -34.91 9.16
N ARG C 176 1.64 -33.82 8.53
CA ARG C 176 2.15 -32.58 9.11
C ARG C 176 1.11 -31.55 8.54
N PHE C 177 0.73 -30.55 9.30
CA PHE C 177 -0.28 -29.55 8.97
C PHE C 177 0.42 -28.22 8.77
N ALA C 178 0.14 -27.59 7.64
CA ALA C 178 0.78 -26.29 7.32
C ALA C 178 -0.33 -25.26 7.15
N ILE C 179 -0.48 -24.29 8.00
CA ILE C 179 -1.47 -23.23 7.90
C ILE C 179 -0.97 -22.21 6.86
N GLU C 180 -1.85 -21.72 6.02
CA GLU C 180 -1.52 -20.72 5.00
C GLU C 180 -2.12 -19.35 5.26
N PRO C 181 -1.25 -18.40 5.56
CA PRO C 181 -1.69 -17.02 5.90
C PRO C 181 -1.89 -16.19 4.65
N LYS C 182 -2.79 -15.23 4.77
CA LYS C 182 -3.15 -14.27 3.68
C LYS C 182 -3.81 -13.10 4.41
N PRO C 183 -3.46 -11.86 4.09
CA PRO C 183 -4.00 -10.71 4.77
C PRO C 183 -5.43 -10.37 4.43
N ASN C 184 -5.82 -10.63 3.17
CA ASN C 184 -7.15 -10.32 2.63
C ASN C 184 -7.43 -10.95 1.29
N GLU C 185 -8.68 -10.86 0.85
CA GLU C 185 -9.18 -11.40 -0.40
C GLU C 185 -9.31 -12.92 -0.33
N PRO C 186 -10.52 -13.50 -0.34
CA PRO C 186 -11.78 -12.80 -0.46
C PRO C 186 -12.39 -11.94 0.63
N ARG C 187 -12.03 -12.10 1.90
CA ARG C 187 -12.56 -11.32 3.01
C ARG C 187 -11.82 -9.99 3.13
N GLY C 188 -12.47 -8.99 3.69
CA GLY C 188 -11.88 -7.65 3.91
C GLY C 188 -10.55 -7.83 4.64
N ASP C 189 -10.60 -8.59 5.72
CA ASP C 189 -9.45 -8.97 6.53
C ASP C 189 -9.60 -10.47 6.86
N ILE C 190 -8.53 -11.22 6.66
CA ILE C 190 -8.53 -12.67 6.96
C ILE C 190 -7.81 -12.95 8.29
N LEU C 191 -8.27 -13.90 9.09
CA LEU C 191 -7.62 -14.26 10.37
C LEU C 191 -6.25 -14.88 10.06
N LEU C 192 -5.24 -14.57 10.86
CA LEU C 192 -3.85 -15.03 10.68
C LEU C 192 -3.32 -14.45 9.34
N PRO C 193 -3.16 -13.14 9.25
CA PRO C 193 -2.77 -12.47 8.05
C PRO C 193 -1.36 -12.52 7.53
N THR C 194 -0.38 -12.82 8.36
CA THR C 194 1.01 -12.87 7.93
C THR C 194 1.64 -14.15 8.45
N ALA C 195 2.83 -14.45 7.97
CA ALA C 195 3.56 -15.66 8.42
C ALA C 195 3.68 -15.66 9.94
N GLY C 196 4.00 -14.50 10.48
CA GLY C 196 4.16 -14.31 11.92
C GLY C 196 2.92 -14.69 12.73
N HIS C 197 1.77 -14.16 12.31
CA HIS C 197 0.50 -14.40 12.98
C HIS C 197 0.22 -15.89 12.94
N ALA C 198 0.51 -16.56 11.86
CA ALA C 198 0.28 -18.02 11.74
C ALA C 198 1.22 -18.82 12.65
N ILE C 199 2.50 -18.42 12.71
CA ILE C 199 3.44 -19.16 13.57
C ILE C 199 3.04 -18.97 15.04
N ALA C 200 2.79 -17.73 15.47
CA ALA C 200 2.34 -17.45 16.83
C ALA C 200 1.14 -18.31 17.17
N PHE C 201 0.17 -18.46 16.29
CA PHE C 201 -1.05 -19.24 16.55
C PHE C 201 -0.75 -20.71 16.77
N VAL C 202 0.02 -21.26 15.86
CA VAL C 202 0.43 -22.69 15.85
C VAL C 202 1.07 -23.10 17.14
N GLN C 203 1.86 -22.25 17.77
CA GLN C 203 2.55 -22.51 19.04
C GLN C 203 1.55 -22.75 20.15
N GLU C 204 0.30 -22.49 20.00
CA GLU C 204 -0.78 -22.60 20.96
C GLU C 204 -1.68 -23.81 20.83
N LEU C 205 -1.43 -24.66 19.87
CA LEU C 205 -2.22 -25.87 19.64
C LEU C 205 -1.74 -26.94 20.61
N GLU C 206 -2.48 -28.01 20.71
CA GLU C 206 -2.15 -29.16 21.56
C GLU C 206 -0.92 -29.93 21.13
N ARG C 207 -0.64 -30.26 19.90
CA ARG C 207 0.56 -30.94 19.40
C ARG C 207 1.24 -30.08 18.34
N PRO C 208 1.85 -29.00 18.81
CA PRO C 208 2.48 -27.99 17.97
C PRO C 208 3.55 -28.48 17.05
N GLU C 209 4.19 -29.52 17.48
CA GLU C 209 5.27 -30.14 16.70
C GLU C 209 4.73 -30.61 15.35
N LEU C 210 3.43 -30.83 15.27
CA LEU C 210 2.80 -31.31 14.05
C LEU C 210 2.35 -30.17 13.11
N PHE C 211 2.44 -28.94 13.65
CA PHE C 211 2.01 -27.79 12.87
C PHE C 211 3.10 -26.82 12.44
N GLY C 212 3.00 -26.31 11.23
CA GLY C 212 3.88 -25.33 10.63
C GLY C 212 3.05 -24.41 9.72
N ILE C 213 3.73 -23.71 8.83
CA ILE C 213 3.05 -22.81 7.90
C ILE C 213 3.41 -23.08 6.46
N ASN C 214 2.57 -22.61 5.58
CA ASN C 214 2.71 -22.69 4.12
C ASN C 214 2.60 -21.25 3.59
N PRO C 215 3.64 -20.44 3.71
CA PRO C 215 3.59 -19.05 3.27
C PRO C 215 3.65 -18.93 1.74
N GLU C 216 2.99 -17.87 1.22
CA GLU C 216 3.00 -17.69 -0.23
C GLU C 216 3.67 -16.38 -0.57
N THR C 217 4.57 -16.39 -1.55
CA THR C 217 5.25 -15.12 -1.91
C THR C 217 4.31 -13.93 -1.99
N GLY C 218 3.29 -14.04 -2.82
CA GLY C 218 2.33 -12.96 -3.06
C GLY C 218 1.56 -12.55 -1.85
N HIS C 219 1.22 -13.47 -0.96
CA HIS C 219 0.44 -13.10 0.21
C HIS C 219 1.19 -12.15 1.11
N GLU C 220 2.48 -12.38 1.33
CA GLU C 220 3.25 -11.46 2.20
C GLU C 220 3.41 -10.12 1.51
N GLN C 221 3.59 -10.16 0.21
CA GLN C 221 3.77 -8.94 -0.61
C GLN C 221 2.54 -8.09 -0.70
N MET C 222 1.36 -8.64 -0.51
CA MET C 222 0.07 -7.92 -0.52
C MET C 222 0.12 -6.95 0.65
N SER C 223 0.97 -7.12 1.63
CA SER C 223 1.11 -6.23 2.77
C SER C 223 2.43 -5.42 2.67
N ASN C 224 3.11 -5.62 1.56
CA ASN C 224 4.40 -4.93 1.35
C ASN C 224 5.46 -5.43 2.31
N LEU C 225 5.42 -6.62 2.87
CA LEU C 225 6.41 -7.20 3.79
C LEU C 225 7.57 -7.82 2.99
N ASN C 226 8.72 -8.10 3.54
CA ASN C 226 9.87 -8.69 2.82
C ASN C 226 9.63 -10.19 2.88
N PHE C 227 9.36 -10.84 1.77
CA PHE C 227 9.10 -12.29 1.77
C PHE C 227 10.34 -13.06 2.20
N THR C 228 11.50 -12.89 1.60
CA THR C 228 12.68 -13.62 2.04
C THR C 228 12.90 -13.49 3.54
N GLN C 229 12.76 -12.28 4.07
CA GLN C 229 12.99 -12.06 5.51
C GLN C 229 11.97 -12.80 6.33
N GLY C 230 10.74 -12.91 5.93
CA GLY C 230 9.73 -13.68 6.70
C GLY C 230 10.07 -15.17 6.59
N ILE C 231 10.56 -15.65 5.45
CA ILE C 231 10.91 -17.08 5.37
C ILE C 231 12.09 -17.40 6.29
N ALA C 232 13.04 -16.47 6.43
CA ALA C 232 14.23 -16.59 7.28
C ALA C 232 13.73 -16.79 8.72
N GLN C 233 12.76 -16.00 9.15
CA GLN C 233 12.23 -16.17 10.52
C GLN C 233 11.50 -17.53 10.64
N ALA C 234 10.78 -17.95 9.63
CA ALA C 234 10.03 -19.21 9.66
C ALA C 234 11.02 -20.34 9.76
N LEU C 235 12.13 -20.30 9.07
CA LEU C 235 13.17 -21.31 9.13
C LEU C 235 13.80 -21.29 10.54
N TRP C 236 13.95 -20.09 11.10
CA TRP C 236 14.53 -19.96 12.44
C TRP C 236 13.65 -20.69 13.44
N HIS C 237 12.34 -20.65 13.30
CA HIS C 237 11.41 -21.30 14.22
C HIS C 237 11.26 -22.75 13.82
N LYS C 238 11.81 -23.14 12.70
CA LYS C 238 11.64 -24.49 12.16
C LYS C 238 10.20 -24.81 11.82
N LYS C 239 9.46 -23.87 11.29
CA LYS C 239 8.05 -24.07 10.93
C LYS C 239 7.78 -23.95 9.45
N LEU C 240 8.80 -23.91 8.60
CA LEU C 240 8.58 -23.88 7.15
C LEU C 240 8.31 -25.33 6.68
N PHE C 241 7.08 -25.78 6.69
CA PHE C 241 6.63 -27.11 6.32
C PHE C 241 6.35 -27.27 4.84
N HIS C 242 6.14 -26.17 4.16
CA HIS C 242 5.82 -26.14 2.72
C HIS C 242 5.93 -24.66 2.32
N ILE C 243 6.04 -24.39 1.04
CA ILE C 243 6.10 -23.05 0.47
C ILE C 243 5.32 -22.95 -0.85
N ASP C 244 4.66 -21.87 -1.13
CA ASP C 244 3.88 -21.58 -2.34
C ASP C 244 4.62 -20.43 -3.03
N LEU C 245 5.21 -20.67 -4.17
CA LEU C 245 5.96 -19.64 -4.91
C LEU C 245 5.16 -19.04 -6.05
N ASN C 246 5.24 -17.72 -6.23
CA ASN C 246 4.48 -16.99 -7.29
C ASN C 246 4.99 -15.56 -7.24
N GLY C 247 4.41 -14.68 -7.99
CA GLY C 247 4.88 -13.26 -8.08
C GLY C 247 3.70 -12.31 -7.89
N GLN C 248 4.09 -11.13 -7.41
CA GLN C 248 3.10 -10.10 -7.10
C GLN C 248 3.76 -8.74 -7.14
N HIS C 249 2.97 -7.72 -7.41
CA HIS C 249 3.41 -6.35 -7.49
C HIS C 249 2.77 -5.53 -6.36
N GLY C 250 3.29 -5.77 -5.17
CA GLY C 250 2.88 -5.05 -3.98
C GLY C 250 1.44 -5.23 -3.60
N PRO C 251 0.92 -4.30 -2.82
CA PRO C 251 -0.46 -4.35 -2.33
C PRO C 251 -1.54 -4.03 -3.34
N LYS C 252 -2.25 -5.01 -3.85
CA LYS C 252 -3.35 -4.87 -4.83
C LYS C 252 -3.96 -6.27 -4.80
N PHE C 253 -4.94 -6.57 -5.60
CA PHE C 253 -5.51 -7.93 -5.57
C PHE C 253 -4.38 -8.92 -5.83
N ASP C 254 -4.63 -10.13 -5.45
CA ASP C 254 -3.81 -11.33 -5.54
C ASP C 254 -3.52 -11.56 -7.00
N GLN C 255 -2.32 -11.37 -7.51
CA GLN C 255 -2.00 -11.55 -8.94
C GLN C 255 -1.64 -12.97 -9.35
N ASP C 256 -0.96 -13.71 -8.49
CA ASP C 256 -0.58 -15.10 -8.83
C ASP C 256 0.23 -15.21 -10.12
N LEU C 257 1.23 -14.36 -10.26
CA LEU C 257 2.07 -14.40 -11.46
C LEU C 257 3.06 -15.56 -11.31
N VAL C 258 3.80 -15.88 -12.36
CA VAL C 258 4.83 -16.91 -12.33
C VAL C 258 5.84 -16.40 -11.27
N PHE C 259 6.49 -17.36 -10.64
CA PHE C 259 7.52 -17.02 -9.65
C PHE C 259 8.59 -16.19 -10.37
N GLY C 260 8.96 -15.07 -9.78
CA GLY C 260 9.99 -14.17 -10.28
C GLY C 260 9.48 -13.11 -11.24
N HIS C 261 8.21 -13.13 -11.60
CA HIS C 261 7.66 -12.12 -12.52
C HIS C 261 7.19 -10.87 -11.78
N GLY C 262 7.21 -10.87 -10.46
CA GLY C 262 6.78 -9.69 -9.66
C GLY C 262 7.97 -8.99 -9.05
N ASP C 263 8.30 -9.27 -7.80
CA ASP C 263 9.49 -8.64 -7.19
C ASP C 263 10.73 -9.49 -7.54
N LEU C 264 11.44 -9.22 -8.61
CA LEU C 264 12.60 -10.06 -8.98
C LEU C 264 13.74 -10.05 -7.99
N LEU C 265 14.16 -8.95 -7.41
CA LEU C 265 15.25 -8.93 -6.45
C LEU C 265 14.91 -9.84 -5.27
N ASN C 266 13.67 -9.78 -4.77
CA ASN C 266 13.29 -10.60 -3.61
C ASN C 266 13.17 -12.06 -4.01
N ALA C 267 12.89 -12.35 -5.28
CA ALA C 267 12.83 -13.74 -5.79
C ALA C 267 14.27 -14.27 -5.75
N PHE C 268 15.25 -13.49 -6.12
CA PHE C 268 16.67 -13.84 -6.09
C PHE C 268 17.18 -14.14 -4.66
N SER C 269 16.87 -13.24 -3.72
CA SER C 269 17.32 -13.43 -2.32
C SER C 269 16.64 -14.61 -1.70
N LEU C 270 15.41 -14.90 -2.07
CA LEU C 270 14.70 -16.09 -1.57
C LEU C 270 15.36 -17.41 -2.00
N VAL C 271 15.73 -17.57 -3.27
CA VAL C 271 16.36 -18.77 -3.82
C VAL C 271 17.72 -18.97 -3.15
N ASP C 272 18.40 -17.84 -2.93
CA ASP C 272 19.70 -17.86 -2.27
C ASP C 272 19.49 -18.43 -0.87
N LEU C 273 18.50 -17.93 -0.15
CA LEU C 273 18.20 -18.40 1.21
C LEU C 273 17.87 -19.90 1.27
N LEU C 274 16.94 -20.36 0.41
CA LEU C 274 16.54 -21.75 0.39
C LEU C 274 17.62 -22.72 -0.07
N GLU C 275 18.50 -22.39 -0.99
CA GLU C 275 19.49 -23.26 -1.55
C GLU C 275 20.89 -23.15 -1.00
N ASN C 276 21.39 -22.01 -0.65
CA ASN C 276 22.73 -21.76 -0.12
C ASN C 276 22.60 -21.72 1.40
N GLY C 277 22.16 -22.86 1.85
CA GLY C 277 21.91 -23.19 3.23
C GLY C 277 23.20 -23.53 3.97
N PRO C 278 22.99 -23.82 5.25
CA PRO C 278 23.96 -24.19 6.25
C PRO C 278 25.27 -24.85 5.86
N ASP C 279 25.18 -26.14 5.52
CA ASP C 279 26.44 -26.83 5.13
C ASP C 279 26.80 -26.13 3.82
N GLY C 280 26.33 -26.71 2.74
CA GLY C 280 26.53 -26.15 1.36
C GLY C 280 25.11 -26.40 0.77
N ALA C 281 24.52 -27.29 1.57
CA ALA C 281 23.21 -27.87 1.48
C ALA C 281 22.07 -26.86 1.67
N PRO C 282 20.98 -27.17 1.00
CA PRO C 282 19.78 -26.36 1.10
C PRO C 282 19.37 -26.26 2.56
N ALA C 283 18.80 -25.14 2.89
CA ALA C 283 18.26 -24.81 4.20
C ALA C 283 16.82 -25.35 4.26
N TYR C 284 16.18 -25.61 3.15
CA TYR C 284 14.83 -26.14 3.05
C TYR C 284 14.82 -27.32 2.09
N ASP C 285 14.26 -28.41 2.55
CA ASP C 285 14.12 -29.72 1.91
C ASP C 285 12.77 -30.15 1.38
N GLY C 286 11.70 -29.40 1.47
CA GLY C 286 10.37 -29.73 1.00
C GLY C 286 10.15 -29.36 -0.46
N PRO C 287 8.91 -29.56 -0.87
CA PRO C 287 8.51 -29.21 -2.24
C PRO C 287 8.59 -27.70 -2.49
N ARG C 288 8.95 -27.35 -3.72
CA ARG C 288 9.03 -26.00 -4.29
C ARG C 288 7.71 -26.01 -5.10
N HIS C 289 6.65 -25.56 -4.46
CA HIS C 289 5.31 -25.58 -5.01
C HIS C 289 4.90 -24.28 -5.66
N PHE C 290 4.49 -24.31 -6.91
CA PHE C 290 4.06 -23.09 -7.60
C PHE C 290 2.55 -22.95 -7.52
N ASP C 291 2.13 -21.92 -6.79
CA ASP C 291 0.68 -21.63 -6.64
C ASP C 291 0.49 -20.38 -7.48
N TYR C 292 0.33 -20.57 -8.78
CA TYR C 292 0.19 -19.39 -9.65
C TYR C 292 -1.01 -19.61 -10.56
N LYS C 293 -1.25 -18.65 -11.42
CA LYS C 293 -2.31 -18.66 -12.41
C LYS C 293 -1.80 -18.12 -13.74
N PRO C 294 -2.05 -18.91 -14.76
CA PRO C 294 -1.67 -18.50 -16.15
C PRO C 294 -2.58 -17.30 -16.43
N SER C 295 -2.07 -16.15 -16.85
CA SER C 295 -2.85 -14.95 -17.14
C SER C 295 -4.05 -15.25 -18.04
N ARG C 296 -5.16 -14.59 -17.83
CA ARG C 296 -6.43 -14.69 -18.53
C ARG C 296 -6.36 -14.47 -20.04
N THR C 297 -5.35 -13.74 -20.50
CA THR C 297 -5.06 -13.46 -21.88
C THR C 297 -4.44 -14.61 -22.67
N GLU C 298 -4.12 -15.72 -22.06
CA GLU C 298 -3.50 -16.89 -22.67
C GLU C 298 -4.40 -18.08 -22.93
N ASP C 299 -4.02 -18.88 -23.90
CA ASP C 299 -4.75 -20.11 -24.24
C ASP C 299 -3.91 -21.24 -23.64
N TYR C 300 -4.24 -22.48 -23.97
CA TYR C 300 -3.47 -23.61 -23.42
C TYR C 300 -2.02 -23.60 -23.83
N ASP C 301 -1.56 -23.02 -24.91
CA ASP C 301 -0.13 -22.99 -25.23
C ASP C 301 0.51 -22.09 -24.16
N GLY C 302 -0.23 -21.03 -23.84
CA GLY C 302 0.24 -20.06 -22.82
C GLY C 302 0.31 -20.77 -21.46
N VAL C 303 -0.70 -21.56 -21.14
CA VAL C 303 -0.70 -22.32 -19.87
C VAL C 303 0.58 -23.13 -19.71
N TRP C 304 0.95 -23.95 -20.69
CA TRP C 304 2.13 -24.83 -20.65
C TRP C 304 3.39 -24.00 -20.69
N GLU C 305 3.39 -22.87 -21.32
CA GLU C 305 4.53 -21.95 -21.36
C GLU C 305 4.80 -21.34 -19.99
N SER C 306 3.72 -21.02 -19.31
CA SER C 306 3.77 -20.39 -17.99
C SER C 306 4.20 -21.42 -16.95
N ALA C 307 3.82 -22.67 -17.14
CA ALA C 307 4.22 -23.72 -16.16
C ALA C 307 5.74 -23.84 -16.28
N LYS C 308 6.30 -23.99 -17.45
CA LYS C 308 7.73 -24.08 -17.64
C LYS C 308 8.48 -22.83 -17.19
N ALA C 309 7.87 -21.68 -17.33
CA ALA C 309 8.51 -20.43 -16.90
C ALA C 309 8.81 -20.50 -15.41
N ASN C 310 7.91 -21.02 -14.61
CA ASN C 310 8.08 -21.14 -13.16
C ASN C 310 9.38 -21.89 -12.86
N ILE C 311 9.52 -23.06 -13.46
CA ILE C 311 10.72 -23.87 -13.27
C ILE C 311 11.97 -23.15 -13.80
N ARG C 312 11.84 -22.52 -14.96
CA ARG C 312 12.98 -21.79 -15.56
C ARG C 312 13.42 -20.66 -14.65
N MET C 313 12.54 -19.84 -14.11
CA MET C 313 12.93 -18.73 -13.23
C MET C 313 13.69 -19.30 -12.03
N TYR C 314 13.14 -20.33 -11.37
CA TYR C 314 13.84 -20.91 -10.20
C TYR C 314 15.27 -21.39 -10.50
N LEU C 315 15.49 -22.21 -11.53
CA LEU C 315 16.80 -22.73 -11.91
C LEU C 315 17.68 -21.57 -12.33
N LEU C 316 17.18 -20.55 -13.03
CA LEU C 316 18.05 -19.44 -13.45
C LEU C 316 18.51 -18.69 -12.18
N LEU C 317 17.65 -18.43 -11.22
CA LEU C 317 17.98 -17.71 -10.00
C LEU C 317 18.94 -18.53 -9.17
N LYS C 318 18.74 -19.84 -9.16
CA LYS C 318 19.61 -20.72 -8.37
C LYS C 318 21.07 -20.63 -8.80
N GLU C 319 21.21 -20.67 -10.09
CA GLU C 319 22.47 -20.58 -10.82
C GLU C 319 23.25 -19.33 -10.46
N ARG C 320 22.61 -18.20 -10.41
CA ARG C 320 23.20 -16.89 -10.07
C ARG C 320 23.46 -16.77 -8.57
N ALA C 321 22.59 -17.41 -7.78
CA ALA C 321 22.77 -17.35 -6.32
C ALA C 321 24.07 -18.09 -6.03
N LYS C 322 24.20 -19.26 -6.64
CA LYS C 322 25.43 -20.04 -6.41
C LYS C 322 26.64 -19.21 -6.84
N ALA C 323 26.61 -18.66 -8.04
CA ALA C 323 27.71 -17.87 -8.58
C ALA C 323 28.02 -16.69 -7.64
N PHE C 324 26.97 -16.10 -7.11
CA PHE C 324 27.19 -14.94 -6.22
C PHE C 324 28.07 -15.31 -5.03
N ARG C 325 27.65 -16.39 -4.39
CA ARG C 325 28.33 -16.87 -3.20
C ARG C 325 29.74 -17.35 -3.49
N ALA C 326 29.98 -17.87 -4.68
CA ALA C 326 31.34 -18.37 -5.00
C ALA C 326 32.33 -17.28 -5.38
N ASP C 327 31.89 -16.07 -5.56
CA ASP C 327 32.77 -14.99 -6.02
C ASP C 327 33.60 -14.38 -4.91
N PRO C 328 34.90 -14.38 -5.11
CA PRO C 328 35.92 -13.84 -4.21
C PRO C 328 35.67 -12.37 -3.89
N GLU C 329 35.17 -11.66 -4.89
CA GLU C 329 34.86 -10.24 -4.66
C GLU C 329 33.67 -10.04 -3.73
N VAL C 330 32.74 -11.00 -3.76
CA VAL C 330 31.55 -11.02 -2.92
C VAL C 330 32.07 -11.39 -1.51
N GLN C 331 32.93 -12.42 -1.39
CA GLN C 331 33.52 -12.82 -0.11
C GLN C 331 34.19 -11.61 0.60
N GLU C 332 34.90 -10.86 -0.18
CA GLU C 332 35.56 -9.67 0.31
C GLU C 332 34.49 -8.67 0.76
N ALA C 333 33.43 -8.44 0.00
CA ALA C 333 32.37 -7.50 0.33
C ALA C 333 31.68 -7.96 1.61
N LEU C 334 31.47 -9.27 1.68
CA LEU C 334 30.81 -9.87 2.86
C LEU C 334 31.66 -9.63 4.09
N ALA C 335 32.96 -9.78 3.94
CA ALA C 335 33.87 -9.57 5.08
C ALA C 335 33.82 -8.11 5.44
N ALA C 336 33.88 -7.18 4.51
CA ALA C 336 33.81 -5.76 4.88
C ALA C 336 32.50 -5.39 5.57
N SER C 337 31.38 -6.01 5.27
CA SER C 337 30.08 -5.69 5.85
C SER C 337 29.78 -6.39 7.17
N LYS C 338 30.72 -7.25 7.52
CA LYS C 338 30.64 -8.00 8.77
C LYS C 338 29.45 -8.90 8.96
N VAL C 339 28.98 -9.37 7.82
CA VAL C 339 27.80 -10.25 7.86
C VAL C 339 28.03 -11.39 8.84
N ALA C 340 29.16 -12.07 8.72
CA ALA C 340 29.50 -13.24 9.52
C ALA C 340 29.70 -12.96 11.00
N GLU C 341 30.10 -11.75 11.31
CA GLU C 341 30.32 -11.34 12.68
C GLU C 341 29.04 -11.40 13.49
N LEU C 342 27.89 -11.40 12.83
CA LEU C 342 26.60 -11.49 13.56
C LEU C 342 26.41 -12.87 14.16
N LYS C 343 27.04 -13.85 13.56
CA LYS C 343 26.95 -15.24 13.99
C LYS C 343 27.80 -15.49 15.23
N THR C 344 28.68 -14.59 15.60
CA THR C 344 29.50 -14.75 16.80
C THR C 344 28.67 -14.16 17.96
N PRO C 345 28.50 -14.94 19.00
CA PRO C 345 27.74 -14.51 20.18
C PRO C 345 28.22 -13.15 20.65
N THR C 346 27.31 -12.36 21.17
CA THR C 346 27.67 -11.01 21.64
C THR C 346 28.53 -11.16 22.88
N LEU C 347 28.20 -12.17 23.69
CA LEU C 347 28.93 -12.45 24.93
C LEU C 347 29.98 -13.53 24.68
N ASN C 348 31.02 -13.42 25.48
CA ASN C 348 32.12 -14.39 25.44
C ASN C 348 31.56 -15.57 26.26
N PRO C 349 32.03 -16.75 25.98
CA PRO C 349 31.65 -17.97 26.68
C PRO C 349 31.82 -17.80 28.17
N GLY C 350 30.77 -18.11 28.90
CA GLY C 350 30.69 -17.99 30.35
C GLY C 350 30.46 -16.56 30.82
N GLU C 351 30.21 -15.61 29.94
CA GLU C 351 29.97 -14.21 30.32
C GLU C 351 28.48 -13.98 30.54
N GLY C 352 28.16 -13.29 31.61
CA GLY C 352 26.82 -12.95 32.01
C GLY C 352 26.74 -11.45 32.23
N TYR C 353 25.61 -11.03 32.81
CA TYR C 353 25.49 -9.58 33.03
C TYR C 353 26.58 -9.12 34.00
N ALA C 354 26.96 -9.97 34.94
CA ALA C 354 27.96 -9.47 35.90
C ALA C 354 29.28 -9.18 35.22
N GLU C 355 29.68 -10.04 34.31
CA GLU C 355 30.94 -9.78 33.60
C GLU C 355 30.78 -8.64 32.60
N LEU C 356 29.62 -8.57 31.96
CA LEU C 356 29.44 -7.46 30.98
C LEU C 356 29.53 -6.13 31.70
N LEU C 357 28.85 -6.01 32.82
CA LEU C 357 28.82 -4.81 33.66
C LEU C 357 30.24 -4.48 34.07
N ALA C 358 31.10 -5.47 34.23
CA ALA C 358 32.47 -5.16 34.66
C ALA C 358 33.32 -4.71 33.49
N ASP C 359 32.83 -4.85 32.27
CA ASP C 359 33.65 -4.45 31.12
C ASP C 359 33.50 -2.99 30.73
N ARG C 360 34.47 -2.21 31.21
CA ARG C 360 34.50 -0.77 30.97
C ARG C 360 34.49 -0.48 29.48
N SER C 361 35.11 -1.36 28.74
CA SER C 361 35.16 -1.10 27.29
C SER C 361 33.82 -1.28 26.62
N ALA C 362 32.84 -1.96 27.19
CA ALA C 362 31.56 -2.13 26.53
C ALA C 362 30.71 -0.89 26.80
N PHE C 363 31.27 0.09 27.50
CA PHE C 363 30.39 1.23 27.77
C PHE C 363 31.12 2.46 28.22
N GLU C 364 31.67 2.39 29.42
CA GLU C 364 32.37 3.53 30.04
C GLU C 364 33.51 4.03 29.20
N ASP C 365 34.28 3.14 28.60
CA ASP C 365 35.38 3.66 27.77
C ASP C 365 35.11 3.41 26.27
N TYR C 366 33.88 3.13 25.91
CA TYR C 366 33.53 2.87 24.51
C TYR C 366 33.44 4.16 23.69
N ASP C 367 34.11 4.22 22.56
CA ASP C 367 34.12 5.37 21.65
C ASP C 367 33.06 5.14 20.54
N ALA C 368 31.85 5.49 20.91
CA ALA C 368 30.71 5.33 20.04
C ALA C 368 30.80 6.20 18.81
N ASP C 369 31.40 7.37 18.94
CA ASP C 369 31.55 8.34 17.85
C ASP C 369 32.45 7.81 16.75
N ALA C 370 33.48 7.16 17.22
CA ALA C 370 34.45 6.55 16.30
C ALA C 370 33.80 5.38 15.57
N VAL C 371 33.14 4.52 16.32
CA VAL C 371 32.49 3.37 15.67
C VAL C 371 31.43 3.84 14.68
N GLY C 372 30.61 4.79 15.07
CA GLY C 372 29.55 5.30 14.23
C GLY C 372 30.01 5.96 12.94
N ALA C 373 31.27 6.21 12.76
CA ALA C 373 31.80 6.85 11.59
C ALA C 373 32.23 5.83 10.57
N LYS C 374 32.45 4.58 10.88
CA LYS C 374 32.86 3.62 9.84
C LYS C 374 31.67 3.10 9.03
N GLY C 375 31.84 2.97 7.75
CA GLY C 375 30.76 2.48 6.89
C GLY C 375 30.71 0.96 6.91
N PHE C 376 29.56 0.41 6.54
CA PHE C 376 29.32 -1.01 6.45
C PHE C 376 29.53 -1.50 5.03
N GLY C 377 29.58 -0.62 4.05
CA GLY C 377 29.78 -1.01 2.65
C GLY C 377 28.69 -1.92 2.17
N PHE C 378 27.45 -1.69 2.54
CA PHE C 378 26.29 -2.50 2.14
C PHE C 378 25.82 -2.21 0.71
N VAL C 379 25.97 -1.00 0.20
CA VAL C 379 25.52 -0.68 -1.17
C VAL C 379 26.37 -1.49 -2.16
N LYS C 380 27.69 -1.46 -1.90
CA LYS C 380 28.65 -2.16 -2.74
C LYS C 380 28.29 -3.63 -2.78
N LEU C 381 27.98 -4.25 -1.65
CA LEU C 381 27.58 -5.67 -1.58
C LEU C 381 26.30 -5.89 -2.39
N ASN C 382 25.34 -4.97 -2.25
CA ASN C 382 24.09 -5.06 -2.97
C ASN C 382 24.35 -4.99 -4.48
N GLN C 383 25.22 -4.10 -4.91
CA GLN C 383 25.55 -3.93 -6.34
C GLN C 383 26.15 -5.22 -6.86
N LEU C 384 27.03 -5.91 -6.15
CA LEU C 384 27.62 -7.17 -6.61
C LEU C 384 26.54 -8.23 -6.79
N ALA C 385 25.59 -8.25 -5.87
CA ALA C 385 24.49 -9.21 -5.94
C ALA C 385 23.69 -8.97 -7.24
N ILE C 386 23.32 -7.71 -7.47
CA ILE C 386 22.56 -7.34 -8.64
C ILE C 386 23.30 -7.72 -9.92
N GLU C 387 24.57 -7.45 -9.98
CA GLU C 387 25.40 -7.78 -11.16
C GLU C 387 25.47 -9.27 -11.41
N HIS C 388 25.39 -10.11 -10.39
CA HIS C 388 25.38 -11.57 -10.53
C HIS C 388 24.03 -11.94 -11.17
N LEU C 389 22.98 -11.31 -10.64
CA LEU C 389 21.62 -11.58 -11.15
C LEU C 389 21.50 -11.25 -12.65
N LEU C 390 22.11 -10.16 -13.08
CA LEU C 390 21.99 -9.73 -14.45
C LEU C 390 22.98 -10.44 -15.35
N GLY C 391 23.68 -11.38 -14.77
CA GLY C 391 24.72 -12.12 -15.49
C GLY C 391 25.80 -11.17 -15.99
N ALA C 392 26.11 -10.11 -15.31
CA ALA C 392 27.09 -9.10 -15.64
C ALA C 392 28.48 -9.43 -15.14
N ARG C 393 28.52 -10.53 -14.44
CA ARG C 393 29.78 -11.04 -13.87
C ARG C 393 29.58 -12.54 -13.74
N VAL D 2 -33.41 11.43 8.84
CA VAL D 2 -33.70 12.06 7.54
C VAL D 2 -34.20 11.05 6.49
N GLN D 3 -34.82 11.66 5.48
CA GLN D 3 -35.38 10.99 4.29
C GLN D 3 -34.85 11.64 3.00
N ALA D 4 -34.59 10.76 2.03
CA ALA D 4 -34.07 11.24 0.73
C ALA D 4 -35.22 11.81 -0.11
N THR D 5 -34.92 12.86 -0.83
CA THR D 5 -35.88 13.51 -1.77
C THR D 5 -35.27 13.36 -3.17
N ARG D 6 -36.08 13.50 -4.21
CA ARG D 6 -35.60 13.39 -5.60
C ARG D 6 -34.56 14.44 -5.91
N GLU D 7 -34.59 15.44 -5.09
CA GLU D 7 -33.70 16.61 -5.13
C GLU D 7 -32.31 16.24 -4.66
N ASP D 8 -32.27 15.13 -3.92
CA ASP D 8 -31.01 14.59 -3.38
C ASP D 8 -30.25 13.93 -4.54
N LYS D 9 -30.95 13.45 -5.54
CA LYS D 9 -30.37 12.83 -6.71
C LYS D 9 -29.44 11.64 -6.42
N PHE D 10 -29.97 10.72 -5.66
CA PHE D 10 -29.30 9.46 -5.32
C PHE D 10 -29.63 8.45 -6.42
N SER D 11 -28.64 7.86 -7.07
CA SER D 11 -28.93 6.87 -8.14
C SER D 11 -28.11 5.62 -7.80
N PHE D 12 -28.51 4.51 -8.38
CA PHE D 12 -27.85 3.22 -8.20
C PHE D 12 -27.73 2.53 -9.55
N GLY D 13 -26.67 1.76 -9.75
CA GLY D 13 -26.47 1.00 -10.99
C GLY D 13 -27.25 -0.30 -10.70
N LEU D 14 -27.81 -0.82 -11.78
CA LEU D 14 -28.58 -2.05 -11.74
C LEU D 14 -27.69 -3.16 -11.24
N TRP D 15 -26.41 -3.06 -11.58
CA TRP D 15 -25.39 -4.06 -11.19
C TRP D 15 -24.96 -4.03 -9.73
N THR D 16 -25.32 -3.05 -8.93
CA THR D 16 -24.96 -2.91 -7.51
C THR D 16 -25.89 -3.82 -6.73
N VAL D 17 -27.14 -3.39 -6.55
CA VAL D 17 -28.13 -4.23 -5.84
C VAL D 17 -28.31 -5.58 -6.54
N GLY D 18 -27.94 -5.67 -7.82
CA GLY D 18 -28.11 -6.91 -8.58
C GLY D 18 -26.90 -7.82 -8.52
N TRP D 19 -25.83 -7.44 -7.86
CA TRP D 19 -24.64 -8.29 -7.79
C TRP D 19 -25.01 -9.58 -7.08
N GLN D 20 -24.85 -10.65 -7.81
CA GLN D 20 -25.12 -12.02 -7.33
C GLN D 20 -24.09 -12.60 -6.36
N ALA D 21 -23.04 -11.86 -6.15
CA ALA D 21 -21.98 -12.18 -5.22
C ALA D 21 -21.14 -13.39 -5.57
N ARG D 22 -20.81 -13.51 -6.83
CA ARG D 22 -19.88 -14.57 -7.28
C ARG D 22 -18.54 -13.82 -7.16
N ASP D 23 -17.61 -14.11 -6.34
CA ASP D 23 -16.35 -13.32 -6.27
C ASP D 23 -15.29 -14.16 -6.98
N ALA D 24 -14.05 -13.79 -6.81
CA ALA D 24 -12.91 -14.47 -7.46
C ALA D 24 -12.67 -15.86 -6.86
N PHE D 25 -13.17 -16.07 -5.67
CA PHE D 25 -13.00 -17.36 -5.00
C PHE D 25 -14.31 -18.08 -4.72
N GLY D 26 -15.45 -17.65 -5.27
CA GLY D 26 -16.64 -18.48 -4.93
C GLY D 26 -17.82 -18.19 -5.81
N ASP D 27 -18.79 -19.05 -5.67
CA ASP D 27 -20.04 -18.99 -6.44
C ASP D 27 -20.92 -17.89 -5.87
N ALA D 28 -21.92 -17.59 -6.68
CA ALA D 28 -22.90 -16.56 -6.29
C ALA D 28 -23.64 -17.03 -5.05
N THR D 29 -24.10 -16.13 -4.21
CA THR D 29 -24.81 -16.50 -2.98
C THR D 29 -26.21 -15.94 -3.08
N ARG D 30 -26.45 -15.26 -4.20
CA ARG D 30 -27.80 -14.69 -4.37
C ARG D 30 -28.25 -15.06 -5.79
N THR D 31 -29.55 -15.12 -5.94
CA THR D 31 -30.12 -15.38 -7.28
C THR D 31 -30.22 -14.02 -7.98
N ALA D 32 -30.47 -14.03 -9.27
CA ALA D 32 -30.54 -12.80 -10.06
C ALA D 32 -31.72 -11.91 -9.74
N LEU D 33 -31.51 -10.60 -9.81
CA LEU D 33 -32.56 -9.62 -9.53
C LEU D 33 -33.16 -9.19 -10.85
N ASP D 34 -34.47 -9.23 -10.92
CA ASP D 34 -35.22 -8.77 -12.10
C ASP D 34 -35.15 -7.24 -12.12
N PRO D 35 -34.77 -6.69 -13.27
CA PRO D 35 -34.65 -5.25 -13.46
C PRO D 35 -35.90 -4.48 -13.14
N VAL D 36 -37.07 -5.00 -13.41
CA VAL D 36 -38.30 -4.25 -13.12
C VAL D 36 -38.51 -4.16 -11.61
N GLU D 37 -38.19 -5.26 -10.99
CA GLU D 37 -38.27 -5.38 -9.54
C GLU D 37 -37.25 -4.45 -8.91
N ALA D 38 -36.10 -4.35 -9.55
CA ALA D 38 -35.04 -3.49 -9.03
C ALA D 38 -35.51 -2.05 -9.13
N VAL D 39 -36.21 -1.66 -10.18
CA VAL D 39 -36.73 -0.31 -10.40
C VAL D 39 -37.71 0.11 -9.30
N HIS D 40 -38.63 -0.80 -9.00
CA HIS D 40 -39.64 -0.64 -7.98
C HIS D 40 -39.05 -0.48 -6.59
N LYS D 41 -38.17 -1.38 -6.19
CA LYS D 41 -37.46 -1.37 -4.91
C LYS D 41 -36.64 -0.11 -4.69
N LEU D 42 -35.92 0.34 -5.70
CA LEU D 42 -35.08 1.57 -5.60
C LEU D 42 -35.93 2.83 -5.43
N ALA D 43 -37.01 2.89 -6.18
CA ALA D 43 -37.97 4.00 -6.17
C ALA D 43 -38.45 4.16 -4.72
N GLU D 44 -38.78 3.03 -4.17
CA GLU D 44 -39.29 2.82 -2.84
C GLU D 44 -38.30 3.26 -1.78
N ILE D 45 -37.00 3.18 -1.99
CA ILE D 45 -36.05 3.60 -0.96
C ILE D 45 -35.63 5.06 -1.15
N GLY D 46 -36.05 5.71 -2.18
CA GLY D 46 -35.76 7.11 -2.44
C GLY D 46 -34.83 7.46 -3.56
N ALA D 47 -34.45 6.52 -4.39
CA ALA D 47 -33.53 6.80 -5.50
C ALA D 47 -34.27 7.64 -6.53
N TYR D 48 -33.55 8.48 -7.26
CA TYR D 48 -34.23 9.30 -8.29
C TYR D 48 -33.93 8.68 -9.66
N GLY D 49 -32.86 7.89 -9.74
CA GLY D 49 -32.51 7.26 -11.01
C GLY D 49 -31.82 5.93 -10.80
N ILE D 50 -31.71 5.25 -11.93
CA ILE D 50 -31.07 3.95 -12.09
C ILE D 50 -30.16 4.04 -13.30
N THR D 51 -29.04 3.37 -13.30
CA THR D 51 -28.11 3.31 -14.42
C THR D 51 -27.87 1.84 -14.79
N PHE D 52 -27.20 1.55 -15.89
CA PHE D 52 -26.98 0.11 -16.16
C PHE D 52 -25.98 0.01 -17.29
N HIS D 53 -25.41 -1.15 -17.43
CA HIS D 53 -24.51 -1.49 -18.53
C HIS D 53 -25.52 -2.20 -19.43
N ASP D 54 -25.28 -2.14 -20.72
CA ASP D 54 -26.07 -2.76 -21.75
C ASP D 54 -26.34 -4.21 -21.32
N ASP D 55 -25.32 -4.96 -20.97
CA ASP D 55 -25.42 -6.37 -20.60
C ASP D 55 -26.08 -6.66 -19.27
N ASP D 56 -26.36 -5.67 -18.48
CA ASP D 56 -27.05 -5.83 -17.20
C ASP D 56 -28.56 -6.01 -17.54
N LEU D 57 -29.05 -5.24 -18.48
CA LEU D 57 -30.46 -5.22 -18.88
C LEU D 57 -30.81 -6.26 -19.90
N VAL D 58 -30.09 -6.28 -21.00
CA VAL D 58 -30.29 -7.24 -22.11
C VAL D 58 -29.10 -8.21 -22.16
N PRO D 59 -29.38 -9.46 -21.84
CA PRO D 59 -28.35 -10.51 -21.81
C PRO D 59 -27.57 -10.46 -23.10
N PHE D 60 -26.29 -10.62 -22.95
CA PHE D 60 -25.38 -10.59 -24.10
C PHE D 60 -25.95 -11.62 -25.09
N GLY D 61 -26.05 -11.14 -26.30
CA GLY D 61 -26.54 -11.93 -27.43
C GLY D 61 -28.04 -12.16 -27.56
N SER D 62 -28.86 -11.35 -26.95
CA SER D 62 -30.32 -11.46 -27.01
C SER D 62 -30.68 -11.10 -28.46
N ASP D 63 -31.65 -11.77 -29.03
CA ASP D 63 -32.13 -11.46 -30.40
C ASP D 63 -32.90 -10.14 -30.22
N ALA D 64 -33.10 -9.50 -31.35
CA ALA D 64 -33.80 -8.21 -31.35
C ALA D 64 -35.19 -8.26 -30.76
N GLN D 65 -35.92 -9.35 -30.89
CA GLN D 65 -37.29 -9.38 -30.34
C GLN D 65 -37.26 -9.35 -28.81
N THR D 66 -36.31 -10.12 -28.31
CA THR D 66 -36.07 -10.28 -26.88
C THR D 66 -35.61 -8.97 -26.24
N ARG D 67 -34.66 -8.34 -26.94
CA ARG D 67 -34.08 -7.08 -26.47
C ARG D 67 -35.14 -6.01 -26.43
N ASP D 68 -35.98 -5.98 -27.42
CA ASP D 68 -37.06 -4.99 -27.57
C ASP D 68 -38.09 -5.12 -26.47
N GLY D 69 -38.38 -6.35 -26.14
CA GLY D 69 -39.34 -6.72 -25.11
C GLY D 69 -38.80 -6.25 -23.75
N ILE D 70 -37.55 -6.56 -23.46
CA ILE D 70 -36.93 -6.16 -22.20
C ILE D 70 -36.94 -4.64 -22.10
N ILE D 71 -36.54 -3.99 -23.16
CA ILE D 71 -36.51 -2.54 -23.13
C ILE D 71 -37.89 -1.98 -22.87
N ALA D 72 -38.87 -2.57 -23.47
CA ALA D 72 -40.25 -2.04 -23.29
C ALA D 72 -40.78 -2.15 -21.87
N GLY D 73 -40.63 -3.28 -21.23
CA GLY D 73 -41.06 -3.52 -19.83
C GLY D 73 -40.30 -2.62 -18.88
N PHE D 74 -39.03 -2.39 -19.24
CA PHE D 74 -38.13 -1.52 -18.48
C PHE D 74 -38.68 -0.11 -18.42
N LYS D 75 -39.00 0.35 -19.63
CA LYS D 75 -39.53 1.72 -19.79
C LYS D 75 -40.83 1.94 -19.04
N LYS D 76 -41.61 0.86 -18.99
CA LYS D 76 -42.91 0.92 -18.30
C LYS D 76 -42.70 1.09 -16.80
N ALA D 77 -41.77 0.34 -16.24
CA ALA D 77 -41.42 0.40 -14.83
C ALA D 77 -40.94 1.81 -14.53
N LEU D 78 -40.12 2.31 -15.44
CA LEU D 78 -39.58 3.66 -15.24
C LEU D 78 -40.69 4.70 -15.12
N ASP D 79 -41.60 4.48 -16.04
CA ASP D 79 -42.77 5.34 -16.19
C ASP D 79 -43.65 5.39 -14.95
N GLU D 80 -43.95 4.18 -14.55
CA GLU D 80 -44.77 3.94 -13.39
C GLU D 80 -44.13 4.41 -12.10
N THR D 81 -42.84 4.32 -11.93
CA THR D 81 -42.18 4.72 -10.70
C THR D 81 -41.76 6.18 -10.74
N GLY D 82 -41.55 6.74 -11.90
CA GLY D 82 -41.07 8.13 -11.97
C GLY D 82 -39.55 8.20 -11.87
N LEU D 83 -38.85 7.08 -11.89
CA LEU D 83 -37.40 7.03 -11.83
C LEU D 83 -36.83 7.44 -13.18
N ILE D 84 -35.66 8.03 -13.25
CA ILE D 84 -35.06 8.39 -14.53
C ILE D 84 -33.75 7.61 -14.67
N VAL D 85 -33.16 7.64 -15.81
CA VAL D 85 -31.91 7.01 -16.19
C VAL D 85 -30.96 8.16 -16.53
N PRO D 86 -30.21 8.60 -15.55
CA PRO D 86 -29.31 9.72 -15.75
C PRO D 86 -28.05 9.44 -16.54
N MET D 87 -27.61 8.20 -16.55
CA MET D 87 -26.36 7.78 -17.20
C MET D 87 -26.50 6.33 -17.63
N VAL D 88 -25.80 6.01 -18.69
CA VAL D 88 -25.78 4.61 -19.16
C VAL D 88 -24.28 4.30 -19.38
N THR D 89 -23.95 3.04 -19.50
CA THR D 89 -22.57 2.57 -19.69
C THR D 89 -22.62 1.27 -20.47
N THR D 90 -21.54 0.80 -21.05
CA THR D 90 -21.39 -0.41 -21.82
C THR D 90 -20.39 -1.37 -21.17
N ASN D 91 -20.73 -2.62 -21.18
CA ASN D 91 -19.84 -3.67 -20.61
C ASN D 91 -18.80 -4.03 -21.68
N LEU D 92 -17.58 -3.60 -21.51
CA LEU D 92 -16.45 -3.91 -22.39
C LEU D 92 -15.41 -4.67 -21.52
N PHE D 93 -15.85 -5.50 -20.62
CA PHE D 93 -14.86 -6.18 -19.76
C PHE D 93 -15.24 -7.62 -19.46
N THR D 94 -16.51 -7.98 -19.54
CA THR D 94 -16.88 -9.34 -19.22
C THR D 94 -16.57 -10.44 -20.21
N HIS D 95 -17.03 -10.24 -21.43
CA HIS D 95 -16.82 -11.29 -22.43
C HIS D 95 -15.36 -11.58 -22.70
N PRO D 96 -14.98 -12.84 -22.87
CA PRO D 96 -13.59 -13.22 -23.15
C PRO D 96 -12.98 -12.38 -24.26
N VAL D 97 -13.76 -11.86 -25.20
CA VAL D 97 -13.23 -11.12 -26.36
C VAL D 97 -12.50 -9.88 -25.92
N PHE D 98 -12.88 -9.36 -24.77
CA PHE D 98 -12.27 -8.14 -24.21
C PHE D 98 -11.15 -8.38 -23.26
N LYS D 99 -10.62 -9.59 -23.18
CA LYS D 99 -9.51 -9.97 -22.29
C LYS D 99 -8.32 -9.06 -22.44
N ASP D 100 -8.01 -8.39 -23.53
CA ASP D 100 -6.90 -7.44 -23.65
C ASP D 100 -7.41 -6.00 -23.82
N GLY D 101 -8.68 -5.76 -23.57
CA GLY D 101 -9.31 -4.46 -23.65
C GLY D 101 -10.36 -4.40 -24.73
N GLY D 102 -11.02 -3.25 -24.72
CA GLY D 102 -12.08 -2.91 -25.73
C GLY D 102 -11.43 -2.04 -26.81
N PHE D 103 -11.40 -0.77 -26.60
CA PHE D 103 -10.85 0.24 -27.47
C PHE D 103 -9.35 0.07 -27.68
N THR D 104 -8.65 -0.55 -26.74
CA THR D 104 -7.21 -0.65 -26.88
C THR D 104 -6.68 -2.09 -26.96
N SER D 105 -7.49 -3.04 -27.37
CA SER D 105 -7.03 -4.43 -27.52
C SER D 105 -5.92 -4.43 -28.57
N ASN D 106 -4.95 -5.32 -28.54
CA ASN D 106 -3.89 -5.35 -29.56
C ASN D 106 -4.52 -5.80 -30.88
N ASP D 107 -5.60 -6.51 -30.80
CA ASP D 107 -6.37 -7.05 -31.93
C ASP D 107 -7.34 -6.03 -32.51
N ARG D 108 -7.11 -5.61 -33.72
CA ARG D 108 -7.85 -4.61 -34.45
C ARG D 108 -9.35 -4.84 -34.54
N SER D 109 -9.62 -6.09 -34.77
CA SER D 109 -11.05 -6.44 -34.94
C SER D 109 -11.81 -6.21 -33.64
N VAL D 110 -11.18 -6.46 -32.52
CA VAL D 110 -11.83 -6.28 -31.22
C VAL D 110 -12.05 -4.79 -31.04
N ARG D 111 -11.10 -3.99 -31.51
CA ARG D 111 -11.30 -2.52 -31.34
C ARG D 111 -12.52 -2.07 -32.13
N ARG D 112 -12.71 -2.63 -33.33
CA ARG D 112 -13.86 -2.23 -34.17
C ARG D 112 -15.15 -2.66 -33.53
N TYR D 113 -15.26 -3.84 -33.00
CA TYR D 113 -16.45 -4.35 -32.32
C TYR D 113 -16.76 -3.59 -31.04
N ALA D 114 -15.76 -3.14 -30.28
CA ALA D 114 -15.95 -2.41 -29.04
C ALA D 114 -16.69 -1.11 -29.32
N ILE D 115 -16.25 -0.43 -30.38
CA ILE D 115 -16.86 0.87 -30.79
C ILE D 115 -18.31 0.63 -31.19
N ARG D 116 -18.63 -0.37 -32.00
CA ARG D 116 -20.01 -0.69 -32.37
C ARG D 116 -20.88 -1.02 -31.15
N LYS D 117 -20.35 -1.72 -30.15
CA LYS D 117 -21.07 -2.10 -28.93
C LYS D 117 -21.48 -0.85 -28.17
N VAL D 118 -20.56 0.12 -28.14
CA VAL D 118 -20.80 1.41 -27.46
C VAL D 118 -21.82 2.26 -28.24
N LEU D 119 -21.69 2.37 -29.54
CA LEU D 119 -22.59 3.16 -30.38
C LEU D 119 -24.03 2.67 -30.14
N ARG D 120 -24.21 1.38 -30.15
CA ARG D 120 -25.53 0.79 -29.94
C ARG D 120 -26.03 1.18 -28.57
N GLN D 121 -25.21 1.31 -27.55
CA GLN D 121 -25.65 1.70 -26.20
C GLN D 121 -25.99 3.18 -26.13
N MET D 122 -25.36 4.00 -26.95
CA MET D 122 -25.58 5.47 -26.98
C MET D 122 -26.98 5.70 -27.51
N ASP D 123 -27.36 4.92 -28.48
CA ASP D 123 -28.71 5.01 -29.09
C ASP D 123 -29.73 4.77 -27.99
N LEU D 124 -29.62 3.68 -27.29
CA LEU D 124 -30.52 3.28 -26.21
C LEU D 124 -30.44 4.32 -25.12
N GLY D 125 -29.24 4.82 -24.79
CA GLY D 125 -29.15 5.83 -23.73
C GLY D 125 -29.95 7.05 -24.13
N ALA D 126 -29.73 7.54 -25.32
CA ALA D 126 -30.36 8.72 -25.91
C ALA D 126 -31.87 8.52 -25.87
N GLU D 127 -32.37 7.35 -26.13
CA GLU D 127 -33.79 7.05 -26.12
C GLU D 127 -34.35 7.02 -24.71
N LEU D 128 -33.63 6.69 -23.67
CA LEU D 128 -34.06 6.63 -22.29
C LEU D 128 -33.81 8.01 -21.66
N GLY D 129 -33.24 8.92 -22.41
CA GLY D 129 -33.00 10.27 -21.91
C GLY D 129 -31.74 10.51 -21.10
N ALA D 130 -30.83 9.54 -21.16
CA ALA D 130 -29.55 9.61 -20.43
C ALA D 130 -28.76 10.82 -20.92
N LYS D 131 -28.11 11.52 -20.02
CA LYS D 131 -27.32 12.70 -20.32
C LYS D 131 -25.83 12.44 -20.31
N THR D 132 -25.38 11.39 -19.63
CA THR D 132 -23.98 11.02 -19.54
C THR D 132 -23.76 9.56 -19.94
N LEU D 133 -22.66 9.35 -20.60
CA LEU D 133 -22.19 8.06 -21.02
C LEU D 133 -20.88 7.94 -20.22
N VAL D 134 -20.76 7.00 -19.33
CA VAL D 134 -19.58 6.71 -18.51
C VAL D 134 -18.80 5.61 -19.28
N LEU D 135 -17.48 5.79 -19.29
CA LEU D 135 -16.59 4.83 -19.94
C LEU D 135 -15.60 4.29 -18.91
N TRP D 136 -15.74 3.03 -18.49
CA TRP D 136 -14.79 2.41 -17.55
C TRP D 136 -13.95 1.36 -18.33
N GLY D 137 -12.74 1.73 -18.70
CA GLY D 137 -11.92 0.80 -19.49
C GLY D 137 -11.17 -0.13 -18.57
N GLY D 138 -11.91 -1.02 -17.94
CA GLY D 138 -11.40 -1.99 -17.00
C GLY D 138 -10.39 -2.97 -17.54
N ARG D 139 -10.44 -3.29 -18.81
CA ARG D 139 -9.51 -4.23 -19.46
C ARG D 139 -8.44 -3.50 -20.29
N GLU D 140 -8.44 -2.18 -20.32
CA GLU D 140 -7.41 -1.50 -21.09
C GLU D 140 -6.20 -1.42 -20.15
N GLY D 141 -5.13 -2.15 -20.51
CA GLY D 141 -3.92 -2.12 -19.66
C GLY D 141 -2.98 -3.25 -19.91
N ALA D 142 -2.30 -3.75 -18.91
CA ALA D 142 -1.38 -4.89 -19.11
C ALA D 142 -0.97 -5.57 -17.81
N GLU D 143 -0.42 -6.78 -17.99
CA GLU D 143 0.09 -7.49 -16.82
C GLU D 143 1.63 -7.42 -16.96
N TYR D 144 2.09 -7.23 -18.18
CA TYR D 144 3.53 -7.16 -18.48
C TYR D 144 3.81 -5.92 -19.30
N ASP D 145 4.90 -5.19 -19.04
CA ASP D 145 5.20 -3.94 -19.71
C ASP D 145 5.40 -4.05 -21.21
N SER D 146 6.00 -5.13 -21.66
CA SER D 146 6.25 -5.22 -23.12
C SER D 146 5.07 -5.63 -23.95
N ALA D 147 4.00 -5.98 -23.29
CA ALA D 147 2.81 -6.46 -24.00
C ALA D 147 1.97 -5.38 -24.58
N LYS D 148 2.19 -4.17 -24.11
CA LYS D 148 1.37 -3.04 -24.54
C LYS D 148 2.12 -1.77 -24.77
N ASP D 149 1.95 -1.23 -25.94
CA ASP D 149 2.54 0.07 -26.36
C ASP D 149 1.52 1.12 -25.85
N VAL D 150 1.85 1.82 -24.79
CA VAL D 150 0.96 2.80 -24.17
C VAL D 150 0.57 4.00 -25.04
N SER D 151 1.58 4.45 -25.76
CA SER D 151 1.45 5.57 -26.69
C SER D 151 0.46 5.15 -27.77
N ALA D 152 0.65 4.00 -28.40
CA ALA D 152 -0.28 3.49 -29.39
C ALA D 152 -1.64 3.33 -28.70
N ALA D 153 -1.64 2.76 -27.52
CA ALA D 153 -2.88 2.56 -26.76
C ALA D 153 -3.61 3.88 -26.55
N LEU D 154 -2.94 4.97 -26.21
CA LEU D 154 -3.61 6.26 -25.97
C LEU D 154 -4.13 6.84 -27.27
N ASP D 155 -3.45 6.58 -28.35
CA ASP D 155 -3.83 7.02 -29.69
C ASP D 155 -5.15 6.35 -30.09
N ARG D 156 -5.22 5.07 -29.83
CA ARG D 156 -6.40 4.24 -30.14
C ARG D 156 -7.54 4.62 -29.23
N TYR D 157 -7.23 4.97 -27.99
CA TYR D 157 -8.27 5.36 -27.02
C TYR D 157 -8.94 6.65 -27.52
N ARG D 158 -8.06 7.59 -27.89
CA ARG D 158 -8.48 8.91 -28.37
C ARG D 158 -9.23 8.75 -29.69
N GLU D 159 -8.80 7.89 -30.58
CA GLU D 159 -9.41 7.59 -31.85
C GLU D 159 -10.86 7.16 -31.68
N ALA D 160 -11.13 6.26 -30.74
CA ALA D 160 -12.45 5.77 -30.43
C ALA D 160 -13.33 6.85 -29.81
N LEU D 161 -12.81 7.59 -28.86
CA LEU D 161 -13.56 8.64 -28.17
C LEU D 161 -13.91 9.75 -29.12
N ASN D 162 -13.06 10.16 -30.02
CA ASN D 162 -13.42 11.23 -30.99
C ASN D 162 -14.59 10.81 -31.90
N LEU D 163 -14.65 9.53 -32.25
CA LEU D 163 -15.72 9.07 -33.13
C LEU D 163 -17.05 9.18 -32.39
N LEU D 164 -17.03 8.77 -31.13
CA LEU D 164 -18.21 8.79 -30.28
C LEU D 164 -18.74 10.21 -30.12
N ALA D 165 -17.94 11.21 -29.86
CA ALA D 165 -18.38 12.61 -29.70
C ALA D 165 -19.05 13.05 -31.01
N GLN D 166 -18.42 12.72 -32.12
CA GLN D 166 -18.84 12.99 -33.49
C GLN D 166 -20.25 12.50 -33.74
N TYR D 167 -20.47 11.23 -33.55
CA TYR D 167 -21.77 10.59 -33.73
C TYR D 167 -22.81 11.26 -32.85
N SER D 168 -22.50 11.47 -31.59
CA SER D 168 -23.42 12.12 -30.64
C SER D 168 -23.82 13.52 -31.11
N GLU D 169 -22.86 14.34 -31.39
CA GLU D 169 -23.09 15.70 -31.86
C GLU D 169 -23.89 15.65 -33.14
N ASP D 170 -23.55 14.76 -34.05
CA ASP D 170 -24.32 14.67 -35.30
C ASP D 170 -25.74 14.20 -35.01
N ARG D 171 -25.88 13.25 -34.11
CA ARG D 171 -27.26 12.79 -33.86
C ARG D 171 -28.01 13.76 -32.99
N GLY D 172 -27.36 14.75 -32.44
CA GLY D 172 -28.04 15.70 -31.54
C GLY D 172 -28.38 15.02 -30.22
N TYR D 173 -27.64 14.00 -29.79
CA TYR D 173 -27.90 13.30 -28.54
C TYR D 173 -27.56 14.14 -27.30
N GLY D 174 -26.70 15.11 -27.48
CA GLY D 174 -26.27 15.99 -26.38
C GLY D 174 -25.67 15.30 -25.17
N LEU D 175 -25.05 14.14 -25.33
CA LEU D 175 -24.42 13.41 -24.25
C LEU D 175 -23.12 14.11 -23.86
N ARG D 176 -22.66 13.84 -22.65
CA ARG D 176 -21.40 14.29 -22.09
C ARG D 176 -20.71 12.94 -21.79
N PHE D 177 -19.41 12.87 -21.96
CA PHE D 177 -18.70 11.59 -21.71
C PHE D 177 -17.89 11.69 -20.44
N ALA D 178 -17.92 10.66 -19.63
CA ALA D 178 -17.12 10.69 -18.37
C ALA D 178 -16.22 9.46 -18.34
N ILE D 179 -14.91 9.64 -18.34
CA ILE D 179 -13.96 8.51 -18.28
C ILE D 179 -13.82 8.18 -16.79
N GLU D 180 -13.84 6.94 -16.41
CA GLU D 180 -13.64 6.49 -15.01
C GLU D 180 -12.29 5.79 -14.83
N PRO D 181 -11.40 6.44 -14.07
CA PRO D 181 -10.05 5.91 -13.83
C PRO D 181 -10.08 4.80 -12.79
N LYS D 182 -9.14 3.89 -12.82
CA LYS D 182 -8.97 2.77 -11.89
C LYS D 182 -7.51 2.34 -12.06
N PRO D 183 -6.82 2.16 -10.95
CA PRO D 183 -5.39 1.81 -10.98
C PRO D 183 -5.03 0.41 -11.41
N ASN D 184 -5.86 -0.54 -10.99
CA ASN D 184 -5.61 -1.96 -11.31
C ASN D 184 -6.88 -2.73 -11.04
N GLU D 185 -6.96 -3.97 -11.40
CA GLU D 185 -8.06 -4.92 -11.20
C GLU D 185 -9.25 -4.65 -12.12
N PRO D 186 -9.49 -5.47 -13.14
CA PRO D 186 -8.79 -6.70 -13.44
C PRO D 186 -7.45 -6.73 -14.11
N ARG D 187 -6.87 -5.74 -14.70
CA ARG D 187 -5.54 -5.87 -15.30
C ARG D 187 -4.54 -5.54 -14.19
N GLY D 188 -3.29 -6.00 -14.27
CA GLY D 188 -2.24 -5.70 -13.30
C GLY D 188 -2.12 -4.19 -13.22
N ASP D 189 -2.15 -3.47 -14.32
CA ASP D 189 -2.05 -2.01 -14.38
C ASP D 189 -3.07 -1.53 -15.41
N ILE D 190 -3.96 -0.61 -15.03
CA ILE D 190 -4.96 -0.11 -16.00
C ILE D 190 -4.52 1.26 -16.53
N LEU D 191 -4.77 1.56 -17.79
CA LEU D 191 -4.38 2.86 -18.38
C LEU D 191 -5.30 3.94 -17.79
N LEU D 192 -4.77 5.12 -17.59
CA LEU D 192 -5.49 6.25 -16.99
C LEU D 192 -5.84 5.79 -15.56
N PRO D 193 -4.79 5.57 -14.77
CA PRO D 193 -4.92 5.04 -13.41
C PRO D 193 -5.53 5.85 -12.31
N THR D 194 -5.54 7.15 -12.34
CA THR D 194 -6.09 8.04 -11.31
C THR D 194 -6.88 9.18 -11.94
N ALA D 195 -7.64 9.90 -11.15
CA ALA D 195 -8.42 11.04 -11.68
C ALA D 195 -7.52 11.97 -12.50
N GLY D 196 -6.30 12.19 -12.06
CA GLY D 196 -5.33 13.06 -12.70
C GLY D 196 -5.00 12.66 -14.12
N HIS D 197 -4.65 11.41 -14.29
CA HIS D 197 -4.26 10.87 -15.60
C HIS D 197 -5.45 11.03 -16.53
N ALA D 198 -6.66 10.77 -16.05
CA ALA D 198 -7.86 10.83 -16.93
C ALA D 198 -8.11 12.26 -17.40
N ILE D 199 -7.95 13.21 -16.47
CA ILE D 199 -8.16 14.61 -16.80
C ILE D 199 -7.12 15.01 -17.84
N ALA D 200 -5.85 14.74 -17.60
CA ALA D 200 -4.81 15.11 -18.57
C ALA D 200 -5.09 14.51 -19.95
N PHE D 201 -5.64 13.32 -20.04
CA PHE D 201 -5.92 12.66 -21.32
C PHE D 201 -7.07 13.36 -22.06
N VAL D 202 -8.13 13.61 -21.32
CA VAL D 202 -9.39 14.25 -21.80
C VAL D 202 -9.06 15.55 -22.50
N GLN D 203 -8.07 16.26 -22.04
CA GLN D 203 -7.61 17.55 -22.53
C GLN D 203 -7.05 17.38 -23.92
N GLU D 204 -6.76 16.22 -24.40
CA GLU D 204 -6.17 15.97 -25.72
C GLU D 204 -7.12 15.51 -26.80
N LEU D 205 -8.40 15.39 -26.49
CA LEU D 205 -9.43 14.95 -27.42
C LEU D 205 -9.76 16.08 -28.37
N GLU D 206 -10.50 15.76 -29.42
CA GLU D 206 -10.83 16.82 -30.41
C GLU D 206 -11.80 17.84 -29.86
N ARG D 207 -12.72 17.40 -29.05
CA ARG D 207 -13.75 18.23 -28.41
C ARG D 207 -13.76 17.99 -26.91
N PRO D 208 -12.71 18.51 -26.26
CA PRO D 208 -12.50 18.36 -24.82
C PRO D 208 -13.66 18.79 -23.96
N GLU D 209 -14.41 19.75 -24.42
CA GLU D 209 -15.52 20.28 -23.63
C GLU D 209 -16.61 19.27 -23.42
N LEU D 210 -16.63 18.22 -24.20
CA LEU D 210 -17.66 17.19 -24.04
C LEU D 210 -17.22 16.10 -23.08
N PHE D 211 -15.98 16.17 -22.62
CA PHE D 211 -15.37 15.15 -21.76
C PHE D 211 -14.91 15.56 -20.38
N GLY D 212 -15.24 14.68 -19.44
CA GLY D 212 -14.89 14.88 -18.02
C GLY D 212 -14.56 13.52 -17.42
N ILE D 213 -14.63 13.37 -16.13
CA ILE D 213 -14.35 12.10 -15.45
C ILE D 213 -15.43 11.64 -14.50
N ASN D 214 -15.43 10.39 -14.19
CA ASN D 214 -16.36 9.73 -13.26
C ASN D 214 -15.46 9.01 -12.26
N PRO D 215 -14.90 9.72 -11.32
CA PRO D 215 -14.00 9.16 -10.32
C PRO D 215 -14.79 8.36 -9.31
N GLU D 216 -14.15 7.33 -8.74
CA GLU D 216 -14.84 6.49 -7.74
C GLU D 216 -14.06 6.49 -6.44
N THR D 217 -14.75 6.63 -5.31
CA THR D 217 -14.09 6.66 -4.00
C THR D 217 -13.04 5.57 -3.84
N GLY D 218 -13.43 4.31 -3.84
CA GLY D 218 -12.43 3.26 -3.65
C GLY D 218 -11.34 3.23 -4.68
N HIS D 219 -11.59 3.68 -5.90
CA HIS D 219 -10.53 3.58 -6.93
C HIS D 219 -9.33 4.43 -6.57
N GLU D 220 -9.63 5.64 -6.07
CA GLU D 220 -8.48 6.47 -5.71
C GLU D 220 -7.86 5.94 -4.43
N GLN D 221 -8.67 5.43 -3.52
CA GLN D 221 -8.17 4.86 -2.26
C GLN D 221 -7.38 3.59 -2.49
N MET D 222 -7.53 2.90 -3.60
CA MET D 222 -6.74 1.69 -3.92
C MET D 222 -5.27 2.09 -4.09
N SER D 223 -4.99 3.35 -4.38
CA SER D 223 -3.63 3.87 -4.55
C SER D 223 -3.23 4.68 -3.29
N ASN D 224 -4.10 4.70 -2.31
CA ASN D 224 -3.98 5.39 -1.04
C ASN D 224 -3.89 6.91 -1.25
N LEU D 225 -4.59 7.47 -2.20
CA LEU D 225 -4.65 8.88 -2.52
C LEU D 225 -5.83 9.51 -1.75
N ASN D 226 -5.75 10.84 -1.65
CA ASN D 226 -6.84 11.52 -0.88
C ASN D 226 -8.02 11.74 -1.83
N PHE D 227 -9.11 11.01 -1.69
CA PHE D 227 -10.24 11.18 -2.60
C PHE D 227 -10.79 12.60 -2.60
N THR D 228 -11.13 13.18 -1.47
CA THR D 228 -11.65 14.55 -1.47
C THR D 228 -10.74 15.54 -2.16
N GLN D 229 -9.44 15.45 -1.94
CA GLN D 229 -8.44 16.35 -2.53
C GLN D 229 -8.40 16.23 -4.05
N GLY D 230 -8.57 15.04 -4.60
CA GLY D 230 -8.58 14.75 -6.03
C GLY D 230 -9.87 15.27 -6.62
N ILE D 231 -10.95 15.16 -5.85
CA ILE D 231 -12.26 15.66 -6.26
C ILE D 231 -12.16 17.18 -6.34
N ALA D 232 -11.50 17.79 -5.36
CA ALA D 232 -11.32 19.25 -5.33
C ALA D 232 -10.64 19.74 -6.61
N GLN D 233 -9.60 19.05 -7.02
CA GLN D 233 -8.89 19.33 -8.24
C GLN D 233 -9.81 19.09 -9.43
N ALA D 234 -10.56 18.00 -9.48
CA ALA D 234 -11.46 17.72 -10.61
C ALA D 234 -12.43 18.89 -10.79
N LEU D 235 -12.91 19.43 -9.69
CA LEU D 235 -13.82 20.58 -9.65
C LEU D 235 -13.06 21.83 -10.12
N TRP D 236 -11.82 22.04 -9.82
CA TRP D 236 -11.05 23.22 -10.24
C TRP D 236 -10.94 23.23 -11.76
N HIS D 237 -10.82 22.07 -12.37
CA HIS D 237 -10.70 21.83 -13.79
C HIS D 237 -12.07 21.84 -14.47
N LYS D 238 -13.06 21.73 -13.62
CA LYS D 238 -14.46 21.66 -14.05
C LYS D 238 -14.70 20.40 -14.88
N LYS D 239 -14.19 19.29 -14.41
CA LYS D 239 -14.31 18.03 -15.12
C LYS D 239 -15.01 16.93 -14.32
N LEU D 240 -15.69 17.29 -13.27
CA LEU D 240 -16.45 16.33 -12.48
C LEU D 240 -17.84 16.20 -13.16
N PHE D 241 -17.99 15.30 -14.11
CA PHE D 241 -19.22 15.09 -14.85
C PHE D 241 -20.18 14.17 -14.10
N HIS D 242 -19.57 13.30 -13.32
CA HIS D 242 -20.35 12.28 -12.54
C HIS D 242 -19.45 11.80 -11.40
N ILE D 243 -19.97 11.05 -10.46
CA ILE D 243 -19.22 10.53 -9.33
C ILE D 243 -19.79 9.19 -8.86
N ASP D 244 -18.91 8.26 -8.50
CA ASP D 244 -19.28 6.93 -7.98
C ASP D 244 -18.86 6.94 -6.51
N LEU D 245 -19.81 6.78 -5.59
CA LEU D 245 -19.57 6.81 -4.15
C LEU D 245 -19.60 5.39 -3.60
N ASN D 246 -18.59 5.06 -2.81
CA ASN D 246 -18.48 3.72 -2.16
C ASN D 246 -17.43 3.84 -1.05
N GLY D 247 -17.12 2.69 -0.48
CA GLY D 247 -16.14 2.56 0.62
C GLY D 247 -15.05 1.53 0.30
N GLN D 248 -13.86 1.81 0.83
CA GLN D 248 -12.69 0.96 0.61
C GLN D 248 -11.73 1.10 1.78
N HIS D 249 -10.92 0.07 2.05
CA HIS D 249 -9.91 0.17 3.12
C HIS D 249 -8.51 0.17 2.50
N GLY D 250 -8.10 1.28 1.94
CA GLY D 250 -6.77 1.42 1.34
C GLY D 250 -6.47 0.44 0.22
N PRO D 251 -5.17 0.25 -0.04
CA PRO D 251 -4.70 -0.63 -1.09
C PRO D 251 -4.96 -2.11 -0.97
N LYS D 252 -5.92 -2.68 -1.66
CA LYS D 252 -6.25 -4.11 -1.62
C LYS D 252 -7.28 -4.24 -2.73
N PHE D 253 -7.81 -5.41 -2.95
CA PHE D 253 -8.83 -5.61 -4.01
C PHE D 253 -9.91 -4.54 -3.78
N ASP D 254 -10.69 -4.31 -4.80
CA ASP D 254 -11.83 -3.37 -4.91
C ASP D 254 -12.92 -3.90 -3.98
N GLN D 255 -13.17 -3.28 -2.83
CA GLN D 255 -14.17 -3.76 -1.87
C GLN D 255 -15.62 -3.38 -2.14
N ASP D 256 -15.82 -2.18 -2.68
CA ASP D 256 -17.15 -1.68 -3.00
C ASP D 256 -18.11 -1.73 -1.80
N LEU D 257 -17.66 -1.20 -0.69
CA LEU D 257 -18.46 -1.16 0.52
C LEU D 257 -19.47 0.01 0.35
N VAL D 258 -20.45 0.09 1.25
CA VAL D 258 -21.41 1.20 1.24
C VAL D 258 -20.58 2.48 1.41
N PHE D 259 -21.03 3.58 0.85
CA PHE D 259 -20.30 4.87 1.02
C PHE D 259 -20.21 5.18 2.52
N GLY D 260 -19.03 5.58 3.00
CA GLY D 260 -18.82 5.92 4.42
C GLY D 260 -18.38 4.79 5.34
N HIS D 261 -18.40 3.55 4.85
CA HIS D 261 -17.99 2.36 5.57
C HIS D 261 -16.51 2.01 5.42
N GLY D 262 -15.78 2.81 4.67
CA GLY D 262 -14.34 2.65 4.43
C GLY D 262 -13.59 3.72 5.24
N ASP D 263 -13.21 4.77 4.54
CA ASP D 263 -12.51 5.92 5.14
C ASP D 263 -13.58 6.92 5.57
N LEU D 264 -14.12 6.85 6.77
CA LEU D 264 -15.16 7.70 7.29
C LEU D 264 -14.80 9.18 7.29
N LEU D 265 -13.61 9.48 7.76
CA LEU D 265 -13.14 10.87 7.82
C LEU D 265 -13.08 11.47 6.43
N ASN D 266 -12.69 10.75 5.41
CA ASN D 266 -12.59 11.27 4.01
C ASN D 266 -13.99 11.37 3.40
N ALA D 267 -14.91 10.54 3.85
CA ALA D 267 -16.30 10.57 3.39
C ALA D 267 -16.90 11.89 3.90
N PHE D 268 -16.58 12.21 5.13
CA PHE D 268 -17.08 13.42 5.78
C PHE D 268 -16.61 14.67 5.06
N SER D 269 -15.32 14.75 4.79
CA SER D 269 -14.79 15.95 4.11
C SER D 269 -15.26 15.95 2.65
N LEU D 270 -15.60 14.79 2.09
CA LEU D 270 -16.13 14.74 0.72
C LEU D 270 -17.52 15.38 0.67
N VAL D 271 -18.43 14.98 1.52
CA VAL D 271 -19.77 15.57 1.60
C VAL D 271 -19.61 17.06 1.90
N ASP D 272 -18.71 17.50 2.75
CA ASP D 272 -18.54 18.96 3.01
C ASP D 272 -18.21 19.68 1.70
N LEU D 273 -17.27 19.19 0.92
CA LEU D 273 -16.86 19.76 -0.35
C LEU D 273 -17.98 19.89 -1.38
N LEU D 274 -18.76 18.81 -1.57
CA LEU D 274 -19.84 18.76 -2.54
C LEU D 274 -21.02 19.66 -2.22
N GLU D 275 -21.48 19.70 -0.99
CA GLU D 275 -22.66 20.45 -0.60
C GLU D 275 -22.52 21.85 -0.09
N ASN D 276 -21.42 22.11 0.53
CA ASN D 276 -21.14 23.41 1.17
C ASN D 276 -20.20 24.09 0.18
N GLY D 277 -20.74 24.18 -0.99
CA GLY D 277 -19.92 24.79 -2.06
C GLY D 277 -20.01 26.31 -1.86
N PRO D 278 -19.37 26.95 -2.85
CA PRO D 278 -19.33 28.43 -2.92
C PRO D 278 -20.72 28.98 -3.27
N ASP D 279 -21.09 29.96 -2.45
CA ASP D 279 -22.35 30.71 -2.52
C ASP D 279 -23.53 29.96 -1.92
N GLY D 280 -23.26 29.28 -0.81
CA GLY D 280 -24.31 28.50 -0.10
C GLY D 280 -24.58 27.11 -0.65
N ALA D 281 -24.73 27.09 -1.96
CA ALA D 281 -25.01 25.94 -2.80
C ALA D 281 -23.89 24.93 -3.00
N PRO D 282 -24.33 23.74 -3.40
CA PRO D 282 -23.42 22.63 -3.66
C PRO D 282 -22.44 23.09 -4.73
N ALA D 283 -21.29 22.49 -4.68
CA ALA D 283 -20.19 22.71 -5.62
C ALA D 283 -20.40 21.81 -6.83
N TYR D 284 -21.19 20.77 -6.68
CA TYR D 284 -21.52 19.77 -7.70
C TYR D 284 -23.02 19.48 -7.72
N ASP D 285 -23.55 19.42 -8.93
CA ASP D 285 -24.99 19.16 -9.12
C ASP D 285 -25.36 17.91 -9.88
N GLY D 286 -24.50 16.99 -10.22
CA GLY D 286 -24.89 15.77 -10.92
C GLY D 286 -25.41 14.76 -9.90
N PRO D 287 -25.64 13.55 -10.43
CA PRO D 287 -26.14 12.46 -9.56
C PRO D 287 -25.11 12.10 -8.48
N ARG D 288 -25.60 11.58 -7.39
CA ARG D 288 -24.80 11.10 -6.25
C ARG D 288 -24.99 9.61 -6.51
N HIS D 289 -24.14 9.02 -7.29
CA HIS D 289 -24.28 7.61 -7.67
C HIS D 289 -23.52 6.63 -6.84
N PHE D 290 -24.16 5.60 -6.31
CA PHE D 290 -23.58 4.56 -5.47
C PHE D 290 -23.19 3.36 -6.33
N ASP D 291 -21.91 3.17 -6.51
CA ASP D 291 -21.35 2.05 -7.28
C ASP D 291 -20.67 1.22 -6.19
N TYR D 292 -21.47 0.37 -5.60
CA TYR D 292 -21.13 -0.50 -4.48
C TYR D 292 -21.72 -1.88 -4.70
N LYS D 293 -21.41 -2.78 -3.77
CA LYS D 293 -21.87 -4.16 -3.77
C LYS D 293 -22.29 -4.63 -2.38
N PRO D 294 -23.48 -5.18 -2.31
CA PRO D 294 -23.97 -5.73 -1.03
C PRO D 294 -22.99 -6.87 -0.68
N SER D 295 -22.43 -6.92 0.53
CA SER D 295 -21.50 -8.00 0.91
C SER D 295 -22.01 -9.39 0.55
N ARG D 296 -21.11 -10.30 0.23
CA ARG D 296 -21.44 -11.67 -0.13
C ARG D 296 -22.15 -12.48 0.95
N THR D 297 -22.07 -12.07 2.20
CA THR D 297 -22.68 -12.67 3.34
C THR D 297 -24.17 -12.39 3.47
N GLU D 298 -24.69 -11.45 2.73
CA GLU D 298 -26.10 -11.06 2.80
C GLU D 298 -27.07 -11.66 1.81
N ASP D 299 -28.32 -11.69 2.21
CA ASP D 299 -29.44 -12.17 1.37
C ASP D 299 -30.17 -10.92 0.85
N TYR D 300 -31.32 -11.12 0.22
CA TYR D 300 -32.02 -9.92 -0.33
C TYR D 300 -32.38 -8.95 0.76
N ASP D 301 -32.61 -9.32 2.01
CA ASP D 301 -32.90 -8.35 3.06
C ASP D 301 -31.66 -7.50 3.23
N GLY D 302 -30.47 -8.11 3.33
CA GLY D 302 -29.23 -7.33 3.51
C GLY D 302 -29.03 -6.39 2.33
N VAL D 303 -29.44 -6.82 1.15
CA VAL D 303 -29.29 -6.04 -0.07
C VAL D 303 -30.04 -4.71 0.08
N TRP D 304 -31.30 -4.72 0.45
CA TRP D 304 -32.06 -3.47 0.55
C TRP D 304 -31.59 -2.65 1.73
N GLU D 305 -31.14 -3.38 2.73
CA GLU D 305 -30.59 -2.74 3.93
C GLU D 305 -29.38 -1.93 3.48
N SER D 306 -28.56 -2.57 2.68
CA SER D 306 -27.33 -1.92 2.21
C SER D 306 -27.60 -0.77 1.27
N ALA D 307 -28.65 -0.81 0.48
CA ALA D 307 -28.98 0.28 -0.47
C ALA D 307 -29.41 1.47 0.40
N LYS D 308 -30.28 1.24 1.36
CA LYS D 308 -30.70 2.33 2.27
C LYS D 308 -29.49 2.83 3.06
N ALA D 309 -28.52 2.09 3.51
CA ALA D 309 -27.38 2.54 4.27
C ALA D 309 -26.56 3.59 3.56
N ASN D 310 -26.48 3.52 2.24
CA ASN D 310 -25.74 4.45 1.38
C ASN D 310 -26.37 5.84 1.50
N ILE D 311 -27.67 5.89 1.37
CA ILE D 311 -28.43 7.13 1.47
C ILE D 311 -28.36 7.68 2.89
N ARG D 312 -28.53 6.85 3.91
CA ARG D 312 -28.50 7.31 5.30
C ARG D 312 -27.10 7.92 5.54
N MET D 313 -26.09 7.17 5.16
CA MET D 313 -24.71 7.61 5.35
C MET D 313 -24.57 9.00 4.71
N TYR D 314 -24.97 9.21 3.48
CA TYR D 314 -24.80 10.55 2.85
C TYR D 314 -25.52 11.65 3.60
N LEU D 315 -26.77 11.43 3.96
CA LEU D 315 -27.60 12.39 4.70
C LEU D 315 -27.06 12.72 6.08
N LEU D 316 -26.63 11.75 6.89
CA LEU D 316 -26.02 11.99 8.21
C LEU D 316 -24.75 12.85 8.06
N LEU D 317 -23.82 12.51 7.19
CA LEU D 317 -22.61 13.29 6.98
C LEU D 317 -22.99 14.68 6.51
N LYS D 318 -24.01 14.80 5.68
CA LYS D 318 -24.44 16.12 5.17
C LYS D 318 -24.87 17.06 6.28
N GLU D 319 -25.65 16.55 7.19
CA GLU D 319 -26.19 17.22 8.40
C GLU D 319 -25.05 17.71 9.28
N ARG D 320 -24.07 16.84 9.53
CA ARG D 320 -22.87 17.15 10.32
C ARG D 320 -21.95 18.15 9.60
N ALA D 321 -21.87 18.09 8.28
CA ALA D 321 -21.01 19.05 7.56
C ALA D 321 -21.68 20.41 7.70
N LYS D 322 -22.98 20.44 7.63
CA LYS D 322 -23.71 21.71 7.73
C LYS D 322 -23.52 22.41 9.07
N ALA D 323 -23.69 21.60 10.10
CA ALA D 323 -23.56 22.05 11.50
C ALA D 323 -22.13 22.50 11.74
N PHE D 324 -21.21 21.80 11.11
CA PHE D 324 -19.78 22.14 11.33
C PHE D 324 -19.50 23.59 10.93
N ARG D 325 -19.95 23.91 9.73
CA ARG D 325 -19.73 25.22 9.11
C ARG D 325 -20.56 26.31 9.78
N ALA D 326 -21.66 26.01 10.39
CA ALA D 326 -22.47 27.05 11.01
C ALA D 326 -22.01 27.27 12.46
N ASP D 327 -20.93 26.67 12.87
CA ASP D 327 -20.44 26.78 14.28
C ASP D 327 -19.44 27.92 14.35
N PRO D 328 -19.83 28.88 15.18
CA PRO D 328 -19.03 30.09 15.40
C PRO D 328 -17.67 29.65 15.92
N GLU D 329 -17.60 28.53 16.63
CA GLU D 329 -16.25 28.13 17.08
C GLU D 329 -15.40 27.62 15.94
N VAL D 330 -16.04 26.89 15.04
CA VAL D 330 -15.36 26.37 13.86
C VAL D 330 -14.90 27.57 13.06
N GLN D 331 -15.78 28.58 12.91
CA GLN D 331 -15.43 29.81 12.13
C GLN D 331 -14.21 30.52 12.66
N GLU D 332 -14.18 30.62 13.97
CA GLU D 332 -13.08 31.25 14.68
C GLU D 332 -11.81 30.44 14.43
N ALA D 333 -11.93 29.13 14.37
CA ALA D 333 -10.77 28.25 14.14
C ALA D 333 -10.30 28.44 12.71
N LEU D 334 -11.26 28.47 11.78
CA LEU D 334 -10.92 28.71 10.36
C LEU D 334 -10.12 30.02 10.22
N ALA D 335 -10.59 31.07 10.91
CA ALA D 335 -9.94 32.39 10.85
C ALA D 335 -8.51 32.29 11.36
N ALA D 336 -8.36 31.61 12.49
CA ALA D 336 -7.06 31.44 13.17
C ALA D 336 -6.13 30.64 12.30
N SER D 337 -6.60 29.62 11.61
CA SER D 337 -5.78 28.79 10.70
C SER D 337 -5.56 29.40 9.32
N LYS D 338 -6.17 30.53 9.06
CA LYS D 338 -6.04 31.25 7.82
C LYS D 338 -6.49 30.51 6.56
N VAL D 339 -7.52 29.69 6.66
CA VAL D 339 -7.95 28.97 5.46
C VAL D 339 -8.38 29.87 4.33
N ALA D 340 -9.14 30.91 4.62
CA ALA D 340 -9.66 31.84 3.62
C ALA D 340 -8.62 32.76 3.03
N GLU D 341 -7.56 33.00 3.74
CA GLU D 341 -6.47 33.88 3.28
C GLU D 341 -5.84 33.27 2.07
N LEU D 342 -6.11 32.01 1.77
CA LEU D 342 -5.49 31.39 0.56
C LEU D 342 -6.20 31.87 -0.70
N LYS D 343 -7.45 32.30 -0.48
CA LYS D 343 -8.29 32.79 -1.56
C LYS D 343 -7.96 34.21 -2.03
N THR D 344 -7.11 34.92 -1.34
CA THR D 344 -6.68 36.25 -1.68
C THR D 344 -5.44 36.12 -2.54
N PRO D 345 -5.44 36.73 -3.69
CA PRO D 345 -4.29 36.67 -4.61
C PRO D 345 -3.04 36.97 -3.82
N THR D 346 -1.92 36.43 -4.26
CA THR D 346 -0.64 36.63 -3.57
C THR D 346 -0.10 37.99 -3.97
N LEU D 347 -0.38 38.37 -5.20
CA LEU D 347 0.05 39.64 -5.76
C LEU D 347 -1.09 40.63 -5.53
N ASN D 348 -0.69 41.87 -5.34
CA ASN D 348 -1.65 42.97 -5.21
C ASN D 348 -2.13 43.22 -6.64
N PRO D 349 -3.27 43.87 -6.69
CA PRO D 349 -3.89 44.26 -7.96
C PRO D 349 -2.87 45.18 -8.67
N GLY D 350 -2.68 44.73 -9.91
CA GLY D 350 -1.72 45.44 -10.76
C GLY D 350 -0.29 45.14 -10.37
N GLU D 351 0.02 44.43 -9.30
CA GLU D 351 1.45 44.15 -9.01
C GLU D 351 2.00 43.12 -9.97
N GLY D 352 3.21 43.32 -10.42
CA GLY D 352 3.91 42.43 -11.38
C GLY D 352 5.24 42.05 -10.73
N TYR D 353 6.09 41.40 -11.48
CA TYR D 353 7.37 40.98 -10.87
C TYR D 353 8.28 42.13 -10.47
N ALA D 354 8.15 43.18 -11.23
CA ALA D 354 8.89 44.44 -11.08
C ALA D 354 8.63 45.05 -9.72
N GLU D 355 7.35 45.14 -9.39
CA GLU D 355 6.94 45.71 -8.10
C GLU D 355 7.28 44.73 -6.99
N LEU D 356 7.07 43.44 -7.25
CA LEU D 356 7.38 42.42 -6.23
C LEU D 356 8.87 42.49 -5.94
N LEU D 357 9.69 42.58 -6.99
CA LEU D 357 11.16 42.64 -6.76
C LEU D 357 11.64 43.85 -5.94
N ALA D 358 10.80 44.88 -6.04
CA ALA D 358 10.92 46.17 -5.41
C ALA D 358 10.47 46.21 -3.97
N ASP D 359 9.67 45.27 -3.55
CA ASP D 359 9.11 45.19 -2.18
C ASP D 359 10.07 44.47 -1.27
N ARG D 360 10.75 45.26 -0.46
CA ARG D 360 11.75 44.74 0.48
C ARG D 360 11.08 43.96 1.59
N SER D 361 9.80 44.13 1.77
CA SER D 361 9.12 43.38 2.84
C SER D 361 8.86 41.95 2.37
N ALA D 362 9.02 41.63 1.13
CA ALA D 362 8.82 40.30 0.57
C ALA D 362 10.15 39.54 0.62
N PHE D 363 11.22 40.17 1.01
CA PHE D 363 12.47 39.40 1.03
C PHE D 363 13.54 40.02 1.90
N GLU D 364 14.00 41.15 1.41
CA GLU D 364 15.07 41.90 2.09
C GLU D 364 14.79 42.08 3.56
N ASP D 365 13.64 42.57 3.88
CA ASP D 365 13.23 42.83 5.27
C ASP D 365 12.22 41.82 5.81
N TYR D 366 12.20 40.64 5.24
CA TYR D 366 11.28 39.59 5.66
C TYR D 366 11.90 38.82 6.83
N ASP D 367 11.11 38.76 7.89
CA ASP D 367 11.57 37.99 9.07
C ASP D 367 11.01 36.55 9.01
N ALA D 368 11.67 35.71 8.22
CA ALA D 368 11.29 34.33 8.03
C ALA D 368 11.13 33.57 9.34
N ASP D 369 12.09 33.78 10.19
CA ASP D 369 12.23 33.18 11.51
C ASP D 369 11.05 33.51 12.40
N ALA D 370 10.55 34.72 12.40
CA ALA D 370 9.39 35.04 13.26
C ALA D 370 8.08 34.44 12.75
N VAL D 371 7.91 34.49 11.44
CA VAL D 371 6.70 33.92 10.84
C VAL D 371 6.77 32.41 11.03
N GLY D 372 7.93 31.84 10.81
CA GLY D 372 8.13 30.40 10.93
C GLY D 372 7.77 29.85 12.29
N ALA D 373 7.72 30.69 13.31
CA ALA D 373 7.41 30.26 14.67
C ALA D 373 5.94 30.30 15.07
N LYS D 374 5.08 30.90 14.28
CA LYS D 374 3.66 30.97 14.60
C LYS D 374 2.97 29.66 14.23
N GLY D 375 2.12 29.17 15.09
CA GLY D 375 1.39 27.91 14.81
C GLY D 375 0.18 28.25 13.97
N PHE D 376 -0.26 27.29 13.18
CA PHE D 376 -1.42 27.45 12.32
C PHE D 376 -2.65 26.93 13.05
N GLY D 377 -2.57 26.23 14.15
CA GLY D 377 -3.78 25.74 14.81
C GLY D 377 -4.60 24.73 14.03
N PHE D 378 -3.99 23.95 13.17
CA PHE D 378 -4.65 22.94 12.34
C PHE D 378 -5.21 21.79 13.15
N VAL D 379 -4.53 21.35 14.22
CA VAL D 379 -5.00 20.21 15.01
C VAL D 379 -6.30 20.50 15.71
N LYS D 380 -6.35 21.73 16.20
CA LYS D 380 -7.56 22.14 16.91
C LYS D 380 -8.73 22.16 15.96
N LEU D 381 -8.51 22.62 14.73
CA LEU D 381 -9.56 22.71 13.70
C LEU D 381 -10.01 21.30 13.37
N ASN D 382 -9.06 20.39 13.22
CA ASN D 382 -9.37 18.98 12.90
C ASN D 382 -10.20 18.36 14.01
N GLN D 383 -9.87 18.74 15.24
CA GLN D 383 -10.59 18.21 16.42
C GLN D 383 -12.05 18.68 16.39
N LEU D 384 -12.36 19.94 16.07
CA LEU D 384 -13.75 20.43 16.02
C LEU D 384 -14.50 19.71 14.91
N ALA D 385 -13.81 19.49 13.79
CA ALA D 385 -14.40 18.78 12.64
C ALA D 385 -14.90 17.40 13.11
N ILE D 386 -14.02 16.63 13.75
CA ILE D 386 -14.39 15.28 14.20
C ILE D 386 -15.43 15.33 15.31
N GLU D 387 -15.40 16.38 16.12
CA GLU D 387 -16.41 16.48 17.20
C GLU D 387 -17.74 16.69 16.60
N HIS D 388 -17.80 17.37 15.47
CA HIS D 388 -19.10 17.54 14.75
C HIS D 388 -19.59 16.21 14.17
N LEU D 389 -18.69 15.47 13.54
CA LEU D 389 -18.99 14.19 12.92
C LEU D 389 -19.47 13.21 13.97
N LEU D 390 -18.87 13.25 15.15
CA LEU D 390 -19.21 12.38 16.27
C LEU D 390 -20.51 12.78 16.97
N GLY D 391 -21.06 13.93 16.64
CA GLY D 391 -22.26 14.44 17.27
C GLY D 391 -21.97 14.80 18.71
N ALA D 392 -20.77 15.25 19.04
CA ALA D 392 -20.29 15.66 20.33
C ALA D 392 -20.41 17.17 20.55
N ARG D 393 -20.74 17.85 19.48
CA ARG D 393 -20.92 19.27 19.35
C ARG D 393 -22.24 19.42 18.56
C1 SOR E . 8.88 4.94 16.64
C2 SOR E . 8.46 4.20 17.93
C3 SOR E . 9.10 4.78 19.24
C4 SOR E . 8.91 3.72 20.37
C5 SOR E . 9.85 3.86 21.58
C6 SOR E . 9.61 2.89 22.77
O1 SOR E . 8.00 4.67 15.55
O2 SOR E . 7.06 4.26 18.12
O3 SOR E . 8.41 6.00 19.54
O4 SOR E . 7.53 3.51 20.69
O5 SOR E . 11.22 3.96 21.24
O6 SOR E . 8.33 3.26 23.38
MG MG F . 5.57 3.49 19.71
C1 SOR G . 12.41 14.94 -2.42
C2 SOR G . 12.39 15.61 -3.80
C3 SOR G . 13.57 16.61 -4.02
C4 SOR G . 13.38 17.30 -5.40
C5 SOR G . 14.11 18.63 -5.57
C6 SOR G . 14.07 19.19 -7.04
O1 SOR G . 11.34 14.01 -2.32
O2 SOR G . 12.54 14.60 -4.82
O3 SOR G . 14.75 15.79 -3.99
O4 SOR G . 13.46 16.44 -6.53
O5 SOR G . 13.49 19.58 -4.69
O6 SOR G . 15.00 18.38 -7.79
MG MG H . 13.18 14.36 -6.96
C1 SOR I . -5.31 -18.68 -2.89
C2 SOR I . -4.59 -19.70 -1.96
C3 SOR I . -5.02 -21.15 -2.25
C4 SOR I . -4.31 -22.09 -1.25
C5 SOR I . -4.86 -23.52 -1.26
C6 SOR I . -4.05 -24.36 -0.23
O1 SOR I . -5.15 -17.40 -2.29
O2 SOR I . -3.18 -19.55 -2.16
O3 SOR I . -4.68 -21.41 -3.62
O4 SOR I . -2.92 -22.04 -1.45
O5 SOR I . -6.28 -23.51 -1.05
O6 SOR I . -2.82 -24.73 -0.96
MG MG J . -1.31 -20.59 -1.82
C1 SOR K . -15.66 -1.42 -11.60
C2 SOR K . -16.15 -0.02 -12.07
C3 SOR K . -17.50 -0.16 -12.85
C4 SOR K . -17.82 1.20 -13.54
C5 SOR K . -18.90 1.06 -14.64
C6 SOR K . -19.21 2.40 -15.36
O1 SOR K . -14.57 -1.31 -10.71
O2 SOR K . -16.34 0.79 -10.93
O3 SOR K . -18.55 -0.54 -11.93
O4 SOR K . -18.15 2.14 -12.50
O5 SOR K . -18.66 0.01 -15.55
O6 SOR K . -20.22 3.07 -14.51
MG MG L . -17.51 2.79 -10.64
#